data_2OA4
#
_entry.id   2OA4
#
_entity_poly.entity_id   1
_entity_poly.type   'polypeptide(L)'
_entity_poly.pdbx_seq_one_letter_code
;MMFLRKVEGPRSVTLPDGSIMTRADLPPANTRRWVASRKIAVVRGVIYGLITLAEAKQTYGLSDEEFNSWVSALAEHGKD
ALKVTALKKYRQLLEHHHHHH
;
_entity_poly.pdbx_strand_id   A
#
# COMPACT_ATOMS: atom_id res chain seq x y z
N MET A 1 15.84 16.41 -6.43
CA MET A 1 15.54 14.98 -6.66
C MET A 1 14.10 14.82 -7.14
N MET A 2 13.93 14.64 -8.44
CA MET A 2 12.61 14.50 -9.03
C MET A 2 12.27 13.03 -9.28
N PHE A 3 11.00 12.71 -9.19
CA PHE A 3 10.54 11.34 -9.40
C PHE A 3 9.84 11.23 -10.74
N LEU A 4 9.55 9.99 -11.15
CA LEU A 4 8.85 9.75 -12.41
C LEU A 4 7.35 9.98 -12.24
N ARG A 5 6.88 9.79 -11.01
CA ARG A 5 5.49 10.03 -10.68
C ARG A 5 5.31 11.48 -10.23
N LYS A 6 4.68 12.27 -11.08
CA LYS A 6 4.44 13.67 -10.77
C LYS A 6 3.20 13.81 -9.90
N VAL A 7 3.36 13.62 -8.61
CA VAL A 7 2.25 13.70 -7.68
C VAL A 7 2.50 14.74 -6.60
N GLU A 8 1.57 15.66 -6.48
CA GLU A 8 1.57 16.66 -5.44
C GLU A 8 0.21 17.36 -5.43
N GLY A 9 -0.20 17.77 -6.63
CA GLY A 9 -1.51 18.36 -6.81
C GLY A 9 -2.66 17.44 -6.40
N PRO A 10 -2.70 16.18 -6.91
CA PRO A 10 -3.71 15.19 -6.51
C PRO A 10 -3.89 15.12 -4.99
N ARG A 11 -2.76 15.10 -4.28
CA ARG A 11 -2.72 15.11 -2.81
C ARG A 11 -3.16 13.76 -2.21
N SER A 12 -4.07 13.08 -2.89
CA SER A 12 -4.59 11.81 -2.40
C SER A 12 -4.53 10.74 -3.48
N VAL A 13 -4.28 9.50 -3.05
CA VAL A 13 -4.27 8.35 -3.94
C VAL A 13 -5.55 7.56 -3.80
N THR A 14 -5.95 6.88 -4.87
CA THR A 14 -7.10 6.00 -4.78
C THR A 14 -6.63 4.55 -4.72
N LEU A 15 -7.10 3.84 -3.71
CA LEU A 15 -6.82 2.43 -3.58
C LEU A 15 -7.62 1.65 -4.62
N PRO A 16 -7.21 0.41 -4.96
CA PRO A 16 -7.86 -0.38 -6.01
C PRO A 16 -9.38 -0.45 -5.86
N ASP A 17 -9.83 -0.35 -4.63
CA ASP A 17 -11.25 -0.39 -4.32
C ASP A 17 -11.52 0.34 -3.01
N GLY A 18 -10.60 1.23 -2.64
CA GLY A 18 -10.66 1.81 -1.31
C GLY A 18 -10.65 3.32 -1.29
N SER A 19 -11.29 3.92 -2.28
CA SER A 19 -11.48 5.37 -2.30
C SER A 19 -10.13 6.11 -2.26
N ILE A 20 -10.18 7.39 -1.91
CA ILE A 20 -8.98 8.21 -1.85
C ILE A 20 -8.50 8.39 -0.41
N MET A 21 -7.19 8.35 -0.22
CA MET A 21 -6.59 8.65 1.07
C MET A 21 -5.35 9.51 0.85
N THR A 22 -5.05 10.38 1.80
CA THR A 22 -3.95 11.32 1.66
C THR A 22 -2.69 10.82 2.36
N ARG A 23 -1.63 11.61 2.24
CA ARG A 23 -0.35 11.29 2.88
C ARG A 23 -0.35 11.69 4.36
N ALA A 24 -1.48 12.20 4.82
CA ALA A 24 -1.58 12.69 6.19
C ALA A 24 -2.20 11.66 7.13
N ASP A 25 -2.97 10.73 6.57
CA ASP A 25 -3.68 9.74 7.39
C ASP A 25 -2.84 8.46 7.55
N LEU A 26 -1.60 8.53 7.10
CA LEU A 26 -0.69 7.40 7.22
C LEU A 26 -0.22 7.24 8.67
N PRO A 27 -0.44 6.05 9.26
CA PRO A 27 0.09 5.71 10.59
C PRO A 27 1.61 5.78 10.59
N PRO A 28 2.19 6.76 11.30
CA PRO A 28 3.65 7.01 11.31
C PRO A 28 4.40 5.99 12.17
N ALA A 29 4.12 4.70 11.94
CA ALA A 29 4.75 3.59 12.66
C ALA A 29 4.26 3.49 14.10
N ASN A 30 4.21 4.64 14.78
CA ASN A 30 3.74 4.68 16.15
C ASN A 30 2.23 4.47 16.21
N THR A 31 1.47 5.48 15.80
CA THR A 31 0.00 5.43 15.82
C THR A 31 -0.48 5.20 17.26
N ARG A 32 -1.76 4.94 17.46
CA ARG A 32 -2.27 4.60 18.78
C ARG A 32 -2.85 3.19 18.77
N ARG A 33 -4.02 3.05 18.16
CA ARG A 33 -4.65 1.75 18.03
C ARG A 33 -4.68 1.31 16.57
N TRP A 34 -4.08 0.17 16.32
CA TRP A 34 -4.05 -0.41 14.99
C TRP A 34 -5.32 -1.23 14.75
N VAL A 35 -6.32 -0.60 14.16
CA VAL A 35 -7.54 -1.33 13.80
C VAL A 35 -7.41 -1.89 12.39
N ALA A 36 -8.32 -2.78 11.99
CA ALA A 36 -8.27 -3.41 10.67
C ALA A 36 -8.11 -2.37 9.57
N SER A 37 -9.04 -1.43 9.51
CA SER A 37 -8.98 -0.36 8.50
C SER A 37 -7.67 0.40 8.60
N ARG A 38 -7.15 0.56 9.80
CA ARG A 38 -5.92 1.30 10.03
C ARG A 38 -4.73 0.54 9.44
N LYS A 39 -4.70 -0.77 9.67
CA LYS A 39 -3.63 -1.64 9.19
C LYS A 39 -3.67 -1.74 7.67
N ILE A 40 -4.86 -2.07 7.16
CA ILE A 40 -5.07 -2.20 5.72
C ILE A 40 -4.72 -0.91 4.99
N ALA A 41 -4.99 0.22 5.64
CA ALA A 41 -4.67 1.52 5.08
C ALA A 41 -3.16 1.71 4.92
N VAL A 42 -2.37 1.09 5.80
CA VAL A 42 -0.93 1.21 5.72
C VAL A 42 -0.42 0.51 4.47
N VAL A 43 -0.69 -0.79 4.37
CA VAL A 43 -0.21 -1.59 3.24
C VAL A 43 -0.70 -1.04 1.90
N ARG A 44 -1.97 -0.68 1.84
CA ARG A 44 -2.52 -0.12 0.60
C ARG A 44 -1.95 1.27 0.34
N GLY A 45 -1.75 2.04 1.40
CA GLY A 45 -1.25 3.39 1.26
C GLY A 45 0.19 3.44 0.81
N VAL A 46 1.05 2.70 1.50
CA VAL A 46 2.48 2.74 1.19
C VAL A 46 2.79 2.09 -0.16
N ILE A 47 2.26 0.88 -0.37
CA ILE A 47 2.61 0.08 -1.54
C ILE A 47 1.98 0.63 -2.81
N TYR A 48 0.70 0.99 -2.74
CA TYR A 48 -0.05 1.39 -3.92
C TYR A 48 0.04 2.89 -4.13
N GLY A 49 0.25 3.63 -3.04
CA GLY A 49 0.20 5.07 -3.11
C GLY A 49 1.55 5.74 -3.16
N LEU A 50 2.43 5.43 -2.21
CA LEU A 50 3.61 6.25 -2.00
C LEU A 50 4.91 5.62 -2.51
N ILE A 51 5.44 4.65 -1.77
CA ILE A 51 6.81 4.21 -1.99
C ILE A 51 6.93 2.70 -2.08
N THR A 52 8.16 2.21 -2.12
CA THR A 52 8.43 0.80 -2.19
C THR A 52 8.47 0.20 -0.79
N LEU A 53 8.53 -1.12 -0.72
CA LEU A 53 8.53 -1.81 0.57
C LEU A 53 9.86 -1.63 1.29
N ALA A 54 10.86 -1.13 0.59
CA ALA A 54 12.14 -0.81 1.20
C ALA A 54 11.95 0.31 2.22
N GLU A 55 11.34 1.40 1.78
CA GLU A 55 11.06 2.53 2.64
C GLU A 55 9.91 2.21 3.60
N ALA A 56 8.91 1.52 3.08
CA ALA A 56 7.74 1.14 3.87
C ALA A 56 8.10 0.16 4.98
N LYS A 57 9.24 -0.50 4.86
CA LYS A 57 9.69 -1.40 5.90
C LYS A 57 10.54 -0.66 6.93
N GLN A 58 11.37 0.27 6.45
CA GLN A 58 12.22 1.04 7.33
C GLN A 58 11.40 2.06 8.13
N THR A 59 10.38 2.61 7.51
CA THR A 59 9.50 3.55 8.18
C THR A 59 8.30 2.83 8.81
N TYR A 60 7.53 2.12 7.98
CA TYR A 60 6.26 1.56 8.44
C TYR A 60 6.36 0.05 8.65
N GLY A 61 7.59 -0.47 8.71
CA GLY A 61 7.79 -1.91 8.73
C GLY A 61 7.42 -2.56 10.04
N LEU A 62 7.37 -1.76 11.12
CA LEU A 62 7.04 -2.23 12.47
C LEU A 62 7.61 -3.61 12.75
N SER A 63 6.77 -4.64 12.71
CA SER A 63 7.23 -6.00 12.77
C SER A 63 6.96 -6.68 11.42
N ASP A 64 7.95 -7.39 10.90
CA ASP A 64 7.86 -7.95 9.55
C ASP A 64 6.68 -8.92 9.43
N GLU A 65 6.48 -9.73 10.46
CA GLU A 65 5.38 -10.69 10.46
C GLU A 65 4.05 -9.94 10.59
N GLU A 66 4.09 -8.84 11.33
CA GLU A 66 2.91 -7.99 11.52
C GLU A 66 2.46 -7.43 10.17
N PHE A 67 3.42 -6.90 9.43
CA PHE A 67 3.16 -6.35 8.11
C PHE A 67 2.61 -7.42 7.18
N ASN A 68 3.19 -8.62 7.28
CA ASN A 68 2.74 -9.77 6.49
C ASN A 68 1.30 -10.13 6.81
N SER A 69 0.95 -10.04 8.09
CA SER A 69 -0.40 -10.40 8.53
C SER A 69 -1.46 -9.48 7.93
N TRP A 70 -1.07 -8.24 7.62
CA TRP A 70 -1.98 -7.30 6.98
C TRP A 70 -2.23 -7.74 5.55
N VAL A 71 -1.14 -8.06 4.85
CA VAL A 71 -1.23 -8.52 3.47
C VAL A 71 -1.97 -9.84 3.38
N SER A 72 -1.73 -10.71 4.35
CA SER A 72 -2.39 -12.01 4.40
C SER A 72 -3.90 -11.85 4.52
N ALA A 73 -4.33 -10.83 5.27
CA ALA A 73 -5.74 -10.56 5.44
C ALA A 73 -6.35 -10.02 4.15
N LEU A 74 -5.53 -9.32 3.39
CA LEU A 74 -5.93 -8.76 2.12
C LEU A 74 -5.82 -9.78 0.99
N ALA A 75 -5.18 -10.89 1.28
CA ALA A 75 -4.96 -11.92 0.28
C ALA A 75 -6.21 -12.74 0.05
N GLU A 76 -6.73 -13.33 1.14
CA GLU A 76 -7.91 -14.21 1.10
C GLU A 76 -7.59 -15.51 0.36
N HIS A 77 -7.24 -15.38 -0.92
CA HIS A 77 -6.89 -16.51 -1.75
C HIS A 77 -5.37 -16.62 -1.89
N GLY A 78 -4.81 -17.67 -1.31
CA GLY A 78 -3.37 -17.80 -1.28
C GLY A 78 -2.89 -19.06 -1.96
N LYS A 79 -3.29 -19.27 -3.21
CA LYS A 79 -2.80 -20.40 -3.98
C LYS A 79 -1.53 -20.02 -4.70
N ASP A 80 -1.57 -18.88 -5.36
CA ASP A 80 -0.44 -18.36 -6.11
C ASP A 80 0.46 -17.54 -5.19
N ALA A 81 -0.19 -16.84 -4.26
CA ALA A 81 0.50 -15.93 -3.31
C ALA A 81 1.06 -14.69 -4.01
N LEU A 82 1.10 -14.74 -5.33
CA LEU A 82 1.54 -13.61 -6.13
C LEU A 82 0.34 -12.93 -6.78
N LYS A 83 -0.81 -13.58 -6.67
CA LYS A 83 -2.04 -13.07 -7.28
C LYS A 83 -2.75 -12.11 -6.32
N VAL A 84 -2.08 -11.79 -5.22
CA VAL A 84 -2.60 -10.82 -4.26
C VAL A 84 -2.56 -9.43 -4.87
N THR A 85 -3.71 -8.76 -4.93
CA THR A 85 -3.87 -7.51 -5.68
C THR A 85 -2.73 -6.51 -5.47
N ALA A 86 -2.44 -6.18 -4.21
CA ALA A 86 -1.42 -5.17 -3.89
C ALA A 86 -0.02 -5.64 -4.27
N LEU A 87 0.19 -6.95 -4.22
CA LEU A 87 1.52 -7.51 -4.39
C LEU A 87 1.76 -7.78 -5.87
N LYS A 88 0.72 -8.27 -6.53
CA LYS A 88 0.77 -8.55 -7.95
C LYS A 88 1.06 -7.28 -8.72
N LYS A 89 0.48 -6.17 -8.27
CA LYS A 89 0.70 -4.89 -8.93
C LYS A 89 2.11 -4.38 -8.64
N TYR A 90 2.54 -4.53 -7.39
CA TYR A 90 3.89 -4.10 -7.00
C TYR A 90 4.96 -4.99 -7.62
N ARG A 91 4.55 -6.15 -8.14
CA ARG A 91 5.49 -7.05 -8.76
C ARG A 91 5.46 -6.93 -10.27
N GLN A 92 4.26 -6.86 -10.85
CA GLN A 92 4.09 -6.81 -12.30
C GLN A 92 4.55 -5.47 -12.85
N LEU A 93 4.29 -4.40 -12.09
CA LEU A 93 4.58 -3.04 -12.55
C LEU A 93 6.07 -2.85 -12.87
N LEU A 94 6.92 -3.62 -12.22
CA LEU A 94 8.36 -3.52 -12.42
C LEU A 94 8.76 -4.04 -13.80
N GLU A 95 7.94 -4.89 -14.38
CA GLU A 95 8.19 -5.42 -15.72
C GLU A 95 7.36 -4.67 -16.75
N HIS A 96 7.91 -3.56 -17.24
CA HIS A 96 7.21 -2.67 -18.18
C HIS A 96 6.05 -1.95 -17.50
N HIS A 97 6.26 -0.68 -17.17
CA HIS A 97 5.23 0.11 -16.52
C HIS A 97 4.05 0.28 -17.46
N HIS A 98 4.27 1.02 -18.53
CA HIS A 98 3.28 1.22 -19.59
C HIS A 98 4.00 1.72 -20.84
N HIS A 99 3.26 2.33 -21.75
CA HIS A 99 3.86 3.00 -22.88
C HIS A 99 2.94 4.09 -23.40
N HIS A 100 3.33 5.33 -23.15
CA HIS A 100 2.53 6.49 -23.51
C HIS A 100 2.57 6.73 -25.01
N HIS A 101 1.40 6.77 -25.63
CA HIS A 101 1.26 7.03 -27.05
C HIS A 101 0.14 8.02 -27.29
N MET A 1 -18.57 22.46 -3.44
CA MET A 1 -17.31 22.43 -2.67
C MET A 1 -16.39 23.55 -3.13
N MET A 2 -15.97 24.39 -2.19
CA MET A 2 -15.11 25.52 -2.51
C MET A 2 -13.65 25.09 -2.44
N PHE A 3 -12.83 25.67 -3.31
CA PHE A 3 -11.43 25.28 -3.40
C PHE A 3 -10.50 26.39 -2.90
N LEU A 4 -11.01 27.21 -1.99
CA LEU A 4 -10.19 28.20 -1.31
C LEU A 4 -9.43 27.51 -0.17
N ARG A 5 -8.50 26.65 -0.56
CA ARG A 5 -7.80 25.76 0.35
C ARG A 5 -6.69 25.05 -0.41
N LYS A 6 -5.60 24.69 0.26
CA LYS A 6 -4.47 24.08 -0.45
C LYS A 6 -4.77 22.63 -0.82
N VAL A 7 -5.33 22.45 -2.01
CA VAL A 7 -5.62 21.11 -2.52
C VAL A 7 -4.68 20.81 -3.68
N GLU A 8 -3.55 21.50 -3.69
CA GLU A 8 -2.55 21.34 -4.73
C GLU A 8 -1.64 20.17 -4.40
N GLY A 9 -2.01 18.98 -4.88
CA GLY A 9 -1.24 17.78 -4.60
C GLY A 9 -1.10 17.51 -3.11
N PRO A 10 -2.21 17.22 -2.41
CA PRO A 10 -2.20 17.00 -0.96
C PRO A 10 -1.77 15.58 -0.59
N ARG A 11 -1.33 14.81 -1.58
CA ARG A 11 -0.90 13.42 -1.37
C ARG A 11 -2.09 12.54 -1.01
N SER A 12 -3.21 12.84 -1.64
CA SER A 12 -4.40 12.00 -1.55
C SER A 12 -4.40 11.01 -2.71
N VAL A 13 -4.17 9.74 -2.40
CA VAL A 13 -4.02 8.73 -3.44
C VAL A 13 -5.34 8.04 -3.75
N THR A 14 -5.50 7.64 -5.01
CA THR A 14 -6.68 6.94 -5.43
C THR A 14 -6.43 5.44 -5.47
N LEU A 15 -7.13 4.71 -4.63
CA LEU A 15 -6.97 3.27 -4.54
C LEU A 15 -7.80 2.57 -5.63
N PRO A 16 -7.48 1.31 -5.94
CA PRO A 16 -8.14 0.57 -7.03
C PRO A 16 -9.58 0.22 -6.72
N ASP A 17 -10.02 0.55 -5.51
CA ASP A 17 -11.39 0.30 -5.09
C ASP A 17 -12.19 1.59 -5.08
N GLY A 18 -11.55 2.68 -5.46
CA GLY A 18 -12.25 3.95 -5.57
C GLY A 18 -11.98 4.88 -4.41
N SER A 19 -11.35 4.37 -3.37
CA SER A 19 -11.08 5.16 -2.18
C SER A 19 -9.94 6.15 -2.41
N ILE A 20 -10.19 7.41 -2.08
CA ILE A 20 -9.13 8.41 -2.09
C ILE A 20 -8.65 8.67 -0.68
N MET A 21 -7.47 8.17 -0.37
CA MET A 21 -6.95 8.23 0.98
C MET A 21 -5.70 9.11 1.02
N THR A 22 -5.70 10.06 1.92
CA THR A 22 -4.57 10.97 2.07
C THR A 22 -3.60 10.42 3.12
N ARG A 23 -2.40 11.01 3.21
CA ARG A 23 -1.41 10.59 4.19
C ARG A 23 -1.90 10.86 5.62
N ALA A 24 -3.05 11.53 5.74
CA ALA A 24 -3.66 11.76 7.03
C ALA A 24 -4.15 10.45 7.65
N ASP A 25 -4.33 9.44 6.79
CA ASP A 25 -4.72 8.11 7.24
C ASP A 25 -3.51 7.19 7.32
N LEU A 26 -2.37 7.71 6.88
CA LEU A 26 -1.11 6.96 6.92
C LEU A 26 -0.46 7.12 8.29
N PRO A 27 -0.36 6.01 9.03
CA PRO A 27 0.28 5.99 10.35
C PRO A 27 1.78 6.21 10.25
N PRO A 28 2.28 7.36 10.72
CA PRO A 28 3.71 7.69 10.67
C PRO A 28 4.52 6.70 11.51
N ALA A 29 4.05 6.45 12.71
CA ALA A 29 4.64 5.47 13.62
C ALA A 29 3.73 5.28 14.81
N ASN A 30 3.24 6.38 15.35
CA ASN A 30 2.33 6.35 16.48
C ASN A 30 0.99 6.93 16.10
N THR A 31 0.18 6.11 15.44
CA THR A 31 -1.17 6.48 15.08
C THR A 31 -2.11 6.24 16.27
N ARG A 32 -3.38 6.56 16.10
CA ARG A 32 -4.35 6.36 17.18
C ARG A 32 -4.83 4.92 17.22
N ARG A 33 -3.97 4.05 17.74
CA ARG A 33 -4.23 2.62 17.87
C ARG A 33 -4.26 1.92 16.52
N TRP A 34 -3.60 0.77 16.45
CA TRP A 34 -3.53 -0.01 15.23
C TRP A 34 -4.77 -0.86 15.07
N VAL A 35 -5.86 -0.24 14.63
CA VAL A 35 -7.09 -0.96 14.36
C VAL A 35 -7.05 -1.54 12.95
N ALA A 36 -8.10 -2.28 12.59
CA ALA A 36 -8.17 -2.94 11.28
C ALA A 36 -8.02 -1.93 10.15
N SER A 37 -8.75 -0.82 10.25
CA SER A 37 -8.71 0.22 9.24
C SER A 37 -7.32 0.82 9.10
N ARG A 38 -6.55 0.84 10.19
CA ARG A 38 -5.21 1.40 10.17
C ARG A 38 -4.23 0.46 9.48
N LYS A 39 -4.31 -0.83 9.81
CA LYS A 39 -3.44 -1.83 9.22
C LYS A 39 -3.55 -1.83 7.69
N ILE A 40 -4.76 -1.97 7.19
CA ILE A 40 -5.00 -2.01 5.76
C ILE A 40 -4.67 -0.66 5.12
N ALA A 41 -4.83 0.41 5.90
CA ALA A 41 -4.50 1.75 5.42
C ALA A 41 -3.00 1.86 5.13
N VAL A 42 -2.17 1.26 5.97
CA VAL A 42 -0.73 1.31 5.77
C VAL A 42 -0.36 0.64 4.46
N VAL A 43 -0.73 -0.64 4.33
CA VAL A 43 -0.36 -1.41 3.13
C VAL A 43 -0.93 -0.79 1.85
N ARG A 44 -2.16 -0.29 1.92
CA ARG A 44 -2.76 0.41 0.77
C ARG A 44 -1.98 1.67 0.45
N GLY A 45 -1.78 2.50 1.47
CA GLY A 45 -1.13 3.78 1.28
C GLY A 45 0.28 3.65 0.74
N VAL A 46 1.10 2.83 1.37
CA VAL A 46 2.49 2.67 0.95
C VAL A 46 2.59 2.03 -0.42
N ILE A 47 2.16 0.78 -0.54
CA ILE A 47 2.41 -0.03 -1.72
C ILE A 47 1.78 0.56 -2.97
N TYR A 48 0.55 1.03 -2.85
CA TYR A 48 -0.18 1.49 -4.01
C TYR A 48 0.08 2.96 -4.30
N GLY A 49 0.15 3.76 -3.25
CA GLY A 49 0.19 5.19 -3.43
C GLY A 49 1.58 5.80 -3.30
N LEU A 50 2.26 5.51 -2.19
CA LEU A 50 3.44 6.28 -1.83
C LEU A 50 4.73 5.63 -2.30
N ILE A 51 5.17 4.56 -1.64
CA ILE A 51 6.50 4.01 -1.87
C ILE A 51 6.52 2.48 -1.86
N THR A 52 7.64 1.91 -2.29
CA THR A 52 7.80 0.47 -2.32
C THR A 52 7.94 -0.10 -0.91
N LEU A 53 7.88 -1.41 -0.82
CA LEU A 53 7.99 -2.10 0.45
C LEU A 53 9.34 -1.84 1.10
N ALA A 54 10.35 -1.58 0.29
CA ALA A 54 11.67 -1.25 0.81
C ALA A 54 11.59 -0.04 1.73
N GLU A 55 10.90 1.00 1.27
CA GLU A 55 10.75 2.23 2.04
C GLU A 55 9.79 2.00 3.21
N ALA A 56 8.68 1.32 2.91
CA ALA A 56 7.71 0.95 3.93
C ALA A 56 8.36 0.16 5.05
N LYS A 57 9.13 -0.87 4.70
CA LYS A 57 9.79 -1.69 5.71
C LYS A 57 10.65 -0.84 6.65
N GLN A 58 11.44 0.06 6.05
CA GLN A 58 12.35 0.92 6.82
C GLN A 58 11.60 1.83 7.80
N THR A 59 10.48 2.40 7.35
CA THR A 59 9.75 3.36 8.16
C THR A 59 8.54 2.74 8.85
N TYR A 60 7.70 2.10 8.07
CA TYR A 60 6.43 1.58 8.54
C TYR A 60 6.48 0.06 8.70
N GLY A 61 7.70 -0.50 8.70
CA GLY A 61 7.85 -1.93 8.75
C GLY A 61 7.52 -2.53 10.10
N LEU A 62 7.61 -1.69 11.14
CA LEU A 62 7.32 -2.09 12.54
C LEU A 62 7.94 -3.45 12.86
N SER A 63 7.14 -4.49 12.77
CA SER A 63 7.65 -5.85 12.77
C SER A 63 7.29 -6.45 11.43
N ASP A 64 8.28 -6.99 10.74
CA ASP A 64 8.10 -7.50 9.38
C ASP A 64 6.91 -8.47 9.33
N GLU A 65 6.80 -9.31 10.35
CA GLU A 65 5.70 -10.29 10.44
C GLU A 65 4.36 -9.58 10.60
N GLU A 66 4.36 -8.47 11.34
CA GLU A 66 3.16 -7.65 11.51
C GLU A 66 2.70 -7.13 10.16
N PHE A 67 3.63 -6.52 9.43
CA PHE A 67 3.34 -5.94 8.13
C PHE A 67 2.89 -7.03 7.14
N ASN A 68 3.63 -8.14 7.13
CA ASN A 68 3.32 -9.29 6.27
C ASN A 68 1.91 -9.80 6.55
N SER A 69 1.53 -9.76 7.82
CA SER A 69 0.24 -10.28 8.24
C SER A 69 -0.90 -9.49 7.59
N TRP A 70 -0.72 -8.18 7.42
CA TRP A 70 -1.75 -7.34 6.83
C TRP A 70 -1.97 -7.73 5.38
N VAL A 71 -0.86 -7.88 4.66
CA VAL A 71 -0.93 -8.27 3.26
C VAL A 71 -1.46 -9.70 3.14
N SER A 72 -1.00 -10.57 4.02
CA SER A 72 -1.42 -11.97 4.02
C SER A 72 -2.91 -12.11 4.28
N ALA A 73 -3.46 -11.24 5.12
CA ALA A 73 -4.88 -11.25 5.41
C ALA A 73 -5.68 -10.77 4.21
N LEU A 74 -5.10 -9.83 3.48
CA LEU A 74 -5.71 -9.30 2.27
C LEU A 74 -5.54 -10.27 1.11
N ALA A 75 -4.49 -11.07 1.17
CA ALA A 75 -4.14 -12.00 0.11
C ALA A 75 -4.86 -13.32 0.24
N GLU A 76 -5.81 -13.39 1.16
CA GLU A 76 -6.56 -14.61 1.42
C GLU A 76 -5.59 -15.70 1.88
N HIS A 77 -4.91 -15.39 2.98
CA HIS A 77 -3.95 -16.28 3.67
C HIS A 77 -2.81 -16.73 2.75
N GLY A 78 -2.64 -16.03 1.63
CA GLY A 78 -1.54 -16.33 0.73
C GLY A 78 -1.97 -17.17 -0.45
N LYS A 79 -3.28 -17.33 -0.61
CA LYS A 79 -3.83 -18.10 -1.72
C LYS A 79 -4.13 -17.18 -2.91
N ASP A 80 -4.77 -16.05 -2.62
CA ASP A 80 -5.24 -15.16 -3.68
C ASP A 80 -4.29 -13.97 -3.82
N ALA A 81 -3.04 -14.18 -3.42
CA ALA A 81 -2.01 -13.15 -3.53
C ALA A 81 -1.72 -12.83 -4.99
N LEU A 82 -2.30 -13.62 -5.88
CA LEU A 82 -2.11 -13.43 -7.31
C LEU A 82 -3.28 -12.67 -7.92
N LYS A 83 -4.23 -12.31 -7.08
CA LYS A 83 -5.40 -11.59 -7.53
C LYS A 83 -5.41 -10.19 -6.93
N VAL A 84 -4.92 -10.07 -5.70
CA VAL A 84 -4.85 -8.79 -5.02
C VAL A 84 -4.00 -7.80 -5.81
N THR A 85 -4.62 -6.74 -6.31
CA THR A 85 -3.96 -5.78 -7.19
C THR A 85 -2.69 -5.19 -6.56
N ALA A 86 -2.76 -4.83 -5.28
CA ALA A 86 -1.62 -4.25 -4.59
C ALA A 86 -0.40 -5.20 -4.60
N LEU A 87 -0.67 -6.48 -4.44
CA LEU A 87 0.40 -7.46 -4.30
C LEU A 87 0.82 -7.92 -5.69
N LYS A 88 -0.17 -8.13 -6.55
CA LYS A 88 0.08 -8.50 -7.94
C LYS A 88 0.92 -7.44 -8.62
N LYS A 89 0.68 -6.19 -8.27
CA LYS A 89 1.46 -5.08 -8.81
C LYS A 89 2.89 -5.20 -8.36
N TYR A 90 3.08 -5.34 -7.05
CA TYR A 90 4.41 -5.45 -6.48
C TYR A 90 5.17 -6.63 -7.08
N ARG A 91 4.50 -7.77 -7.18
CA ARG A 91 5.14 -8.98 -7.68
C ARG A 91 5.50 -8.85 -9.16
N GLN A 92 4.61 -8.27 -9.94
CA GLN A 92 4.85 -8.10 -11.37
C GLN A 92 5.80 -6.92 -11.61
N LEU A 93 5.77 -5.96 -10.70
CA LEU A 93 6.65 -4.80 -10.79
C LEU A 93 8.11 -5.22 -10.68
N LEU A 94 8.38 -6.24 -9.88
CA LEU A 94 9.73 -6.80 -9.78
C LEU A 94 9.93 -7.91 -10.82
N GLU A 95 8.81 -8.47 -11.29
CA GLU A 95 8.80 -9.55 -12.28
C GLU A 95 9.23 -10.88 -11.64
N HIS A 96 8.76 -11.99 -12.20
CA HIS A 96 9.04 -13.32 -11.66
C HIS A 96 10.46 -13.74 -11.97
N HIS A 97 10.95 -13.31 -13.12
CA HIS A 97 12.29 -13.65 -13.55
C HIS A 97 13.20 -12.44 -13.36
N HIS A 98 13.87 -12.37 -12.23
CA HIS A 98 14.61 -11.17 -11.86
C HIS A 98 16.10 -11.31 -12.21
N HIS A 99 16.60 -12.54 -12.20
CA HIS A 99 18.03 -12.76 -12.51
C HIS A 99 18.27 -14.08 -13.22
N HIS A 100 17.23 -14.68 -13.79
CA HIS A 100 17.40 -15.94 -14.49
C HIS A 100 16.24 -16.22 -15.43
N HIS A 101 16.53 -16.95 -16.50
CA HIS A 101 15.50 -17.45 -17.38
C HIS A 101 14.68 -18.50 -16.64
N MET A 1 -17.22 15.97 -11.15
CA MET A 1 -15.78 16.30 -11.22
C MET A 1 -14.93 15.05 -11.02
N MET A 2 -14.05 14.79 -11.97
CA MET A 2 -13.15 13.64 -11.88
C MET A 2 -11.89 13.90 -12.70
N PHE A 3 -10.76 13.98 -12.02
CA PHE A 3 -9.48 14.21 -12.68
C PHE A 3 -8.79 12.88 -12.97
N LEU A 4 -9.12 12.29 -14.11
CA LEU A 4 -8.57 11.00 -14.50
C LEU A 4 -7.56 11.18 -15.62
N ARG A 5 -7.95 11.92 -16.65
CA ARG A 5 -7.10 12.14 -17.82
C ARG A 5 -6.10 13.26 -17.55
N LYS A 6 -6.17 13.81 -16.35
CA LYS A 6 -5.26 14.85 -15.91
C LYS A 6 -5.32 14.95 -14.39
N VAL A 7 -4.31 14.44 -13.72
CA VAL A 7 -4.31 14.39 -12.27
C VAL A 7 -3.15 15.23 -11.71
N GLU A 8 -2.91 16.35 -12.38
CA GLU A 8 -1.80 17.24 -12.03
C GLU A 8 -2.18 18.16 -10.88
N GLY A 9 -3.37 17.95 -10.32
CA GLY A 9 -3.85 18.80 -9.24
C GLY A 9 -3.85 18.11 -7.89
N PRO A 10 -4.62 17.02 -7.72
CA PRO A 10 -4.76 16.33 -6.45
C PRO A 10 -3.52 15.50 -6.09
N ARG A 11 -3.06 15.64 -4.86
CA ARG A 11 -1.98 14.80 -4.34
C ARG A 11 -2.55 13.73 -3.41
N SER A 12 -3.13 12.70 -4.00
CA SER A 12 -3.71 11.60 -3.23
C SER A 12 -3.90 10.38 -4.12
N VAL A 13 -3.97 9.21 -3.49
CA VAL A 13 -4.18 7.96 -4.21
C VAL A 13 -5.53 7.37 -3.86
N THR A 14 -6.39 7.24 -4.85
CA THR A 14 -7.68 6.61 -4.63
C THR A 14 -7.53 5.10 -4.56
N LEU A 15 -7.83 4.55 -3.39
CA LEU A 15 -7.84 3.11 -3.22
C LEU A 15 -8.96 2.53 -4.06
N PRO A 16 -8.85 1.25 -4.46
CA PRO A 16 -9.85 0.59 -5.33
C PRO A 16 -11.28 0.82 -4.85
N ASP A 17 -11.45 0.98 -3.54
CA ASP A 17 -12.74 1.25 -2.95
C ASP A 17 -12.62 2.23 -1.80
N GLY A 18 -11.45 2.85 -1.66
CA GLY A 18 -11.14 3.54 -0.44
C GLY A 18 -10.96 5.04 -0.60
N SER A 19 -11.55 5.60 -1.65
CA SER A 19 -11.55 7.04 -1.84
C SER A 19 -10.13 7.58 -2.02
N ILE A 20 -10.01 8.90 -2.05
CA ILE A 20 -8.72 9.55 -2.18
C ILE A 20 -7.96 9.52 -0.85
N MET A 21 -6.95 8.67 -0.77
CA MET A 21 -6.14 8.57 0.42
C MET A 21 -4.90 9.43 0.28
N THR A 22 -4.71 10.33 1.22
CA THR A 22 -3.57 11.22 1.19
C THR A 22 -2.52 10.72 2.18
N ARG A 23 -1.27 11.15 2.03
CA ARG A 23 -0.21 10.69 2.91
C ARG A 23 -0.36 11.31 4.30
N ALA A 24 -1.31 12.21 4.44
CA ALA A 24 -1.65 12.79 5.73
C ALA A 24 -2.55 11.84 6.52
N ASP A 25 -3.09 10.85 5.81
CA ASP A 25 -3.93 9.82 6.42
C ASP A 25 -3.07 8.67 6.93
N LEU A 26 -1.77 8.79 6.72
CA LEU A 26 -0.84 7.72 7.07
C LEU A 26 -0.48 7.73 8.55
N PRO A 27 -0.62 6.57 9.21
CA PRO A 27 -0.15 6.35 10.58
C PRO A 27 1.29 6.81 10.79
N PRO A 28 1.52 7.69 11.78
CA PRO A 28 2.84 8.28 12.06
C PRO A 28 3.80 7.31 12.74
N ALA A 29 3.79 6.05 12.30
CA ALA A 29 4.62 4.98 12.89
C ALA A 29 4.11 4.62 14.28
N ASN A 30 4.12 5.58 15.20
CA ASN A 30 3.65 5.35 16.56
C ASN A 30 2.19 5.75 16.68
N THR A 31 1.41 5.29 15.72
CA THR A 31 -0.03 5.52 15.69
C THR A 31 -0.68 5.15 17.02
N ARG A 32 -1.51 6.03 17.56
CA ARG A 32 -2.18 5.75 18.82
C ARG A 32 -3.44 4.93 18.59
N ARG A 33 -3.86 4.82 17.34
CA ARG A 33 -5.01 4.01 16.98
C ARG A 33 -4.64 3.00 15.91
N TRP A 34 -4.12 1.85 16.31
CA TRP A 34 -3.82 0.79 15.37
C TRP A 34 -5.03 -0.12 15.20
N VAL A 35 -6.08 0.42 14.61
CA VAL A 35 -7.26 -0.38 14.29
C VAL A 35 -7.00 -1.15 13.01
N ALA A 36 -7.76 -2.24 12.81
CA ALA A 36 -7.56 -3.10 11.65
C ALA A 36 -7.65 -2.31 10.35
N SER A 37 -8.69 -1.50 10.23
CA SER A 37 -8.91 -0.69 9.04
C SER A 37 -7.73 0.25 8.78
N ARG A 38 -7.03 0.65 9.83
CA ARG A 38 -5.94 1.60 9.70
C ARG A 38 -4.66 0.93 9.24
N LYS A 39 -4.32 -0.22 9.83
CA LYS A 39 -3.14 -0.94 9.37
C LYS A 39 -3.36 -1.52 7.97
N ILE A 40 -4.59 -1.90 7.67
CA ILE A 40 -4.96 -2.29 6.31
C ILE A 40 -4.78 -1.11 5.35
N ALA A 41 -5.07 0.09 5.84
CA ALA A 41 -4.90 1.30 5.05
C ALA A 41 -3.42 1.58 4.81
N VAL A 42 -2.57 1.17 5.76
CA VAL A 42 -1.13 1.37 5.62
C VAL A 42 -0.61 0.61 4.41
N VAL A 43 -0.90 -0.69 4.36
CA VAL A 43 -0.48 -1.52 3.22
C VAL A 43 -1.07 -1.01 1.92
N ARG A 44 -2.35 -0.61 1.95
CA ARG A 44 -3.01 -0.06 0.77
C ARG A 44 -2.32 1.23 0.33
N GLY A 45 -2.07 2.12 1.30
CA GLY A 45 -1.50 3.41 1.00
C GLY A 45 -0.08 3.33 0.48
N VAL A 46 0.72 2.42 1.02
CA VAL A 46 2.11 2.30 0.59
C VAL A 46 2.21 1.55 -0.74
N ILE A 47 1.73 0.30 -0.76
CA ILE A 47 1.92 -0.59 -1.90
C ILE A 47 1.19 -0.10 -3.14
N TYR A 48 -0.07 0.28 -2.97
CA TYR A 48 -0.89 0.72 -4.09
C TYR A 48 -0.67 2.19 -4.36
N GLY A 49 -0.25 2.91 -3.34
CA GLY A 49 -0.22 4.34 -3.42
C GLY A 49 1.15 4.95 -3.69
N LEU A 50 2.01 4.96 -2.67
CA LEU A 50 3.17 5.83 -2.68
C LEU A 50 4.49 5.11 -2.92
N ILE A 51 5.00 4.44 -1.89
CA ILE A 51 6.38 3.97 -1.92
C ILE A 51 6.48 2.45 -1.77
N THR A 52 7.69 1.95 -1.91
CA THR A 52 7.93 0.52 -1.84
C THR A 52 7.98 0.04 -0.39
N LEU A 53 8.02 -1.28 -0.23
CA LEU A 53 8.05 -1.89 1.10
C LEU A 53 9.33 -1.53 1.85
N ALA A 54 10.40 -1.24 1.10
CA ALA A 54 11.68 -0.88 1.71
C ALA A 54 11.54 0.32 2.64
N GLU A 55 10.97 1.40 2.10
CA GLU A 55 10.80 2.62 2.87
C GLU A 55 9.82 2.37 4.03
N ALA A 56 8.74 1.67 3.71
CA ALA A 56 7.70 1.37 4.70
C ALA A 56 8.19 0.36 5.73
N LYS A 57 9.35 -0.24 5.51
CA LYS A 57 9.91 -1.17 6.47
C LYS A 57 10.88 -0.45 7.40
N GLN A 58 11.74 0.38 6.83
CA GLN A 58 12.69 1.14 7.63
C GLN A 58 11.97 2.16 8.50
N THR A 59 10.84 2.66 8.03
CA THR A 59 10.07 3.62 8.79
C THR A 59 8.88 2.96 9.51
N TYR A 60 8.03 2.26 8.76
CA TYR A 60 6.79 1.72 9.32
C TYR A 60 6.87 0.21 9.53
N GLY A 61 8.09 -0.32 9.53
CA GLY A 61 8.28 -1.76 9.51
C GLY A 61 7.58 -2.53 10.61
N LEU A 62 7.38 -1.90 11.76
CA LEU A 62 6.78 -2.54 12.95
C LEU A 62 7.52 -3.83 13.29
N SER A 63 7.03 -4.92 12.72
CA SER A 63 7.70 -6.20 12.75
C SER A 63 7.33 -6.93 11.45
N ASP A 64 8.27 -7.68 10.91
CA ASP A 64 8.06 -8.35 9.63
C ASP A 64 6.80 -9.20 9.64
N GLU A 65 6.63 -10.02 10.68
CA GLU A 65 5.47 -10.90 10.79
C GLU A 65 4.18 -10.09 10.87
N GLU A 66 4.22 -8.94 11.55
CA GLU A 66 3.07 -8.05 11.64
C GLU A 66 2.64 -7.63 10.23
N PHE A 67 3.58 -7.10 9.48
CA PHE A 67 3.30 -6.60 8.13
C PHE A 67 2.84 -7.75 7.23
N ASN A 68 3.45 -8.92 7.40
CA ASN A 68 3.07 -10.11 6.63
C ASN A 68 1.60 -10.44 6.85
N SER A 69 1.15 -10.31 8.09
CA SER A 69 -0.21 -10.64 8.46
C SER A 69 -1.21 -9.75 7.71
N TRP A 70 -0.82 -8.50 7.48
CA TRP A 70 -1.67 -7.55 6.77
C TRP A 70 -1.89 -8.02 5.34
N VAL A 71 -0.78 -8.24 4.64
CA VAL A 71 -0.82 -8.64 3.24
C VAL A 71 -1.48 -10.00 3.08
N SER A 72 -1.23 -10.90 4.03
CA SER A 72 -1.78 -12.24 3.98
C SER A 72 -3.31 -12.19 4.05
N ALA A 73 -3.83 -11.25 4.82
CA ALA A 73 -5.28 -11.10 4.97
C ALA A 73 -5.87 -10.40 3.75
N LEU A 74 -5.09 -9.49 3.18
CA LEU A 74 -5.52 -8.73 2.01
C LEU A 74 -5.40 -9.56 0.74
N ALA A 75 -4.59 -10.60 0.81
CA ALA A 75 -4.47 -11.54 -0.30
C ALA A 75 -5.67 -12.48 -0.34
N GLU A 76 -6.47 -12.43 0.73
CA GLU A 76 -7.67 -13.25 0.88
C GLU A 76 -7.28 -14.72 1.07
N HIS A 77 -6.73 -15.33 0.04
CA HIS A 77 -6.24 -16.70 0.14
C HIS A 77 -4.80 -16.72 0.61
N GLY A 78 -3.98 -15.85 0.03
CA GLY A 78 -2.56 -15.84 0.35
C GLY A 78 -1.87 -17.04 -0.23
N LYS A 79 -0.90 -17.58 0.52
CA LYS A 79 -0.18 -18.81 0.15
C LYS A 79 0.73 -18.59 -1.05
N ASP A 80 0.11 -18.32 -2.18
CA ASP A 80 0.80 -18.11 -3.44
C ASP A 80 1.26 -16.67 -3.57
N ALA A 81 0.31 -15.75 -3.45
CA ALA A 81 0.57 -14.31 -3.44
C ALA A 81 1.07 -13.78 -4.79
N LEU A 82 1.17 -14.64 -5.78
CA LEU A 82 1.68 -14.22 -7.09
C LEU A 82 0.54 -13.73 -7.96
N LYS A 83 -0.62 -14.35 -7.82
CA LYS A 83 -1.78 -13.96 -8.61
C LYS A 83 -2.65 -12.96 -7.86
N VAL A 84 -2.17 -12.53 -6.71
CA VAL A 84 -2.89 -11.54 -5.90
C VAL A 84 -2.60 -10.14 -6.42
N THR A 85 -3.65 -9.39 -6.73
CA THR A 85 -3.53 -8.09 -7.39
C THR A 85 -2.56 -7.15 -6.66
N ALA A 86 -2.70 -7.04 -5.33
CA ALA A 86 -1.83 -6.16 -4.54
C ALA A 86 -0.35 -6.47 -4.76
N LEU A 87 -0.01 -7.74 -4.82
CA LEU A 87 1.37 -8.17 -4.89
C LEU A 87 1.80 -8.24 -6.34
N LYS A 88 0.89 -8.71 -7.18
CA LYS A 88 1.09 -8.73 -8.60
C LYS A 88 1.44 -7.34 -9.11
N LYS A 89 0.69 -6.34 -8.64
CA LYS A 89 0.92 -4.97 -9.08
C LYS A 89 2.25 -4.45 -8.58
N TYR A 90 2.57 -4.77 -7.32
CA TYR A 90 3.85 -4.39 -6.74
C TYR A 90 5.00 -4.93 -7.58
N ARG A 91 4.97 -6.23 -7.85
CA ARG A 91 6.03 -6.89 -8.61
C ARG A 91 6.02 -6.44 -10.07
N GLN A 92 4.82 -6.41 -10.66
CA GLN A 92 4.68 -6.05 -12.07
C GLN A 92 5.09 -4.61 -12.32
N LEU A 93 4.94 -3.76 -11.32
CA LEU A 93 5.33 -2.36 -11.44
C LEU A 93 6.86 -2.23 -11.46
N LEU A 94 7.53 -3.00 -10.62
CA LEU A 94 8.99 -2.99 -10.57
C LEU A 94 9.58 -3.63 -11.83
N GLU A 95 9.00 -4.75 -12.26
CA GLU A 95 9.42 -5.41 -13.49
C GLU A 95 9.07 -4.52 -14.68
N HIS A 96 7.78 -4.23 -14.81
CA HIS A 96 7.26 -3.25 -15.77
C HIS A 96 7.38 -3.72 -17.21
N HIS A 97 8.06 -4.84 -17.43
CA HIS A 97 8.23 -5.39 -18.76
C HIS A 97 8.18 -6.91 -18.75
N HIS A 98 7.23 -7.47 -19.47
CA HIS A 98 7.16 -8.91 -19.65
C HIS A 98 8.05 -9.32 -20.83
N HIS A 99 8.74 -8.31 -21.38
CA HIS A 99 9.75 -8.46 -22.42
C HIS A 99 9.13 -8.70 -23.80
N HIS A 100 8.21 -9.65 -23.89
CA HIS A 100 7.54 -9.94 -25.16
C HIS A 100 6.28 -10.77 -24.91
N HIS A 101 5.62 -10.52 -23.79
CA HIS A 101 4.41 -11.26 -23.44
C HIS A 101 3.37 -10.29 -22.89
N MET A 1 -6.15 23.24 -20.41
CA MET A 1 -6.00 22.20 -19.36
C MET A 1 -5.76 20.85 -20.00
N MET A 2 -4.80 20.10 -19.46
CA MET A 2 -4.43 18.82 -20.04
C MET A 2 -5.22 17.66 -19.41
N PHE A 3 -4.82 17.26 -18.21
CA PHE A 3 -5.42 16.09 -17.56
C PHE A 3 -6.61 16.46 -16.69
N LEU A 4 -6.80 17.76 -16.45
CA LEU A 4 -7.86 18.25 -15.55
C LEU A 4 -7.55 17.82 -14.11
N ARG A 5 -6.32 17.42 -13.89
CA ARG A 5 -5.84 16.96 -12.59
C ARG A 5 -4.32 16.85 -12.65
N LYS A 6 -3.62 17.55 -11.77
CA LYS A 6 -2.18 17.63 -11.85
C LYS A 6 -1.49 16.40 -11.27
N VAL A 7 -0.84 15.64 -12.15
CA VAL A 7 -0.07 14.50 -11.73
C VAL A 7 1.39 14.92 -11.59
N GLU A 8 1.65 15.75 -10.59
CA GLU A 8 3.00 16.20 -10.28
C GLU A 8 3.37 15.72 -8.89
N GLY A 9 2.71 16.30 -7.90
CA GLY A 9 2.88 15.86 -6.53
C GLY A 9 1.55 15.55 -5.88
N PRO A 10 0.94 14.40 -6.21
CA PRO A 10 -0.35 14.00 -5.64
C PRO A 10 -0.27 13.85 -4.14
N ARG A 11 -1.08 14.62 -3.43
CA ARG A 11 -1.07 14.61 -1.97
C ARG A 11 -2.02 13.54 -1.48
N SER A 12 -2.98 13.18 -2.33
CA SER A 12 -3.96 12.17 -1.99
C SER A 12 -4.16 11.21 -3.16
N VAL A 13 -4.39 9.95 -2.83
CA VAL A 13 -4.72 8.94 -3.81
C VAL A 13 -6.13 8.42 -3.57
N THR A 14 -6.88 8.21 -4.63
CA THR A 14 -8.22 7.65 -4.50
C THR A 14 -8.16 6.15 -4.67
N LEU A 15 -8.33 5.43 -3.57
CA LEU A 15 -8.33 3.98 -3.62
C LEU A 15 -9.59 3.49 -4.33
N PRO A 16 -9.47 2.45 -5.18
CA PRO A 16 -10.62 1.84 -5.86
C PRO A 16 -11.64 1.29 -4.87
N ASP A 17 -11.24 1.32 -3.61
CA ASP A 17 -12.10 0.93 -2.50
C ASP A 17 -13.20 1.95 -2.30
N GLY A 18 -12.93 3.19 -2.73
CA GLY A 18 -13.88 4.27 -2.58
C GLY A 18 -13.53 5.14 -1.39
N SER A 19 -12.27 5.55 -1.32
CA SER A 19 -11.80 6.38 -0.23
C SER A 19 -10.53 7.10 -0.65
N ILE A 20 -10.45 8.38 -0.34
CA ILE A 20 -9.24 9.15 -0.63
C ILE A 20 -8.29 9.12 0.56
N MET A 21 -7.04 8.75 0.29
CA MET A 21 -6.05 8.64 1.34
C MET A 21 -4.85 9.53 1.04
N THR A 22 -4.30 10.13 2.06
CA THR A 22 -3.07 10.90 1.92
C THR A 22 -1.96 10.22 2.70
N ARG A 23 -0.74 10.69 2.55
CA ARG A 23 0.36 10.16 3.33
C ARG A 23 0.19 10.56 4.79
N ALA A 24 -0.41 11.72 4.99
CA ALA A 24 -0.67 12.23 6.33
C ALA A 24 -1.76 11.43 7.03
N ASP A 25 -2.63 10.81 6.24
CA ASP A 25 -3.68 9.94 6.79
C ASP A 25 -3.09 8.60 7.19
N LEU A 26 -1.97 8.26 6.59
CA LEU A 26 -1.29 7.01 6.89
C LEU A 26 -0.68 7.07 8.28
N PRO A 27 -0.91 6.02 9.07
CA PRO A 27 -0.34 5.86 10.42
C PRO A 27 1.11 6.33 10.53
N PRO A 28 1.36 7.32 11.39
CA PRO A 28 2.68 7.94 11.55
C PRO A 28 3.65 7.06 12.36
N ALA A 29 3.71 5.78 11.99
CA ALA A 29 4.56 4.79 12.65
C ALA A 29 4.04 4.44 14.05
N ASN A 30 3.80 5.45 14.86
CA ASN A 30 3.25 5.26 16.20
C ASN A 30 1.85 4.69 16.11
N THR A 31 0.89 5.55 15.78
CA THR A 31 -0.51 5.17 15.61
C THR A 31 -1.14 4.69 16.94
N ARG A 32 -2.32 5.20 17.25
CA ARG A 32 -2.95 4.87 18.51
C ARG A 32 -3.78 3.59 18.40
N ARG A 33 -3.27 2.54 19.05
CA ARG A 33 -3.96 1.25 19.22
C ARG A 33 -3.94 0.39 17.94
N TRP A 34 -4.01 1.04 16.78
CA TRP A 34 -4.03 0.34 15.48
C TRP A 34 -5.31 -0.44 15.28
N VAL A 35 -6.23 0.11 14.51
CA VAL A 35 -7.44 -0.60 14.15
C VAL A 35 -7.22 -1.36 12.84
N ALA A 36 -7.96 -2.44 12.64
CA ALA A 36 -7.76 -3.31 11.48
C ALA A 36 -7.97 -2.56 10.18
N SER A 37 -8.98 -1.71 10.16
CA SER A 37 -9.29 -0.88 8.99
C SER A 37 -8.09 0.00 8.61
N ARG A 38 -7.35 0.44 9.64
CA ARG A 38 -6.24 1.35 9.44
C ARG A 38 -4.99 0.58 8.98
N LYS A 39 -4.89 -0.67 9.41
CA LYS A 39 -3.78 -1.54 8.99
C LYS A 39 -3.88 -1.80 7.48
N ILE A 40 -5.09 -2.13 7.04
CA ILE A 40 -5.38 -2.34 5.62
C ILE A 40 -5.15 -1.04 4.84
N ALA A 41 -5.41 0.08 5.50
CA ALA A 41 -5.20 1.39 4.89
C ALA A 41 -3.72 1.65 4.65
N VAL A 42 -2.86 1.13 5.52
CA VAL A 42 -1.43 1.34 5.40
C VAL A 42 -0.88 0.63 4.17
N VAL A 43 -1.12 -0.68 4.07
CA VAL A 43 -0.61 -1.45 2.94
C VAL A 43 -1.10 -0.92 1.60
N ARG A 44 -2.37 -0.54 1.53
CA ARG A 44 -2.91 0.03 0.30
C ARG A 44 -2.37 1.43 0.07
N GLY A 45 -2.13 2.16 1.14
CA GLY A 45 -1.60 3.50 1.03
C GLY A 45 -0.15 3.54 0.57
N VAL A 46 0.69 2.72 1.20
CA VAL A 46 2.11 2.72 0.88
C VAL A 46 2.40 2.07 -0.47
N ILE A 47 1.85 0.87 -0.68
CA ILE A 47 2.18 0.06 -1.87
C ILE A 47 1.54 0.64 -3.13
N TYR A 48 0.31 1.10 -3.02
CA TYR A 48 -0.43 1.59 -4.18
C TYR A 48 -0.18 3.08 -4.38
N GLY A 49 0.14 3.79 -3.30
CA GLY A 49 0.25 5.23 -3.37
C GLY A 49 1.67 5.76 -3.45
N LEU A 50 2.49 5.42 -2.47
CA LEU A 50 3.76 6.12 -2.27
C LEU A 50 4.99 5.34 -2.71
N ILE A 51 5.40 4.35 -1.91
CA ILE A 51 6.72 3.75 -2.05
C ILE A 51 6.69 2.24 -1.98
N THR A 52 7.87 1.62 -1.97
CA THR A 52 7.98 0.18 -1.88
C THR A 52 8.06 -0.25 -0.41
N LEU A 53 8.12 -1.55 -0.18
CA LEU A 53 8.19 -2.07 1.18
C LEU A 53 9.54 -1.77 1.81
N ALA A 54 10.54 -1.49 0.99
CA ALA A 54 11.86 -1.17 1.50
C ALA A 54 11.81 0.12 2.30
N GLU A 55 11.22 1.16 1.71
CA GLU A 55 11.05 2.44 2.38
C GLU A 55 10.00 2.32 3.48
N ALA A 56 8.95 1.56 3.20
CA ALA A 56 7.87 1.34 4.15
C ALA A 56 8.30 0.44 5.29
N LYS A 57 9.49 -0.13 5.20
CA LYS A 57 10.04 -0.90 6.30
C LYS A 57 10.89 0.00 7.18
N GLN A 58 11.64 0.87 6.55
CA GLN A 58 12.45 1.86 7.25
C GLN A 58 11.56 2.74 8.12
N THR A 59 10.45 3.17 7.55
CA THR A 59 9.54 4.07 8.22
C THR A 59 8.38 3.33 8.89
N TYR A 60 7.68 2.50 8.13
CA TYR A 60 6.45 1.88 8.62
C TYR A 60 6.66 0.40 8.91
N GLY A 61 7.92 -0.03 9.03
CA GLY A 61 8.24 -1.44 9.11
C GLY A 61 7.55 -2.18 10.24
N LEU A 62 7.40 -1.51 11.39
CA LEU A 62 6.85 -2.11 12.62
C LEU A 62 7.55 -3.44 12.94
N SER A 63 6.97 -4.51 12.44
CA SER A 63 7.53 -5.84 12.55
C SER A 63 7.24 -6.59 11.26
N ASP A 64 8.14 -7.47 10.85
CA ASP A 64 8.00 -8.15 9.57
C ASP A 64 6.72 -8.97 9.52
N GLU A 65 6.49 -9.76 10.57
CA GLU A 65 5.28 -10.57 10.68
C GLU A 65 4.04 -9.69 10.65
N GLU A 66 4.13 -8.52 11.29
CA GLU A 66 3.03 -7.57 11.36
C GLU A 66 2.60 -7.14 9.95
N PHE A 67 3.50 -6.52 9.22
CA PHE A 67 3.20 -5.94 7.92
C PHE A 67 2.72 -7.02 6.94
N ASN A 68 3.38 -8.18 6.96
CA ASN A 68 3.01 -9.27 6.07
C ASN A 68 1.63 -9.81 6.40
N SER A 69 1.25 -9.73 7.68
CA SER A 69 -0.05 -10.21 8.12
C SER A 69 -1.18 -9.41 7.46
N TRP A 70 -0.93 -8.13 7.18
CA TRP A 70 -1.94 -7.27 6.58
C TRP A 70 -2.21 -7.71 5.15
N VAL A 71 -1.13 -7.88 4.39
CA VAL A 71 -1.24 -8.30 2.99
C VAL A 71 -1.82 -9.70 2.91
N SER A 72 -1.43 -10.56 3.84
CA SER A 72 -1.91 -11.94 3.86
C SER A 72 -3.41 -11.99 4.06
N ALA A 73 -3.95 -11.05 4.83
CA ALA A 73 -5.39 -10.99 5.07
C ALA A 73 -6.11 -10.49 3.82
N LEU A 74 -5.44 -9.62 3.08
CA LEU A 74 -5.99 -9.06 1.85
C LEU A 74 -5.83 -10.04 0.70
N ALA A 75 -5.07 -11.09 0.95
CA ALA A 75 -4.84 -12.13 -0.04
C ALA A 75 -5.78 -13.31 0.19
N GLU A 76 -6.72 -13.15 1.13
CA GLU A 76 -7.64 -14.21 1.54
C GLU A 76 -6.88 -15.30 2.30
N HIS A 77 -6.23 -16.20 1.56
CA HIS A 77 -5.42 -17.24 2.18
C HIS A 77 -4.09 -17.37 1.45
N GLY A 78 -3.93 -16.60 0.38
CA GLY A 78 -2.74 -16.69 -0.43
C GLY A 78 -2.72 -17.96 -1.27
N LYS A 79 -2.30 -19.05 -0.64
CA LYS A 79 -2.26 -20.40 -1.23
C LYS A 79 -1.18 -20.50 -2.30
N ASP A 80 -1.39 -19.78 -3.38
CA ASP A 80 -0.51 -19.86 -4.54
C ASP A 80 0.50 -18.72 -4.56
N ALA A 81 0.06 -17.54 -4.12
CA ALA A 81 0.90 -16.34 -4.10
C ALA A 81 1.27 -15.92 -5.53
N LEU A 82 0.50 -16.39 -6.50
CA LEU A 82 0.75 -16.10 -7.90
C LEU A 82 -0.30 -15.15 -8.45
N LYS A 83 -1.52 -15.27 -7.93
CA LYS A 83 -2.62 -14.44 -8.39
C LYS A 83 -2.95 -13.35 -7.36
N VAL A 84 -2.12 -13.27 -6.32
CA VAL A 84 -2.32 -12.26 -5.28
C VAL A 84 -2.10 -10.86 -5.83
N THR A 85 -3.20 -10.14 -6.02
CA THR A 85 -3.19 -8.82 -6.65
C THR A 85 -2.08 -7.91 -6.11
N ALA A 86 -2.10 -7.65 -4.80
CA ALA A 86 -1.17 -6.71 -4.18
C ALA A 86 0.29 -7.10 -4.41
N LEU A 87 0.56 -8.40 -4.47
CA LEU A 87 1.92 -8.90 -4.56
C LEU A 87 2.31 -9.02 -6.02
N LYS A 88 1.39 -9.53 -6.82
CA LYS A 88 1.61 -9.69 -8.24
C LYS A 88 1.87 -8.34 -8.88
N LYS A 89 1.16 -7.32 -8.41
CA LYS A 89 1.35 -5.97 -8.92
C LYS A 89 2.65 -5.37 -8.39
N TYR A 90 2.96 -5.66 -7.14
CA TYR A 90 4.21 -5.19 -6.53
C TYR A 90 5.42 -5.76 -7.28
N ARG A 91 5.25 -6.95 -7.83
CA ARG A 91 6.35 -7.61 -8.53
C ARG A 91 6.32 -7.24 -10.01
N GLN A 92 5.13 -7.18 -10.61
CA GLN A 92 5.00 -6.84 -12.02
C GLN A 92 5.32 -5.36 -12.27
N LEU A 93 5.13 -4.53 -11.25
CA LEU A 93 5.47 -3.11 -11.35
C LEU A 93 6.99 -2.92 -11.33
N LEU A 94 7.70 -3.96 -10.91
CA LEU A 94 9.15 -3.97 -10.91
C LEU A 94 9.66 -4.85 -12.05
N GLU A 95 8.97 -4.78 -13.18
CA GLU A 95 9.31 -5.56 -14.36
C GLU A 95 10.72 -5.26 -14.86
N HIS A 96 11.26 -6.18 -15.65
CA HIS A 96 12.61 -6.03 -16.16
C HIS A 96 12.59 -5.55 -17.62
N HIS A 97 11.41 -5.57 -18.23
CA HIS A 97 11.24 -4.90 -19.51
C HIS A 97 10.64 -3.52 -19.26
N HIS A 98 11.52 -2.57 -18.98
CA HIS A 98 11.12 -1.26 -18.49
C HIS A 98 10.52 -0.40 -19.60
N HIS A 99 10.59 -0.88 -20.83
CA HIS A 99 10.08 -0.14 -21.98
C HIS A 99 8.86 -0.85 -22.57
N HIS A 100 8.14 -1.56 -21.69
CA HIS A 100 6.98 -2.38 -22.07
C HIS A 100 7.43 -3.62 -22.84
N HIS A 101 7.95 -3.40 -24.03
CA HIS A 101 8.41 -4.48 -24.88
C HIS A 101 9.71 -4.07 -25.57
N MET A 1 -1.52 21.10 -18.18
CA MET A 1 -0.65 20.72 -19.31
C MET A 1 -0.92 19.28 -19.72
N MET A 2 -0.45 18.89 -20.89
CA MET A 2 -0.64 17.53 -21.40
C MET A 2 -0.02 16.49 -20.47
N PHE A 3 -0.85 15.83 -19.67
CA PHE A 3 -0.39 14.75 -18.81
C PHE A 3 -0.84 13.41 -19.38
N LEU A 4 -0.49 12.34 -18.69
CA LEU A 4 -0.95 11.02 -19.07
C LEU A 4 -2.20 10.67 -18.26
N ARG A 5 -2.49 9.39 -18.09
CA ARG A 5 -3.59 8.95 -17.23
C ARG A 5 -3.16 8.96 -15.77
N LYS A 6 -2.16 9.77 -15.47
CA LYS A 6 -1.64 9.91 -14.11
C LYS A 6 -1.30 11.37 -13.86
N VAL A 7 -1.65 11.86 -12.68
CA VAL A 7 -1.33 13.23 -12.30
C VAL A 7 0.18 13.38 -12.12
N GLU A 8 0.68 14.60 -12.28
CA GLU A 8 2.11 14.87 -12.16
C GLU A 8 2.66 14.45 -10.81
N GLY A 9 1.91 14.70 -9.75
CA GLY A 9 2.31 14.26 -8.44
C GLY A 9 1.15 14.17 -7.47
N PRO A 10 0.20 13.23 -7.70
CA PRO A 10 -0.95 13.01 -6.83
C PRO A 10 -0.55 12.94 -5.35
N ARG A 11 -1.00 13.93 -4.59
CA ARG A 11 -0.72 13.99 -3.16
C ARG A 11 -1.85 13.34 -2.39
N SER A 12 -2.85 12.88 -3.12
CA SER A 12 -3.95 12.12 -2.57
C SER A 12 -4.32 11.00 -3.52
N VAL A 13 -4.54 9.83 -2.97
CA VAL A 13 -4.82 8.64 -3.76
C VAL A 13 -6.29 8.25 -3.67
N THR A 14 -6.87 7.92 -4.81
CA THR A 14 -8.23 7.45 -4.85
C THR A 14 -8.26 5.93 -4.96
N LEU A 15 -8.69 5.28 -3.89
CA LEU A 15 -8.78 3.83 -3.86
C LEU A 15 -10.06 3.37 -4.54
N PRO A 16 -10.03 2.20 -5.20
CA PRO A 16 -11.16 1.69 -6.01
C PRO A 16 -12.41 1.40 -5.17
N ASP A 17 -12.30 1.57 -3.86
CA ASP A 17 -13.43 1.38 -2.95
C ASP A 17 -14.22 2.67 -2.83
N GLY A 18 -13.75 3.71 -3.51
CA GLY A 18 -14.40 5.01 -3.40
C GLY A 18 -13.92 5.75 -2.18
N SER A 19 -12.63 5.64 -1.90
CA SER A 19 -12.05 6.22 -0.71
C SER A 19 -10.78 6.98 -1.06
N ILE A 20 -10.70 8.24 -0.64
CA ILE A 20 -9.55 9.07 -0.93
C ILE A 20 -8.68 9.28 0.30
N MET A 21 -7.40 8.98 0.15
CA MET A 21 -6.45 9.12 1.24
C MET A 21 -5.35 10.08 0.84
N THR A 22 -4.88 10.87 1.78
CA THR A 22 -3.81 11.82 1.52
C THR A 22 -2.48 11.26 2.03
N ARG A 23 -1.41 12.02 1.81
CA ARG A 23 -0.08 11.59 2.24
C ARG A 23 0.08 11.73 3.76
N ALA A 24 -0.97 12.23 4.42
CA ALA A 24 -0.95 12.39 5.87
C ALA A 24 -1.87 11.38 6.54
N ASP A 25 -2.52 10.53 5.74
CA ASP A 25 -3.46 9.54 6.27
C ASP A 25 -2.76 8.25 6.67
N LEU A 26 -1.44 8.22 6.51
CA LEU A 26 -0.66 7.07 6.89
C LEU A 26 -0.33 7.13 8.37
N PRO A 27 -0.50 6.01 9.09
CA PRO A 27 -0.12 5.89 10.51
C PRO A 27 1.33 6.34 10.75
N PRO A 28 1.51 7.47 11.45
CA PRO A 28 2.83 8.06 11.69
C PRO A 28 3.76 7.13 12.46
N ALA A 29 3.23 6.59 13.56
CA ALA A 29 3.99 5.71 14.44
C ALA A 29 3.07 5.11 15.49
N ASN A 30 2.46 5.99 16.26
CA ASN A 30 1.58 5.59 17.34
C ASN A 30 0.20 5.29 16.78
N THR A 31 -0.29 6.19 15.94
CA THR A 31 -1.61 6.07 15.34
C THR A 31 -2.71 6.28 16.37
N ARG A 32 -3.56 7.27 16.14
CA ARG A 32 -4.59 7.66 17.09
C ARG A 32 -5.50 6.48 17.43
N ARG A 33 -5.77 5.63 16.45
CA ARG A 33 -6.53 4.41 16.68
C ARG A 33 -6.23 3.37 15.60
N TRP A 34 -5.64 2.26 16.00
CA TRP A 34 -5.39 1.16 15.08
C TRP A 34 -6.66 0.34 14.87
N VAL A 35 -7.16 0.32 13.65
CA VAL A 35 -8.22 -0.61 13.27
C VAL A 35 -7.71 -1.49 12.15
N ALA A 36 -8.50 -2.49 11.76
CA ALA A 36 -8.07 -3.42 10.71
C ALA A 36 -7.88 -2.68 9.38
N SER A 37 -8.82 -1.79 9.08
CA SER A 37 -8.75 -0.99 7.87
C SER A 37 -7.55 -0.04 7.92
N ARG A 38 -7.12 0.29 9.14
CA ARG A 38 -6.00 1.19 9.34
C ARG A 38 -4.70 0.52 8.95
N LYS A 39 -4.56 -0.76 9.32
CA LYS A 39 -3.41 -1.56 8.92
C LYS A 39 -3.40 -1.76 7.41
N ILE A 40 -4.56 -2.10 6.87
CA ILE A 40 -4.73 -2.26 5.42
C ILE A 40 -4.40 -0.95 4.70
N ALA A 41 -4.75 0.16 5.34
CA ALA A 41 -4.46 1.49 4.81
C ALA A 41 -2.96 1.73 4.69
N VAL A 42 -2.19 1.12 5.60
CA VAL A 42 -0.75 1.27 5.56
C VAL A 42 -0.18 0.61 4.30
N VAL A 43 -0.50 -0.67 4.11
CA VAL A 43 -0.04 -1.39 2.92
C VAL A 43 -0.59 -0.77 1.64
N ARG A 44 -1.82 -0.28 1.68
CA ARG A 44 -2.42 0.39 0.53
C ARG A 44 -1.69 1.69 0.22
N GLY A 45 -1.50 2.50 1.24
CA GLY A 45 -0.93 3.82 1.06
C GLY A 45 0.51 3.80 0.61
N VAL A 46 1.26 2.79 1.01
CA VAL A 46 2.65 2.69 0.62
C VAL A 46 2.80 2.06 -0.77
N ILE A 47 2.29 0.84 -0.92
CA ILE A 47 2.49 0.05 -2.14
C ILE A 47 1.78 0.67 -3.34
N TYR A 48 0.52 1.03 -3.16
CA TYR A 48 -0.28 1.57 -4.24
C TYR A 48 -0.17 3.09 -4.28
N GLY A 49 0.33 3.67 -3.20
CA GLY A 49 0.37 5.10 -3.10
C GLY A 49 1.72 5.73 -3.36
N LEU A 50 2.62 5.61 -2.39
CA LEU A 50 3.82 6.46 -2.36
C LEU A 50 5.11 5.73 -2.73
N ILE A 51 5.64 4.94 -1.79
CA ILE A 51 7.02 4.45 -1.90
C ILE A 51 7.07 2.93 -1.94
N THR A 52 8.30 2.40 -1.93
CA THR A 52 8.52 0.98 -2.02
C THR A 52 8.46 0.32 -0.64
N LEU A 53 8.49 -1.01 -0.63
CA LEU A 53 8.42 -1.76 0.61
C LEU A 53 9.64 -1.51 1.50
N ALA A 54 10.74 -1.07 0.89
CA ALA A 54 11.96 -0.80 1.61
C ALA A 54 11.74 0.25 2.71
N GLU A 55 11.26 1.42 2.31
CA GLU A 55 11.01 2.51 3.24
C GLU A 55 9.84 2.17 4.16
N ALA A 56 8.84 1.52 3.61
CA ALA A 56 7.66 1.12 4.36
C ALA A 56 8.00 0.10 5.43
N LYS A 57 9.03 -0.70 5.20
CA LYS A 57 9.44 -1.67 6.20
C LYS A 57 10.35 -1.00 7.23
N GLN A 58 11.26 -0.16 6.78
CA GLN A 58 12.19 0.51 7.67
C GLN A 58 11.46 1.49 8.59
N THR A 59 10.45 2.17 8.09
CA THR A 59 9.71 3.12 8.91
C THR A 59 8.42 2.49 9.45
N TYR A 60 7.56 2.00 8.57
CA TYR A 60 6.25 1.51 8.98
C TYR A 60 6.24 -0.01 9.11
N GLY A 61 7.43 -0.61 9.15
CA GLY A 61 7.52 -2.06 9.13
C GLY A 61 7.18 -2.71 10.45
N LEU A 62 7.06 -1.88 11.50
CA LEU A 62 6.69 -2.35 12.85
C LEU A 62 7.42 -3.65 13.22
N SER A 63 6.75 -4.78 13.05
CA SER A 63 7.40 -6.07 13.14
C SER A 63 7.22 -6.80 11.81
N ASP A 64 8.23 -7.54 11.39
CA ASP A 64 8.25 -8.17 10.07
C ASP A 64 7.02 -9.07 9.87
N GLU A 65 6.62 -9.76 10.93
CA GLU A 65 5.47 -10.64 10.85
C GLU A 65 4.16 -9.86 10.77
N GLU A 66 4.10 -8.72 11.46
CA GLU A 66 2.90 -7.89 11.45
C GLU A 66 2.62 -7.36 10.04
N PHE A 67 3.66 -6.85 9.39
CA PHE A 67 3.52 -6.31 8.05
C PHE A 67 3.09 -7.41 7.08
N ASN A 68 3.69 -8.59 7.23
CA ASN A 68 3.34 -9.74 6.40
C ASN A 68 1.94 -10.24 6.73
N SER A 69 1.51 -10.02 7.96
CA SER A 69 0.18 -10.42 8.39
C SER A 69 -0.88 -9.72 7.57
N TRP A 70 -0.67 -8.43 7.29
CA TRP A 70 -1.62 -7.65 6.52
C TRP A 70 -1.76 -8.23 5.12
N VAL A 71 -0.63 -8.42 4.45
CA VAL A 71 -0.60 -8.96 3.11
C VAL A 71 -1.18 -10.39 3.08
N SER A 72 -0.88 -11.14 4.13
CA SER A 72 -1.40 -12.51 4.26
C SER A 72 -2.92 -12.52 4.41
N ALA A 73 -3.45 -11.52 5.11
CA ALA A 73 -4.89 -11.40 5.29
C ALA A 73 -5.54 -10.87 4.02
N LEU A 74 -4.79 -10.05 3.29
CA LEU A 74 -5.26 -9.47 2.03
C LEU A 74 -5.13 -10.47 0.90
N ALA A 75 -4.46 -11.58 1.18
CA ALA A 75 -4.35 -12.68 0.24
C ALA A 75 -5.36 -13.76 0.59
N GLU A 76 -5.94 -13.64 1.80
CA GLU A 76 -6.87 -14.61 2.35
C GLU A 76 -6.18 -15.94 2.66
N HIS A 77 -5.58 -16.54 1.65
CA HIS A 77 -4.92 -17.83 1.80
C HIS A 77 -3.53 -17.65 2.35
N GLY A 78 -2.73 -16.86 1.64
CA GLY A 78 -1.34 -16.67 2.03
C GLY A 78 -0.48 -17.87 1.66
N LYS A 79 -1.06 -18.77 0.88
CA LYS A 79 -0.38 -19.99 0.47
C LYS A 79 -0.15 -20.00 -1.04
N ASP A 80 -1.16 -19.52 -1.78
CA ASP A 80 -1.09 -19.50 -3.22
C ASP A 80 -0.03 -18.52 -3.72
N ALA A 81 -0.07 -17.30 -3.17
CA ALA A 81 0.86 -16.24 -3.52
C ALA A 81 0.80 -15.94 -5.02
N LEU A 82 -0.31 -16.31 -5.65
CA LEU A 82 -0.42 -16.21 -7.10
C LEU A 82 -1.44 -15.15 -7.48
N LYS A 83 -2.56 -15.10 -6.77
CA LYS A 83 -3.61 -14.15 -7.11
C LYS A 83 -3.70 -13.05 -6.05
N VAL A 84 -2.60 -12.82 -5.36
CA VAL A 84 -2.52 -11.72 -4.42
C VAL A 84 -2.35 -10.42 -5.18
N THR A 85 -3.46 -9.71 -5.39
CA THR A 85 -3.49 -8.51 -6.20
C THR A 85 -2.46 -7.47 -5.74
N ALA A 86 -2.44 -7.19 -4.44
CA ALA A 86 -1.56 -6.17 -3.89
C ALA A 86 -0.09 -6.48 -4.16
N LEU A 87 0.26 -7.77 -4.08
CA LEU A 87 1.65 -8.18 -4.18
C LEU A 87 2.02 -8.38 -5.64
N LYS A 88 1.14 -9.06 -6.37
CA LYS A 88 1.35 -9.31 -7.79
C LYS A 88 1.36 -7.99 -8.56
N LYS A 89 0.58 -7.03 -8.10
CA LYS A 89 0.58 -5.72 -8.75
C LYS A 89 1.92 -5.05 -8.52
N TYR A 90 2.34 -5.01 -7.26
CA TYR A 90 3.62 -4.43 -6.89
C TYR A 90 4.75 -5.07 -7.70
N ARG A 91 4.78 -6.39 -7.67
CA ARG A 91 5.82 -7.16 -8.35
C ARG A 91 5.82 -6.89 -9.86
N GLN A 92 4.66 -7.01 -10.49
CA GLN A 92 4.55 -6.89 -11.94
C GLN A 92 4.40 -5.44 -12.39
N LEU A 93 4.40 -4.51 -11.43
CA LEU A 93 4.42 -3.09 -11.76
C LEU A 93 5.86 -2.60 -11.78
N LEU A 94 6.71 -3.28 -11.01
CA LEU A 94 8.13 -2.99 -11.00
C LEU A 94 8.79 -3.63 -12.22
N GLU A 95 8.21 -4.73 -12.69
CA GLU A 95 8.68 -5.40 -13.89
C GLU A 95 7.96 -4.82 -15.12
N HIS A 96 8.68 -4.02 -15.89
CA HIS A 96 8.10 -3.32 -17.01
C HIS A 96 8.10 -4.17 -18.26
N HIS A 97 6.98 -4.81 -18.52
CA HIS A 97 6.84 -5.67 -19.68
C HIS A 97 6.34 -4.86 -20.89
N HIS A 98 7.00 -5.04 -22.02
CA HIS A 98 6.55 -4.42 -23.27
C HIS A 98 6.17 -5.48 -24.28
N HIS A 99 5.96 -6.69 -23.79
CA HIS A 99 5.44 -7.78 -24.61
C HIS A 99 4.04 -7.40 -25.09
N HIS A 100 3.22 -6.97 -24.14
CA HIS A 100 1.87 -6.49 -24.39
C HIS A 100 1.34 -5.95 -23.08
N HIS A 101 0.47 -4.94 -23.11
CA HIS A 101 -0.10 -4.39 -21.87
C HIS A 101 -0.74 -5.49 -21.04
N MET A 1 -2.51 8.10 -20.16
CA MET A 1 -3.32 9.31 -19.84
C MET A 1 -2.55 10.58 -20.16
N MET A 2 -1.42 10.43 -20.86
CA MET A 2 -0.54 11.56 -21.17
C MET A 2 -0.04 12.23 -19.91
N PHE A 3 1.00 11.67 -19.31
CA PHE A 3 1.53 12.20 -18.08
C PHE A 3 2.86 12.90 -18.31
N LEU A 4 2.86 14.21 -18.14
CA LEU A 4 4.08 14.99 -18.21
C LEU A 4 4.63 15.18 -16.81
N ARG A 5 3.74 15.06 -15.84
CA ARG A 5 4.11 15.06 -14.43
C ARG A 5 4.36 13.63 -13.98
N LYS A 6 4.52 13.44 -12.69
CA LYS A 6 4.81 12.11 -12.18
C LYS A 6 3.61 11.49 -11.48
N VAL A 7 3.03 10.49 -12.12
CA VAL A 7 1.93 9.74 -11.53
C VAL A 7 2.47 8.41 -11.02
N GLU A 8 3.78 8.31 -11.07
CA GLU A 8 4.47 7.11 -10.65
C GLU A 8 4.75 7.18 -9.16
N GLY A 9 3.79 6.75 -8.37
CA GLY A 9 3.88 6.88 -6.92
C GLY A 9 3.71 8.32 -6.47
N PRO A 10 2.51 8.90 -6.64
CA PRO A 10 2.23 10.28 -6.25
C PRO A 10 2.02 10.43 -4.74
N ARG A 11 1.29 11.47 -4.34
CA ARG A 11 0.99 11.69 -2.94
C ARG A 11 -0.35 11.09 -2.57
N SER A 12 -1.35 11.37 -3.39
CA SER A 12 -2.66 10.79 -3.20
C SER A 12 -2.99 9.86 -4.36
N VAL A 13 -3.61 8.74 -4.02
CA VAL A 13 -3.95 7.73 -5.01
C VAL A 13 -5.41 7.32 -4.86
N THR A 14 -6.02 6.91 -5.95
CA THR A 14 -7.36 6.35 -5.90
C THR A 14 -7.27 4.84 -5.88
N LEU A 15 -7.48 4.26 -4.71
CA LEU A 15 -7.45 2.82 -4.54
C LEU A 15 -8.62 2.21 -5.31
N PRO A 16 -8.41 1.05 -5.95
CA PRO A 16 -9.47 0.35 -6.70
C PRO A 16 -10.62 -0.09 -5.79
N ASP A 17 -10.41 0.11 -4.49
CA ASP A 17 -11.42 -0.19 -3.49
C ASP A 17 -12.47 0.91 -3.46
N GLY A 18 -12.10 2.07 -3.98
CA GLY A 18 -13.00 3.21 -3.98
C GLY A 18 -12.65 4.21 -2.90
N SER A 19 -11.36 4.43 -2.70
CA SER A 19 -10.89 5.31 -1.65
C SER A 19 -9.73 6.16 -2.14
N ILE A 20 -9.78 7.45 -1.86
CA ILE A 20 -8.67 8.33 -2.17
C ILE A 20 -7.75 8.43 -0.97
N MET A 21 -6.56 7.90 -1.11
CA MET A 21 -5.65 7.77 0.02
C MET A 21 -4.57 8.85 -0.08
N THR A 22 -4.33 9.54 1.01
CA THR A 22 -3.34 10.60 1.03
C THR A 22 -2.28 10.29 2.09
N ARG A 23 -1.26 11.14 2.14
CA ARG A 23 -0.18 11.00 3.11
C ARG A 23 -0.71 11.26 4.52
N ALA A 24 -1.81 12.01 4.60
CA ALA A 24 -2.39 12.41 5.88
C ALA A 24 -3.27 11.32 6.47
N ASP A 25 -3.54 10.28 5.69
CA ASP A 25 -4.39 9.19 6.16
C ASP A 25 -3.55 8.05 6.71
N LEU A 26 -2.25 8.24 6.69
CA LEU A 26 -1.32 7.20 7.11
C LEU A 26 -0.83 7.43 8.54
N PRO A 27 -0.81 6.36 9.36
CA PRO A 27 -0.19 6.39 10.69
C PRO A 27 1.32 6.60 10.58
N PRO A 28 1.82 7.79 10.96
CA PRO A 28 3.24 8.15 10.81
C PRO A 28 4.12 7.42 11.83
N ALA A 29 4.11 6.08 11.75
CA ALA A 29 4.83 5.22 12.67
C ALA A 29 4.27 5.33 14.08
N ASN A 30 3.13 6.01 14.20
CA ASN A 30 2.45 6.16 15.46
C ASN A 30 1.04 6.67 15.24
N THR A 31 0.10 5.83 15.55
CA THR A 31 -1.30 6.22 15.63
C THR A 31 -1.78 6.00 17.06
N ARG A 32 -2.86 6.66 17.45
CA ARG A 32 -3.36 6.55 18.82
C ARG A 32 -3.93 5.16 19.10
N ARG A 33 -4.35 4.47 18.04
CA ARG A 33 -4.84 3.10 18.18
C ARG A 33 -4.81 2.37 16.84
N TRP A 34 -4.30 1.16 16.86
CA TRP A 34 -4.17 0.37 15.64
C TRP A 34 -5.41 -0.48 15.40
N VAL A 35 -6.44 0.15 14.84
CA VAL A 35 -7.66 -0.59 14.48
C VAL A 35 -7.43 -1.34 13.17
N ALA A 36 -8.20 -2.41 12.96
CA ALA A 36 -8.01 -3.29 11.81
C ALA A 36 -8.03 -2.51 10.49
N SER A 37 -8.99 -1.61 10.36
CA SER A 37 -9.12 -0.78 9.17
C SER A 37 -7.87 0.05 8.94
N ARG A 38 -7.29 0.57 10.02
CA ARG A 38 -6.15 1.46 9.91
C ARG A 38 -4.89 0.66 9.57
N LYS A 39 -4.87 -0.62 9.95
CA LYS A 39 -3.76 -1.50 9.60
C LYS A 39 -3.75 -1.68 8.08
N ILE A 40 -4.91 -2.03 7.55
CA ILE A 40 -5.10 -2.23 6.11
C ILE A 40 -4.81 -0.94 5.36
N ALA A 41 -5.19 0.19 5.95
CA ALA A 41 -4.95 1.49 5.36
C ALA A 41 -3.47 1.76 5.18
N VAL A 42 -2.65 1.30 6.14
CA VAL A 42 -1.21 1.48 6.03
C VAL A 42 -0.68 0.76 4.81
N VAL A 43 -0.97 -0.54 4.72
CA VAL A 43 -0.47 -1.36 3.62
C VAL A 43 -0.91 -0.82 2.26
N ARG A 44 -2.21 -0.59 2.10
CA ARG A 44 -2.73 -0.09 0.83
C ARG A 44 -2.17 1.29 0.52
N GLY A 45 -2.01 2.11 1.55
CA GLY A 45 -1.51 3.45 1.35
C GLY A 45 -0.04 3.49 0.98
N VAL A 46 0.78 2.69 1.65
CA VAL A 46 2.22 2.70 1.37
C VAL A 46 2.56 1.93 0.11
N ILE A 47 2.00 0.73 -0.03
CA ILE A 47 2.35 -0.16 -1.15
C ILE A 47 1.76 0.33 -2.46
N TYR A 48 0.46 0.57 -2.47
CA TYR A 48 -0.23 0.91 -3.70
C TYR A 48 -0.20 2.41 -3.94
N GLY A 49 0.10 3.16 -2.89
CA GLY A 49 0.05 4.60 -2.97
C GLY A 49 1.41 5.26 -3.15
N LEU A 50 2.33 4.99 -2.24
CA LEU A 50 3.55 5.76 -2.17
C LEU A 50 4.76 5.01 -2.74
N ILE A 51 5.21 3.99 -2.04
CA ILE A 51 6.51 3.39 -2.32
C ILE A 51 6.51 1.88 -2.15
N THR A 52 7.70 1.29 -2.25
CA THR A 52 7.89 -0.13 -2.07
C THR A 52 7.84 -0.51 -0.59
N LEU A 53 7.54 -1.78 -0.32
CA LEU A 53 7.41 -2.26 1.05
C LEU A 53 8.69 -2.03 1.84
N ALA A 54 9.83 -2.04 1.16
CA ALA A 54 11.12 -1.82 1.81
C ALA A 54 11.13 -0.49 2.56
N GLU A 55 10.70 0.57 1.89
CA GLU A 55 10.70 1.90 2.48
C GLU A 55 9.72 1.99 3.64
N ALA A 56 8.52 1.48 3.43
CA ALA A 56 7.49 1.42 4.48
C ALA A 56 7.84 0.40 5.54
N LYS A 57 8.85 -0.42 5.30
CA LYS A 57 9.32 -1.35 6.31
C LYS A 57 10.37 -0.68 7.17
N GLN A 58 11.24 0.09 6.54
CA GLN A 58 12.23 0.88 7.26
C GLN A 58 11.56 1.97 8.08
N THR A 59 10.40 2.40 7.63
CA THR A 59 9.66 3.46 8.30
C THR A 59 8.52 2.89 9.16
N TYR A 60 7.57 2.22 8.52
CA TYR A 60 6.37 1.75 9.21
C TYR A 60 6.41 0.25 9.44
N GLY A 61 7.58 -0.35 9.28
CA GLY A 61 7.68 -1.81 9.19
C GLY A 61 7.25 -2.54 10.44
N LEU A 62 7.26 -1.86 11.59
CA LEU A 62 6.95 -2.50 12.88
C LEU A 62 7.87 -3.70 13.09
N SER A 63 7.36 -4.87 12.76
CA SER A 63 8.16 -6.07 12.63
C SER A 63 7.83 -6.71 11.29
N ASP A 64 8.84 -7.26 10.61
CA ASP A 64 8.65 -7.83 9.27
C ASP A 64 7.45 -8.78 9.26
N GLU A 65 7.43 -9.69 10.22
CA GLU A 65 6.36 -10.68 10.32
C GLU A 65 5.00 -10.00 10.47
N GLU A 66 4.97 -8.93 11.24
CA GLU A 66 3.72 -8.22 11.52
C GLU A 66 3.20 -7.52 10.27
N PHE A 67 4.08 -6.77 9.62
CA PHE A 67 3.69 -6.00 8.44
C PHE A 67 3.31 -6.94 7.30
N ASN A 68 4.08 -8.02 7.12
CA ASN A 68 3.82 -8.96 6.04
C ASN A 68 2.55 -9.77 6.33
N SER A 69 2.14 -9.79 7.59
CA SER A 69 0.89 -10.44 7.98
C SER A 69 -0.32 -9.65 7.45
N TRP A 70 -0.15 -8.33 7.33
CA TRP A 70 -1.18 -7.50 6.74
C TRP A 70 -1.33 -7.86 5.27
N VAL A 71 -0.20 -7.98 4.59
CA VAL A 71 -0.16 -8.36 3.19
C VAL A 71 -0.66 -9.78 3.02
N SER A 72 -0.43 -10.61 4.02
CA SER A 72 -0.89 -11.99 4.01
C SER A 72 -2.42 -12.05 4.07
N ALA A 73 -3.02 -11.10 4.78
CA ALA A 73 -4.47 -11.02 4.89
C ALA A 73 -5.06 -10.37 3.65
N LEU A 74 -4.28 -9.49 3.04
CA LEU A 74 -4.69 -8.80 1.82
C LEU A 74 -4.28 -9.58 0.58
N ALA A 75 -3.60 -10.69 0.80
CA ALA A 75 -3.19 -11.57 -0.28
C ALA A 75 -4.39 -12.06 -1.04
N GLU A 76 -5.39 -12.50 -0.29
CA GLU A 76 -6.64 -13.01 -0.85
C GLU A 76 -6.38 -14.14 -1.85
N HIS A 77 -5.23 -14.81 -1.69
CA HIS A 77 -4.91 -15.98 -2.48
C HIS A 77 -5.81 -17.12 -2.06
N GLY A 78 -6.32 -17.01 -0.84
CA GLY A 78 -7.25 -17.97 -0.32
C GLY A 78 -8.62 -17.89 -1.00
N LYS A 79 -8.83 -16.81 -1.74
CA LYS A 79 -10.07 -16.62 -2.47
C LYS A 79 -9.91 -17.05 -3.92
N ASP A 80 -9.20 -16.24 -4.67
CA ASP A 80 -9.00 -16.46 -6.10
C ASP A 80 -7.52 -16.30 -6.47
N ALA A 81 -6.82 -15.43 -5.75
CA ALA A 81 -5.38 -15.24 -5.89
C ALA A 81 -5.02 -14.45 -7.15
N LEU A 82 -6.03 -14.07 -7.92
CA LEU A 82 -5.80 -13.33 -9.16
C LEU A 82 -6.45 -11.96 -9.06
N LYS A 83 -5.97 -11.01 -9.87
CA LYS A 83 -6.55 -9.66 -9.95
C LYS A 83 -6.35 -8.86 -8.64
N VAL A 84 -5.78 -9.50 -7.62
CA VAL A 84 -5.51 -8.83 -6.35
C VAL A 84 -4.61 -7.63 -6.58
N THR A 85 -5.21 -6.44 -6.50
CA THR A 85 -4.55 -5.19 -6.86
C THR A 85 -3.23 -4.98 -6.12
N ALA A 86 -3.30 -4.85 -4.80
CA ALA A 86 -2.12 -4.57 -3.98
C ALA A 86 -1.01 -5.58 -4.22
N LEU A 87 -1.37 -6.83 -4.46
CA LEU A 87 -0.39 -7.89 -4.58
C LEU A 87 0.20 -7.92 -5.98
N LYS A 88 -0.68 -7.94 -6.97
CA LYS A 88 -0.26 -8.00 -8.35
C LYS A 88 0.52 -6.75 -8.72
N LYS A 89 0.11 -5.61 -8.17
CA LYS A 89 0.76 -4.35 -8.47
C LYS A 89 2.12 -4.25 -7.80
N TYR A 90 2.24 -4.80 -6.59
CA TYR A 90 3.51 -4.79 -5.90
C TYR A 90 4.52 -5.65 -6.64
N ARG A 91 4.06 -6.77 -7.20
CA ARG A 91 4.94 -7.65 -7.97
C ARG A 91 5.15 -7.12 -9.38
N GLN A 92 4.13 -6.43 -9.89
CA GLN A 92 4.21 -5.81 -11.21
C GLN A 92 5.22 -4.66 -11.18
N LEU A 93 5.28 -3.99 -10.05
CA LEU A 93 6.21 -2.88 -9.84
C LEU A 93 7.53 -3.40 -9.28
N LEU A 94 7.50 -4.60 -8.72
CA LEU A 94 8.70 -5.24 -8.19
C LEU A 94 9.68 -5.47 -9.33
N GLU A 95 9.13 -5.89 -10.47
CA GLU A 95 9.86 -5.88 -11.72
C GLU A 95 9.65 -4.52 -12.36
N HIS A 96 10.64 -3.99 -13.04
CA HIS A 96 10.55 -2.63 -13.52
C HIS A 96 9.72 -2.54 -14.81
N HIS A 97 8.41 -2.65 -14.64
CA HIS A 97 7.45 -2.45 -15.72
C HIS A 97 6.28 -1.62 -15.22
N HIS A 98 6.42 -0.30 -15.30
CA HIS A 98 5.40 0.59 -14.78
C HIS A 98 4.46 1.03 -15.91
N HIS A 99 4.10 0.07 -16.76
CA HIS A 99 3.24 0.35 -17.90
C HIS A 99 1.78 0.42 -17.48
N HIS A 100 1.38 1.57 -16.96
CA HIS A 100 -0.01 1.82 -16.61
C HIS A 100 -0.71 2.53 -17.76
N HIS A 101 -2.00 2.74 -17.63
CA HIS A 101 -2.77 3.44 -18.64
C HIS A 101 -2.78 4.93 -18.33
N MET A 1 6.36 17.28 -8.19
CA MET A 1 6.70 17.66 -9.58
C MET A 1 7.62 16.59 -10.16
N MET A 2 7.89 16.68 -11.46
CA MET A 2 8.74 15.72 -12.17
C MET A 2 8.01 14.38 -12.34
N PHE A 3 7.48 14.15 -13.53
CA PHE A 3 6.71 12.94 -13.80
C PHE A 3 7.07 12.36 -15.15
N LEU A 4 7.31 11.06 -15.17
CA LEU A 4 7.60 10.35 -16.40
C LEU A 4 6.38 9.54 -16.85
N ARG A 5 5.26 9.76 -16.19
CA ARG A 5 4.03 9.07 -16.53
C ARG A 5 2.80 9.90 -16.12
N LYS A 6 2.62 10.11 -14.82
CA LYS A 6 1.50 10.89 -14.32
C LYS A 6 1.64 11.01 -12.80
N VAL A 7 2.23 12.10 -12.36
CA VAL A 7 2.42 12.35 -10.94
C VAL A 7 2.92 13.77 -10.69
N GLU A 8 1.98 14.69 -10.54
CA GLU A 8 2.27 16.09 -10.27
C GLU A 8 2.68 16.26 -8.81
N GLY A 9 2.16 15.39 -7.98
CA GLY A 9 2.43 15.43 -6.55
C GLY A 9 1.17 15.17 -5.76
N PRO A 10 0.55 13.99 -5.90
CA PRO A 10 -0.73 13.70 -5.28
C PRO A 10 -0.62 13.42 -3.79
N ARG A 11 -1.17 14.32 -2.99
CA ARG A 11 -1.22 14.12 -1.55
C ARG A 11 -2.22 13.01 -1.23
N SER A 12 -3.27 12.96 -2.03
CA SER A 12 -4.28 11.93 -1.91
C SER A 12 -4.24 11.01 -3.12
N VAL A 13 -4.07 9.72 -2.87
CA VAL A 13 -3.97 8.72 -3.93
C VAL A 13 -5.32 8.05 -4.14
N THR A 14 -5.55 7.57 -5.35
CA THR A 14 -6.80 6.90 -5.67
C THR A 14 -6.61 5.38 -5.68
N LEU A 15 -7.17 4.72 -4.67
CA LEU A 15 -7.08 3.27 -4.57
C LEU A 15 -7.97 2.61 -5.61
N PRO A 16 -7.73 1.31 -5.91
CA PRO A 16 -8.50 0.57 -6.91
C PRO A 16 -9.97 0.35 -6.51
N ASP A 17 -10.41 1.03 -5.46
CA ASP A 17 -11.80 1.01 -5.06
C ASP A 17 -12.51 2.24 -5.57
N GLY A 18 -11.73 3.16 -6.13
CA GLY A 18 -12.27 4.44 -6.55
C GLY A 18 -12.31 5.42 -5.40
N SER A 19 -11.60 5.09 -4.33
CA SER A 19 -11.59 5.89 -3.13
C SER A 19 -10.29 6.68 -3.02
N ILE A 20 -10.36 7.84 -2.37
CA ILE A 20 -9.18 8.66 -2.18
C ILE A 20 -8.62 8.49 -0.78
N MET A 21 -7.32 8.26 -0.71
CA MET A 21 -6.61 8.16 0.55
C MET A 21 -5.43 9.12 0.55
N THR A 22 -5.43 10.06 1.48
CA THR A 22 -4.38 11.03 1.58
C THR A 22 -3.28 10.50 2.49
N ARG A 23 -2.06 10.97 2.31
CA ARG A 23 -0.95 10.52 3.14
C ARG A 23 -1.11 11.04 4.57
N ALA A 24 -2.09 11.92 4.77
CA ALA A 24 -2.41 12.43 6.09
C ALA A 24 -3.43 11.56 6.79
N ASP A 25 -4.02 10.62 6.05
CA ASP A 25 -4.98 9.68 6.61
C ASP A 25 -4.27 8.46 7.16
N LEU A 26 -3.00 8.34 6.79
CA LEU A 26 -2.19 7.19 7.16
C LEU A 26 -1.56 7.37 8.53
N PRO A 27 -1.37 6.25 9.26
CA PRO A 27 -0.51 6.21 10.45
C PRO A 27 0.84 6.87 10.19
N PRO A 28 1.09 8.05 10.79
CA PRO A 28 2.31 8.83 10.52
C PRO A 28 3.58 8.05 10.83
N ALA A 29 3.52 7.28 11.90
CA ALA A 29 4.62 6.42 12.32
C ALA A 29 4.18 5.62 13.54
N ASN A 30 3.55 6.32 14.46
CA ASN A 30 3.09 5.71 15.69
C ASN A 30 1.63 6.05 15.93
N THR A 31 0.77 5.23 15.37
CA THR A 31 -0.65 5.28 15.69
C THR A 31 -0.82 4.86 17.15
N ARG A 32 -1.46 5.69 17.98
CA ARG A 32 -1.55 5.37 19.40
C ARG A 32 -2.54 4.23 19.65
N ARG A 33 -3.48 4.09 18.74
CA ARG A 33 -4.44 3.00 18.78
C ARG A 33 -4.61 2.40 17.39
N TRP A 34 -4.06 1.21 17.20
CA TRP A 34 -4.11 0.53 15.91
C TRP A 34 -5.37 -0.31 15.79
N VAL A 35 -6.06 -0.18 14.67
CA VAL A 35 -7.15 -1.08 14.32
C VAL A 35 -6.82 -1.79 13.03
N ALA A 36 -7.44 -2.94 12.79
CA ALA A 36 -7.13 -3.76 11.60
C ALA A 36 -7.31 -2.97 10.31
N SER A 37 -8.42 -2.24 10.22
CA SER A 37 -8.71 -1.44 9.03
C SER A 37 -7.62 -0.40 8.77
N ARG A 38 -7.01 0.10 9.84
CA ARG A 38 -5.99 1.13 9.72
C ARG A 38 -4.67 0.53 9.25
N LYS A 39 -4.45 -0.74 9.59
CA LYS A 39 -3.25 -1.45 9.16
C LYS A 39 -3.37 -1.80 7.69
N ILE A 40 -4.56 -2.20 7.29
CA ILE A 40 -4.87 -2.44 5.89
C ILE A 40 -4.64 -1.17 5.07
N ALA A 41 -4.98 -0.03 5.68
CA ALA A 41 -4.77 1.26 5.04
C ALA A 41 -3.29 1.53 4.85
N VAL A 42 -2.46 1.08 5.80
CA VAL A 42 -1.02 1.33 5.72
C VAL A 42 -0.43 0.68 4.48
N VAL A 43 -0.61 -0.63 4.33
CA VAL A 43 -0.04 -1.36 3.20
C VAL A 43 -0.53 -0.84 1.86
N ARG A 44 -1.82 -0.51 1.78
CA ARG A 44 -2.37 0.00 0.53
C ARG A 44 -1.88 1.43 0.29
N GLY A 45 -1.78 2.21 1.36
CA GLY A 45 -1.30 3.58 1.26
C GLY A 45 0.15 3.66 0.84
N VAL A 46 1.01 2.88 1.52
CA VAL A 46 2.44 2.91 1.24
C VAL A 46 2.76 2.34 -0.15
N ILE A 47 2.35 1.09 -0.37
CA ILE A 47 2.75 0.34 -1.56
C ILE A 47 2.11 0.89 -2.83
N TYR A 48 0.82 1.19 -2.76
CA TYR A 48 0.09 1.62 -3.94
C TYR A 48 0.24 3.11 -4.17
N GLY A 49 0.42 3.86 -3.09
CA GLY A 49 0.41 5.30 -3.19
C GLY A 49 1.79 5.93 -3.19
N LEU A 50 2.54 5.73 -2.13
CA LEU A 50 3.74 6.52 -1.89
C LEU A 50 5.01 5.82 -2.36
N ILE A 51 5.49 4.85 -1.59
CA ILE A 51 6.83 4.34 -1.79
C ILE A 51 6.86 2.82 -1.88
N THR A 52 8.02 2.28 -2.22
CA THR A 52 8.23 0.85 -2.28
C THR A 52 8.20 0.25 -0.88
N LEU A 53 8.07 -1.06 -0.83
CA LEU A 53 8.04 -1.78 0.42
C LEU A 53 9.34 -1.58 1.19
N ALA A 54 10.44 -1.45 0.47
CA ALA A 54 11.73 -1.26 1.12
C ALA A 54 11.71 -0.02 2.02
N GLU A 55 11.16 1.06 1.51
CA GLU A 55 11.12 2.32 2.24
C GLU A 55 10.03 2.28 3.33
N ALA A 56 8.90 1.66 3.01
CA ALA A 56 7.81 1.48 3.97
C ALA A 56 8.18 0.41 5.00
N LYS A 57 9.26 -0.30 4.77
CA LYS A 57 9.75 -1.25 5.74
C LYS A 57 10.71 -0.57 6.70
N GLN A 58 11.50 0.37 6.18
CA GLN A 58 12.42 1.14 7.02
C GLN A 58 11.64 1.99 8.00
N THR A 59 10.58 2.62 7.51
CA THR A 59 9.77 3.49 8.33
C THR A 59 8.60 2.74 8.97
N TYR A 60 7.81 2.06 8.15
CA TYR A 60 6.57 1.45 8.62
C TYR A 60 6.68 -0.07 8.75
N GLY A 61 7.91 -0.59 8.77
CA GLY A 61 8.10 -2.03 8.76
C GLY A 61 7.62 -2.74 10.01
N LEU A 62 7.49 -1.98 11.12
CA LEU A 62 7.08 -2.52 12.42
C LEU A 62 7.83 -3.81 12.76
N SER A 63 7.19 -4.94 12.47
CA SER A 63 7.84 -6.23 12.60
C SER A 63 7.42 -7.13 11.44
N ASP A 64 8.35 -7.96 10.97
CA ASP A 64 8.11 -8.84 9.82
C ASP A 64 6.80 -9.61 9.98
N GLU A 65 6.62 -10.20 11.14
CA GLU A 65 5.40 -10.96 11.45
C GLU A 65 4.14 -10.15 11.18
N GLU A 66 4.13 -8.91 11.67
CA GLU A 66 2.94 -8.08 11.56
C GLU A 66 2.70 -7.64 10.13
N PHE A 67 3.76 -7.22 9.44
CA PHE A 67 3.61 -6.69 8.09
C PHE A 67 3.07 -7.76 7.14
N ASN A 68 3.58 -8.98 7.25
CA ASN A 68 3.11 -10.09 6.43
C ASN A 68 1.67 -10.43 6.80
N SER A 69 1.34 -10.25 8.07
CA SER A 69 0.01 -10.55 8.57
C SER A 69 -1.05 -9.72 7.84
N TRP A 70 -0.74 -8.45 7.58
CA TRP A 70 -1.68 -7.56 6.90
C TRP A 70 -1.94 -8.06 5.49
N VAL A 71 -0.85 -8.30 4.75
CA VAL A 71 -0.92 -8.72 3.36
C VAL A 71 -1.62 -10.07 3.24
N SER A 72 -1.28 -10.99 4.13
CA SER A 72 -1.88 -12.33 4.12
C SER A 72 -3.36 -12.26 4.45
N ALA A 73 -3.75 -11.29 5.26
CA ALA A 73 -5.15 -11.08 5.60
C ALA A 73 -5.90 -10.47 4.42
N LEU A 74 -5.17 -9.69 3.64
CA LEU A 74 -5.71 -9.06 2.45
C LEU A 74 -5.74 -10.05 1.29
N ALA A 75 -4.95 -11.10 1.41
CA ALA A 75 -4.84 -12.12 0.38
C ALA A 75 -6.05 -13.03 0.36
N GLU A 76 -6.90 -12.90 1.39
CA GLU A 76 -8.12 -13.70 1.52
C GLU A 76 -7.78 -15.13 1.95
N HIS A 77 -6.68 -15.65 1.40
CA HIS A 77 -6.12 -16.92 1.84
C HIS A 77 -4.64 -16.71 2.10
N GLY A 78 -4.21 -17.02 3.32
CA GLY A 78 -2.82 -16.75 3.70
C GLY A 78 -1.85 -17.77 3.15
N LYS A 79 -1.86 -17.94 1.84
CA LYS A 79 -0.95 -18.87 1.17
C LYS A 79 -0.45 -18.25 -0.14
N ASP A 80 -1.39 -17.81 -0.95
CA ASP A 80 -1.09 -17.31 -2.29
C ASP A 80 -0.53 -15.90 -2.24
N ALA A 81 -1.32 -14.97 -1.74
CA ALA A 81 -0.94 -13.55 -1.62
C ALA A 81 -0.85 -12.85 -2.98
N LEU A 82 -0.93 -13.62 -4.06
CA LEU A 82 -0.87 -13.06 -5.40
C LEU A 82 -2.21 -12.40 -5.76
N LYS A 83 -3.22 -12.71 -4.97
CA LYS A 83 -4.56 -12.18 -5.18
C LYS A 83 -4.64 -10.72 -4.71
N VAL A 84 -3.71 -10.33 -3.85
CA VAL A 84 -3.68 -8.96 -3.33
C VAL A 84 -3.32 -7.98 -4.44
N THR A 85 -4.21 -7.04 -4.71
CA THR A 85 -4.01 -6.07 -5.79
C THR A 85 -2.67 -5.33 -5.64
N ALA A 86 -2.30 -5.02 -4.41
CA ALA A 86 -1.07 -4.29 -4.13
C ALA A 86 0.17 -5.18 -4.26
N LEU A 87 -0.02 -6.46 -4.03
CA LEU A 87 1.08 -7.41 -4.04
C LEU A 87 1.28 -7.91 -5.46
N LYS A 88 0.18 -8.15 -6.13
CA LYS A 88 0.17 -8.54 -7.53
C LYS A 88 0.83 -7.45 -8.37
N LYS A 89 0.58 -6.20 -8.01
CA LYS A 89 1.22 -5.08 -8.69
C LYS A 89 2.68 -4.99 -8.31
N TYR A 90 3.00 -5.34 -7.08
CA TYR A 90 4.38 -5.32 -6.61
C TYR A 90 5.22 -6.37 -7.35
N ARG A 91 4.53 -7.32 -7.99
CA ARG A 91 5.18 -8.28 -8.86
C ARG A 91 5.13 -7.81 -10.32
N GLN A 92 3.93 -7.42 -10.76
CA GLN A 92 3.69 -7.02 -12.15
C GLN A 92 4.47 -5.75 -12.53
N LEU A 93 4.63 -4.85 -11.58
CA LEU A 93 5.31 -3.57 -11.83
C LEU A 93 6.78 -3.79 -12.21
N LEU A 94 7.36 -4.85 -11.66
CA LEU A 94 8.76 -5.17 -11.92
C LEU A 94 8.90 -5.92 -13.23
N GLU A 95 8.51 -5.27 -14.30
CA GLU A 95 8.56 -5.83 -15.64
C GLU A 95 9.84 -5.37 -16.34
N HIS A 96 10.62 -6.31 -16.82
CA HIS A 96 11.86 -5.99 -17.53
C HIS A 96 11.56 -5.81 -19.02
N HIS A 97 11.59 -4.57 -19.47
CA HIS A 97 11.07 -4.22 -20.79
C HIS A 97 12.10 -4.47 -21.88
N HIS A 98 12.13 -5.70 -22.38
CA HIS A 98 13.00 -6.05 -23.49
C HIS A 98 12.46 -5.48 -24.78
N HIS A 99 13.34 -4.90 -25.59
CA HIS A 99 12.93 -4.28 -26.86
C HIS A 99 13.79 -4.76 -28.00
N HIS A 100 15.07 -4.39 -27.97
CA HIS A 100 16.00 -4.77 -29.04
C HIS A 100 16.34 -6.25 -28.94
N HIS A 101 16.28 -6.78 -27.73
CA HIS A 101 16.52 -8.18 -27.50
C HIS A 101 16.07 -8.53 -26.09
N MET A 1 -8.94 15.77 -17.47
CA MET A 1 -7.83 16.41 -18.24
C MET A 1 -6.50 15.85 -17.78
N MET A 2 -5.82 15.13 -18.69
CA MET A 2 -4.55 14.46 -18.42
C MET A 2 -4.74 13.29 -17.45
N PHE A 3 -5.21 13.58 -16.25
CA PHE A 3 -5.51 12.57 -15.27
C PHE A 3 -6.94 12.06 -15.47
N LEU A 4 -7.21 10.83 -15.05
CA LEU A 4 -8.50 10.21 -15.27
C LEU A 4 -9.60 10.88 -14.44
N ARG A 5 -9.21 11.54 -13.36
CA ARG A 5 -10.16 12.27 -12.53
C ARG A 5 -9.63 13.66 -12.24
N LYS A 6 -8.67 13.77 -11.34
CA LYS A 6 -8.05 15.05 -11.04
C LYS A 6 -6.68 14.86 -10.39
N VAL A 7 -6.65 14.77 -9.06
CA VAL A 7 -5.40 14.73 -8.29
C VAL A 7 -4.46 15.85 -8.78
N GLU A 8 -4.98 17.07 -8.77
CA GLU A 8 -4.28 18.22 -9.30
C GLU A 8 -3.47 18.91 -8.20
N GLY A 9 -4.17 19.32 -7.16
CA GLY A 9 -3.51 19.94 -6.02
C GLY A 9 -3.00 18.91 -5.02
N PRO A 10 -3.92 18.15 -4.38
CA PRO A 10 -3.55 17.12 -3.42
C PRO A 10 -3.09 15.84 -4.09
N ARG A 11 -1.92 15.36 -3.73
CA ARG A 11 -1.46 14.07 -4.21
C ARG A 11 -2.05 12.97 -3.35
N SER A 12 -3.25 12.57 -3.71
CA SER A 12 -3.98 11.54 -3.00
C SER A 12 -4.31 10.40 -3.95
N VAL A 13 -4.27 9.18 -3.44
CA VAL A 13 -4.53 8.01 -4.25
C VAL A 13 -5.91 7.43 -3.95
N THR A 14 -6.68 7.17 -5.00
CA THR A 14 -8.01 6.61 -4.84
C THR A 14 -7.96 5.08 -4.93
N LEU A 15 -8.22 4.44 -3.81
CA LEU A 15 -8.19 2.98 -3.74
C LEU A 15 -9.52 2.41 -4.21
N PRO A 16 -9.54 1.14 -4.67
CA PRO A 16 -10.77 0.48 -5.13
C PRO A 16 -11.78 0.29 -3.98
N ASP A 17 -11.38 0.67 -2.78
CA ASP A 17 -12.24 0.58 -1.61
C ASP A 17 -13.18 1.78 -1.56
N GLY A 18 -12.81 2.84 -2.27
CA GLY A 18 -13.58 4.07 -2.26
C GLY A 18 -12.92 5.10 -1.37
N SER A 19 -12.10 4.63 -0.45
CA SER A 19 -11.37 5.48 0.45
C SER A 19 -10.13 6.05 -0.25
N ILE A 20 -9.92 7.34 -0.08
CA ILE A 20 -8.75 8.00 -0.66
C ILE A 20 -7.63 8.09 0.37
N MET A 21 -6.43 7.74 -0.02
CA MET A 21 -5.30 7.76 0.88
C MET A 21 -4.38 8.94 0.57
N THR A 22 -3.96 9.61 1.62
CA THR A 22 -3.06 10.74 1.52
C THR A 22 -1.89 10.52 2.47
N ARG A 23 -0.80 11.25 2.27
CA ARG A 23 0.37 11.13 3.15
C ARG A 23 0.04 11.60 4.56
N ALA A 24 -1.11 12.26 4.70
CA ALA A 24 -1.57 12.73 6.00
C ALA A 24 -2.50 11.71 6.67
N ASP A 25 -2.89 10.69 5.92
CA ASP A 25 -3.81 9.67 6.43
C ASP A 25 -3.05 8.47 6.99
N LEU A 26 -1.76 8.44 6.70
CA LEU A 26 -0.92 7.33 7.11
C LEU A 26 -0.74 7.33 8.63
N PRO A 27 -0.75 6.14 9.25
CA PRO A 27 -0.41 5.98 10.67
C PRO A 27 1.06 6.34 10.92
N PRO A 28 1.32 7.40 11.70
CA PRO A 28 2.67 7.88 12.00
C PRO A 28 3.40 6.96 12.98
N ALA A 29 3.65 5.72 12.54
CA ALA A 29 4.36 4.71 13.32
C ALA A 29 3.52 4.20 14.50
N ASN A 30 3.05 5.11 15.32
CA ASN A 30 2.24 4.73 16.48
C ASN A 30 0.74 4.88 16.20
N THR A 31 0.36 5.98 15.54
CA THR A 31 -1.02 6.27 15.13
C THR A 31 -1.97 6.39 16.34
N ARG A 32 -1.43 6.18 17.53
CA ARG A 32 -2.15 6.33 18.80
C ARG A 32 -3.14 5.19 19.05
N ARG A 33 -3.76 4.68 17.99
CA ARG A 33 -4.65 3.54 18.10
C ARG A 33 -4.72 2.78 16.78
N TRP A 34 -4.20 1.56 16.78
CA TRP A 34 -4.22 0.72 15.59
C TRP A 34 -5.53 -0.08 15.51
N VAL A 35 -6.20 0.05 14.38
CA VAL A 35 -7.35 -0.79 14.08
C VAL A 35 -7.09 -1.54 12.78
N ALA A 36 -7.95 -2.47 12.42
CA ALA A 36 -7.76 -3.29 11.23
C ALA A 36 -7.62 -2.43 9.98
N SER A 37 -8.53 -1.48 9.81
CA SER A 37 -8.50 -0.61 8.63
C SER A 37 -7.26 0.27 8.60
N ARG A 38 -6.73 0.61 9.77
CA ARG A 38 -5.49 1.38 9.87
C ARG A 38 -4.36 0.59 9.23
N LYS A 39 -4.30 -0.70 9.54
CA LYS A 39 -3.25 -1.58 9.03
C LYS A 39 -3.38 -1.76 7.52
N ILE A 40 -4.59 -2.06 7.07
CA ILE A 40 -4.87 -2.22 5.65
C ILE A 40 -4.61 -0.93 4.89
N ALA A 41 -4.75 0.20 5.58
CA ALA A 41 -4.48 1.50 4.99
C ALA A 41 -2.98 1.70 4.78
N VAL A 42 -2.17 1.07 5.63
CA VAL A 42 -0.72 1.22 5.52
C VAL A 42 -0.21 0.52 4.27
N VAL A 43 -0.58 -0.75 4.12
CA VAL A 43 -0.15 -1.53 2.95
C VAL A 43 -0.55 -0.85 1.64
N ARG A 44 -1.83 -0.54 1.51
CA ARG A 44 -2.34 0.09 0.28
C ARG A 44 -1.78 1.49 0.12
N GLY A 45 -1.52 2.16 1.24
CA GLY A 45 -0.99 3.51 1.21
C GLY A 45 0.41 3.57 0.64
N VAL A 46 1.26 2.64 1.06
CA VAL A 46 2.65 2.64 0.60
C VAL A 46 2.78 1.99 -0.78
N ILE A 47 2.17 0.82 -0.94
CA ILE A 47 2.33 0.02 -2.15
C ILE A 47 1.69 0.68 -3.38
N TYR A 48 0.55 1.33 -3.16
CA TYR A 48 -0.17 1.94 -4.27
C TYR A 48 0.22 3.40 -4.43
N GLY A 49 0.53 4.05 -3.32
CA GLY A 49 0.73 5.48 -3.34
C GLY A 49 2.18 5.94 -3.35
N LEU A 50 2.96 5.50 -2.37
CA LEU A 50 4.25 6.13 -2.10
C LEU A 50 5.46 5.32 -2.57
N ILE A 51 5.81 4.28 -1.82
CA ILE A 51 7.12 3.64 -1.98
C ILE A 51 7.07 2.13 -1.80
N THR A 52 8.24 1.51 -1.85
CA THR A 52 8.35 0.07 -1.73
C THR A 52 8.35 -0.37 -0.26
N LEU A 53 8.41 -1.68 -0.04
CA LEU A 53 8.38 -2.24 1.30
C LEU A 53 9.59 -1.79 2.12
N ALA A 54 10.70 -1.51 1.45
CA ALA A 54 11.93 -1.12 2.14
C ALA A 54 11.72 0.18 2.94
N GLU A 55 11.27 1.22 2.25
CA GLU A 55 11.05 2.52 2.88
C GLU A 55 9.93 2.41 3.92
N ALA A 56 8.86 1.70 3.56
CA ALA A 56 7.75 1.45 4.46
C ALA A 56 8.18 0.71 5.71
N LYS A 57 9.24 -0.09 5.64
CA LYS A 57 9.71 -0.78 6.83
C LYS A 57 10.61 0.12 7.68
N GLN A 58 11.36 0.99 7.02
CA GLN A 58 12.22 1.92 7.74
C GLN A 58 11.38 2.91 8.55
N THR A 59 10.28 3.36 7.98
CA THR A 59 9.40 4.31 8.65
C THR A 59 8.23 3.60 9.34
N TYR A 60 7.50 2.79 8.59
CA TYR A 60 6.25 2.19 9.06
C TYR A 60 6.44 0.70 9.36
N GLY A 61 7.69 0.28 9.48
CA GLY A 61 8.02 -1.13 9.49
C GLY A 61 7.42 -1.95 10.60
N LEU A 62 7.08 -1.30 11.72
CA LEU A 62 6.57 -1.98 12.94
C LEU A 62 7.15 -3.39 13.11
N SER A 63 6.42 -4.39 12.65
CA SER A 63 6.92 -5.75 12.58
C SER A 63 6.73 -6.30 11.17
N ASP A 64 7.79 -6.89 10.62
CA ASP A 64 7.72 -7.48 9.27
C ASP A 64 6.64 -8.54 9.23
N GLU A 65 6.59 -9.35 10.28
CA GLU A 65 5.53 -10.36 10.46
C GLU A 65 4.15 -9.71 10.34
N GLU A 66 4.00 -8.56 10.98
CA GLU A 66 2.76 -7.80 10.98
C GLU A 66 2.38 -7.38 9.57
N PHE A 67 3.33 -6.76 8.88
CA PHE A 67 3.09 -6.26 7.52
C PHE A 67 2.65 -7.39 6.59
N ASN A 68 3.34 -8.52 6.68
CA ASN A 68 3.03 -9.69 5.85
C ASN A 68 1.65 -10.24 6.19
N SER A 69 1.24 -10.07 7.44
CA SER A 69 -0.07 -10.52 7.88
C SER A 69 -1.17 -9.73 7.17
N TRP A 70 -0.94 -8.45 6.94
CA TRP A 70 -1.91 -7.59 6.27
C TRP A 70 -2.11 -8.07 4.84
N VAL A 71 -1.00 -8.23 4.13
CA VAL A 71 -1.05 -8.69 2.74
C VAL A 71 -1.69 -10.07 2.66
N SER A 72 -1.38 -10.91 3.64
CA SER A 72 -1.94 -12.26 3.71
C SER A 72 -3.46 -12.21 3.89
N ALA A 73 -3.95 -11.24 4.66
CA ALA A 73 -5.38 -11.08 4.87
C ALA A 73 -6.03 -10.45 3.64
N LEU A 74 -5.25 -9.65 2.93
CA LEU A 74 -5.73 -8.98 1.72
C LEU A 74 -5.66 -9.91 0.52
N ALA A 75 -5.06 -11.08 0.74
CA ALA A 75 -5.05 -12.13 -0.27
C ALA A 75 -6.41 -12.81 -0.33
N GLU A 76 -7.26 -12.47 0.65
CA GLU A 76 -8.64 -12.96 0.74
C GLU A 76 -8.70 -14.42 1.18
N HIS A 77 -8.06 -15.28 0.41
CA HIS A 77 -8.08 -16.71 0.68
C HIS A 77 -6.85 -17.38 0.09
N GLY A 78 -6.19 -18.20 0.90
CA GLY A 78 -5.02 -18.92 0.43
C GLY A 78 -5.39 -19.99 -0.57
N LYS A 79 -4.68 -20.02 -1.70
CA LYS A 79 -5.01 -20.93 -2.79
C LYS A 79 -4.03 -20.74 -3.95
N ASP A 80 -3.71 -19.49 -4.24
CA ASP A 80 -2.91 -19.15 -5.40
C ASP A 80 -1.77 -18.20 -5.02
N ALA A 81 -2.15 -17.05 -4.45
CA ALA A 81 -1.21 -16.06 -3.91
C ALA A 81 -0.54 -15.23 -5.01
N LEU A 82 -0.56 -15.72 -6.25
CA LEU A 82 0.05 -15.01 -7.35
C LEU A 82 -0.95 -14.08 -8.01
N LYS A 83 -2.21 -14.49 -8.02
CA LYS A 83 -3.29 -13.70 -8.60
C LYS A 83 -3.82 -12.68 -7.61
N VAL A 84 -3.13 -12.51 -6.49
CA VAL A 84 -3.49 -11.48 -5.53
C VAL A 84 -3.20 -10.11 -6.14
N THR A 85 -4.26 -9.32 -6.31
CA THR A 85 -4.16 -8.04 -7.02
C THR A 85 -3.06 -7.14 -6.43
N ALA A 86 -3.02 -7.04 -5.11
CA ALA A 86 -2.06 -6.15 -4.46
C ALA A 86 -0.64 -6.70 -4.53
N LEU A 87 -0.50 -8.02 -4.55
CA LEU A 87 0.81 -8.66 -4.49
C LEU A 87 1.40 -8.70 -5.89
N LYS A 88 0.58 -9.14 -6.85
CA LYS A 88 0.99 -9.17 -8.23
C LYS A 88 1.38 -7.78 -8.70
N LYS A 89 0.61 -6.78 -8.27
CA LYS A 89 0.86 -5.42 -8.68
C LYS A 89 2.21 -4.95 -8.19
N TYR A 90 2.51 -5.21 -6.92
CA TYR A 90 3.78 -4.81 -6.35
C TYR A 90 4.94 -5.39 -7.15
N ARG A 91 4.83 -6.66 -7.52
CA ARG A 91 5.89 -7.33 -8.26
C ARG A 91 5.94 -6.86 -9.72
N GLN A 92 4.77 -6.74 -10.34
CA GLN A 92 4.68 -6.38 -11.76
C GLN A 92 5.01 -4.91 -11.97
N LEU A 93 4.66 -4.08 -10.99
CA LEU A 93 4.91 -2.64 -11.06
C LEU A 93 6.41 -2.35 -10.96
N LEU A 94 7.13 -3.19 -10.22
CA LEU A 94 8.56 -3.05 -10.09
C LEU A 94 9.28 -3.71 -11.25
N GLU A 95 8.53 -4.46 -12.05
CA GLU A 95 9.09 -5.19 -13.17
C GLU A 95 9.22 -4.29 -14.38
N HIS A 96 10.44 -4.18 -14.89
CA HIS A 96 10.67 -3.48 -16.15
C HIS A 96 10.36 -4.43 -17.30
N HIS A 97 9.08 -4.78 -17.40
CA HIS A 97 8.62 -5.84 -18.29
C HIS A 97 8.79 -5.49 -19.76
N HIS A 98 8.78 -4.18 -20.06
CA HIS A 98 8.92 -3.69 -21.45
C HIS A 98 7.66 -3.98 -22.26
N HIS A 99 7.10 -2.93 -22.84
CA HIS A 99 5.90 -3.06 -23.67
C HIS A 99 6.27 -3.41 -25.11
N HIS A 100 5.32 -3.99 -25.83
CA HIS A 100 5.57 -4.39 -27.21
C HIS A 100 4.29 -4.26 -28.03
N HIS A 101 4.40 -4.49 -29.33
CA HIS A 101 3.24 -4.50 -30.20
C HIS A 101 2.53 -5.83 -30.09
N MET A 1 -13.54 13.60 -15.87
CA MET A 1 -13.30 14.88 -15.17
C MET A 1 -13.95 14.87 -13.80
N MET A 2 -13.24 15.38 -12.81
CA MET A 2 -13.76 15.49 -11.46
C MET A 2 -14.03 16.95 -11.11
N PHE A 3 -12.97 17.65 -10.70
CA PHE A 3 -13.07 19.06 -10.33
C PHE A 3 -14.17 19.30 -9.30
N LEU A 4 -14.13 18.55 -8.21
CA LEU A 4 -15.12 18.67 -7.14
C LEU A 4 -15.02 20.06 -6.52
N ARG A 5 -13.81 20.45 -6.17
CA ARG A 5 -13.58 21.77 -5.59
C ARG A 5 -12.49 22.50 -6.37
N LYS A 6 -11.24 22.11 -6.14
CA LYS A 6 -10.11 22.71 -6.84
C LYS A 6 -8.90 21.79 -6.81
N VAL A 7 -7.94 22.03 -7.68
CA VAL A 7 -6.72 21.24 -7.75
C VAL A 7 -5.73 21.72 -6.69
N GLU A 8 -6.07 21.44 -5.44
CA GLU A 8 -5.24 21.80 -4.31
C GLU A 8 -5.47 20.80 -3.18
N GLY A 9 -4.57 19.86 -3.06
CA GLY A 9 -4.77 18.77 -2.14
C GLY A 9 -4.55 17.39 -2.75
N PRO A 10 -5.08 17.11 -3.97
CA PRO A 10 -4.94 15.79 -4.61
C PRO A 10 -3.50 15.35 -4.86
N ARG A 11 -2.86 14.88 -3.81
CA ARG A 11 -1.61 14.13 -3.89
C ARG A 11 -1.89 12.74 -3.37
N SER A 12 -3.14 12.35 -3.56
CA SER A 12 -3.68 11.13 -3.00
C SER A 12 -3.70 10.00 -4.02
N VAL A 13 -4.07 8.83 -3.54
CA VAL A 13 -4.18 7.65 -4.38
C VAL A 13 -5.55 6.99 -4.17
N THR A 14 -6.32 6.90 -5.23
CA THR A 14 -7.67 6.37 -5.17
C THR A 14 -7.68 4.85 -5.26
N LEU A 15 -8.48 4.21 -4.42
CA LEU A 15 -8.66 2.76 -4.46
C LEU A 15 -9.86 2.40 -5.31
N PRO A 16 -9.87 1.19 -5.92
CA PRO A 16 -11.02 0.70 -6.71
C PRO A 16 -12.32 0.72 -5.92
N ASP A 17 -12.19 0.72 -4.59
CA ASP A 17 -13.33 0.81 -3.69
C ASP A 17 -14.11 2.09 -3.94
N GLY A 18 -13.41 3.12 -4.38
CA GLY A 18 -14.05 4.41 -4.58
C GLY A 18 -13.55 5.44 -3.59
N SER A 19 -12.88 4.96 -2.56
CA SER A 19 -12.34 5.82 -1.52
C SER A 19 -10.92 6.26 -1.86
N ILE A 20 -10.62 7.52 -1.58
CA ILE A 20 -9.29 8.07 -1.81
C ILE A 20 -8.50 8.09 -0.52
N MET A 21 -7.18 8.04 -0.61
CA MET A 21 -6.34 8.09 0.57
C MET A 21 -5.17 9.02 0.37
N THR A 22 -4.96 9.91 1.34
CA THR A 22 -3.87 10.86 1.30
C THR A 22 -2.75 10.42 2.23
N ARG A 23 -1.69 11.21 2.28
CA ARG A 23 -0.60 10.99 3.23
C ARG A 23 -1.09 11.29 4.65
N ALA A 24 -2.19 12.03 4.75
CA ALA A 24 -2.74 12.41 6.05
C ALA A 24 -3.54 11.26 6.66
N ASP A 25 -4.10 10.39 5.81
CA ASP A 25 -4.86 9.24 6.28
C ASP A 25 -3.91 8.16 6.77
N LEU A 26 -2.66 8.27 6.33
CA LEU A 26 -1.64 7.30 6.67
C LEU A 26 -1.01 7.61 8.01
N PRO A 27 -0.78 6.56 8.82
CA PRO A 27 -0.03 6.63 10.08
C PRO A 27 1.25 7.46 9.93
N PRO A 28 1.41 8.52 10.75
CA PRO A 28 2.55 9.45 10.64
C PRO A 28 3.89 8.74 10.84
N ALA A 29 4.01 8.03 11.94
CA ALA A 29 5.21 7.28 12.25
C ALA A 29 4.95 6.32 13.40
N ASN A 30 4.45 6.87 14.51
CA ASN A 30 4.17 6.07 15.69
C ASN A 30 2.82 5.38 15.58
N THR A 31 1.78 6.18 15.36
CA THR A 31 0.41 5.67 15.26
C THR A 31 -0.02 5.03 16.58
N ARG A 32 -0.58 5.84 17.47
CA ARG A 32 -0.85 5.40 18.84
C ARG A 32 -2.18 4.66 18.92
N ARG A 33 -2.65 4.14 17.80
CA ARG A 33 -3.89 3.38 17.75
C ARG A 33 -3.96 2.59 16.45
N TRP A 34 -3.44 1.37 16.47
CA TRP A 34 -3.44 0.53 15.28
C TRP A 34 -4.76 -0.22 15.15
N VAL A 35 -5.69 0.40 14.46
CA VAL A 35 -7.00 -0.21 14.19
C VAL A 35 -6.98 -0.92 12.84
N ALA A 36 -7.99 -1.74 12.59
CA ALA A 36 -8.06 -2.54 11.37
C ALA A 36 -7.97 -1.64 10.13
N SER A 37 -8.71 -0.54 10.14
CA SER A 37 -8.72 0.40 9.02
C SER A 37 -7.31 0.93 8.73
N ARG A 38 -6.57 1.25 9.79
CA ARG A 38 -5.24 1.82 9.63
C ARG A 38 -4.24 0.77 9.15
N LYS A 39 -4.41 -0.46 9.58
CA LYS A 39 -3.55 -1.56 9.16
C LYS A 39 -3.61 -1.70 7.64
N ILE A 40 -4.81 -1.85 7.12
CA ILE A 40 -5.03 -1.95 5.68
C ILE A 40 -4.59 -0.66 4.99
N ALA A 41 -4.85 0.46 5.65
CA ALA A 41 -4.47 1.77 5.12
C ALA A 41 -2.98 1.84 4.83
N VAL A 42 -2.16 1.34 5.73
CA VAL A 42 -0.72 1.38 5.56
C VAL A 42 -0.30 0.56 4.35
N VAL A 43 -0.70 -0.70 4.31
CA VAL A 43 -0.27 -1.60 3.23
C VAL A 43 -0.72 -1.10 1.86
N ARG A 44 -1.97 -0.67 1.72
CA ARG A 44 -2.41 -0.13 0.43
C ARG A 44 -1.81 1.26 0.20
N GLY A 45 -1.55 1.96 1.29
CA GLY A 45 -1.05 3.31 1.19
C GLY A 45 0.39 3.37 0.72
N VAL A 46 1.20 2.44 1.21
CA VAL A 46 2.59 2.40 0.80
C VAL A 46 2.73 1.64 -0.53
N ILE A 47 2.23 0.42 -0.58
CA ILE A 47 2.41 -0.46 -1.73
C ILE A 47 1.73 0.08 -2.98
N TYR A 48 0.46 0.44 -2.86
CA TYR A 48 -0.29 0.91 -4.00
C TYR A 48 -0.13 2.42 -4.14
N GLY A 49 0.28 3.07 -3.06
CA GLY A 49 0.31 4.51 -3.03
C GLY A 49 1.69 5.12 -3.20
N LEU A 50 2.51 5.05 -2.16
CA LEU A 50 3.68 5.91 -2.05
C LEU A 50 5.00 5.20 -2.37
N ILE A 51 5.49 4.38 -1.46
CA ILE A 51 6.86 3.87 -1.56
C ILE A 51 6.91 2.34 -1.56
N THR A 52 8.11 1.81 -1.76
CA THR A 52 8.28 0.37 -1.83
C THR A 52 8.28 -0.26 -0.44
N LEU A 53 8.17 -1.57 -0.39
CA LEU A 53 8.09 -2.29 0.88
C LEU A 53 9.38 -2.16 1.66
N ALA A 54 10.50 -2.06 0.95
CA ALA A 54 11.80 -1.89 1.60
C ALA A 54 11.80 -0.63 2.45
N GLU A 55 11.29 0.44 1.87
CA GLU A 55 11.25 1.73 2.54
C GLU A 55 10.23 1.71 3.69
N ALA A 56 9.10 1.07 3.44
CA ALA A 56 8.00 1.05 4.42
C ALA A 56 8.15 -0.05 5.45
N LYS A 57 9.11 -0.95 5.27
CA LYS A 57 9.34 -1.99 6.27
C LYS A 57 10.44 -1.57 7.22
N GLN A 58 11.47 -0.93 6.70
CA GLN A 58 12.54 -0.41 7.54
C GLN A 58 12.09 0.87 8.24
N THR A 59 11.03 1.50 7.72
CA THR A 59 10.46 2.67 8.37
C THR A 59 9.18 2.28 9.15
N TYR A 60 8.13 1.88 8.44
CA TYR A 60 6.85 1.57 9.08
C TYR A 60 6.64 0.06 9.22
N GLY A 61 7.72 -0.70 9.07
CA GLY A 61 7.59 -2.15 8.99
C GLY A 61 7.23 -2.79 10.30
N LEU A 62 7.38 -2.05 11.40
CA LEU A 62 7.06 -2.53 12.74
C LEU A 62 7.81 -3.83 13.03
N SER A 63 7.16 -4.95 12.74
CA SER A 63 7.80 -6.24 12.74
C SER A 63 7.53 -6.92 11.40
N ASP A 64 8.52 -7.62 10.85
CA ASP A 64 8.41 -8.22 9.52
C ASP A 64 7.09 -8.96 9.33
N GLU A 65 6.84 -9.98 10.14
CA GLU A 65 5.64 -10.80 9.99
C GLU A 65 4.39 -10.01 10.41
N GLU A 66 4.58 -9.07 11.33
CA GLU A 66 3.51 -8.18 11.75
C GLU A 66 2.96 -7.40 10.56
N PHE A 67 3.85 -6.84 9.76
CA PHE A 67 3.47 -6.09 8.57
C PHE A 67 2.97 -7.05 7.48
N ASN A 68 3.69 -8.17 7.33
CA ASN A 68 3.32 -9.21 6.36
C ASN A 68 1.94 -9.78 6.67
N SER A 69 1.55 -9.72 7.94
CA SER A 69 0.23 -10.18 8.36
C SER A 69 -0.86 -9.35 7.71
N TRP A 70 -0.58 -8.07 7.50
CA TRP A 70 -1.55 -7.17 6.88
C TRP A 70 -1.71 -7.52 5.41
N VAL A 71 -0.58 -7.76 4.76
CA VAL A 71 -0.56 -8.10 3.34
C VAL A 71 -1.22 -9.46 3.11
N SER A 72 -0.92 -10.42 3.97
CA SER A 72 -1.45 -11.77 3.82
C SER A 72 -2.96 -11.80 4.07
N ALA A 73 -3.46 -10.84 4.85
CA ALA A 73 -4.89 -10.71 5.08
C ALA A 73 -5.55 -10.16 3.82
N LEU A 74 -4.81 -9.31 3.12
CA LEU A 74 -5.27 -8.71 1.87
C LEU A 74 -5.01 -9.66 0.70
N ALA A 75 -4.19 -10.67 0.93
CA ALA A 75 -3.90 -11.68 -0.07
C ALA A 75 -5.02 -12.68 -0.16
N GLU A 76 -5.79 -12.79 0.91
CA GLU A 76 -6.92 -13.71 1.01
C GLU A 76 -6.43 -15.16 1.10
N HIS A 77 -5.84 -15.63 0.01
CA HIS A 77 -5.40 -17.01 -0.08
C HIS A 77 -3.93 -17.14 0.32
N GLY A 78 -3.21 -16.03 0.27
CA GLY A 78 -1.84 -16.01 0.78
C GLY A 78 -0.80 -16.37 -0.27
N LYS A 79 -0.65 -17.66 -0.51
CA LYS A 79 0.41 -18.17 -1.39
C LYS A 79 0.16 -17.77 -2.84
N ASP A 80 -1.11 -17.54 -3.17
CA ASP A 80 -1.52 -17.10 -4.50
C ASP A 80 -1.24 -15.61 -4.68
N ALA A 81 -0.17 -15.13 -4.05
CA ALA A 81 0.18 -13.72 -4.04
C ALA A 81 0.46 -13.20 -5.44
N LEU A 82 0.69 -14.11 -6.37
CA LEU A 82 0.95 -13.74 -7.76
C LEU A 82 -0.32 -13.24 -8.44
N LYS A 83 -1.47 -13.65 -7.89
CA LYS A 83 -2.76 -13.26 -8.42
C LYS A 83 -3.44 -12.24 -7.49
N VAL A 84 -2.78 -11.96 -6.38
CA VAL A 84 -3.30 -11.00 -5.40
C VAL A 84 -3.09 -9.58 -5.91
N THR A 85 -4.17 -8.82 -5.98
CA THR A 85 -4.15 -7.47 -6.52
C THR A 85 -3.03 -6.63 -5.92
N ALA A 86 -3.02 -6.48 -4.59
CA ALA A 86 -2.06 -5.62 -3.91
C ALA A 86 -0.61 -6.03 -4.16
N LEU A 87 -0.37 -7.34 -4.27
CA LEU A 87 0.98 -7.85 -4.40
C LEU A 87 1.38 -7.81 -5.86
N LYS A 88 0.44 -8.16 -6.72
CA LYS A 88 0.64 -8.08 -8.16
C LYS A 88 0.96 -6.64 -8.57
N LYS A 89 0.33 -5.68 -7.90
CA LYS A 89 0.62 -4.27 -8.16
C LYS A 89 2.04 -3.94 -7.76
N TYR A 90 2.43 -4.39 -6.57
CA TYR A 90 3.76 -4.11 -6.04
C TYR A 90 4.85 -4.68 -6.95
N ARG A 91 4.71 -5.94 -7.32
CA ARG A 91 5.75 -6.60 -8.11
C ARG A 91 5.77 -6.05 -9.54
N GLN A 92 4.61 -5.74 -10.09
CA GLN A 92 4.52 -5.17 -11.43
C GLN A 92 5.17 -3.79 -11.44
N LEU A 93 4.96 -3.05 -10.37
CA LEU A 93 5.54 -1.72 -10.22
C LEU A 93 7.03 -1.80 -9.92
N LEU A 94 7.47 -2.96 -9.41
CA LEU A 94 8.88 -3.20 -9.14
C LEU A 94 9.63 -3.49 -10.44
N GLU A 95 8.91 -3.99 -11.42
CA GLU A 95 9.45 -4.21 -12.74
C GLU A 95 9.49 -2.87 -13.48
N HIS A 96 8.83 -2.79 -14.63
CA HIS A 96 8.63 -1.52 -15.31
C HIS A 96 7.66 -1.69 -16.47
N HIS A 97 8.08 -2.45 -17.49
CA HIS A 97 7.32 -2.61 -18.72
C HIS A 97 7.90 -3.76 -19.53
N HIS A 98 7.46 -4.97 -19.23
CA HIS A 98 7.99 -6.17 -19.89
C HIS A 98 6.87 -7.19 -20.08
N HIS A 99 6.81 -7.80 -21.25
CA HIS A 99 5.78 -8.81 -21.52
C HIS A 99 6.39 -10.20 -21.65
N HIS A 100 5.55 -11.21 -21.72
CA HIS A 100 6.00 -12.58 -21.97
C HIS A 100 4.91 -13.36 -22.70
N HIS A 101 4.92 -13.25 -24.02
CA HIS A 101 3.92 -13.93 -24.85
C HIS A 101 4.32 -13.80 -26.32
N MET A 1 -12.24 24.93 1.80
CA MET A 1 -11.78 25.54 0.53
C MET A 1 -10.99 24.54 -0.28
N MET A 2 -10.93 24.77 -1.59
CA MET A 2 -10.12 23.95 -2.49
C MET A 2 -8.75 24.59 -2.69
N PHE A 3 -8.46 25.57 -1.85
CA PHE A 3 -7.26 26.39 -1.95
C PHE A 3 -7.28 27.23 -3.22
N LEU A 4 -6.96 26.60 -4.34
CA LEU A 4 -6.95 27.25 -5.64
C LEU A 4 -6.50 26.25 -6.70
N ARG A 5 -5.50 25.46 -6.34
CA ARG A 5 -4.92 24.46 -7.22
C ARG A 5 -5.71 23.15 -7.16
N LYS A 6 -6.45 22.97 -6.06
CA LYS A 6 -7.23 21.76 -5.80
C LYS A 6 -6.31 20.57 -5.48
N VAL A 7 -6.64 19.86 -4.41
CA VAL A 7 -5.90 18.67 -4.03
C VAL A 7 -6.62 17.43 -4.55
N GLU A 8 -6.33 17.07 -5.79
CA GLU A 8 -6.95 15.91 -6.42
C GLU A 8 -5.88 14.97 -6.97
N GLY A 9 -4.64 15.29 -6.65
CA GLY A 9 -3.51 14.53 -7.16
C GLY A 9 -2.30 14.63 -6.24
N PRO A 10 -1.77 15.85 -6.02
CA PRO A 10 -0.63 16.09 -5.13
C PRO A 10 -0.75 15.42 -3.76
N ARG A 11 0.01 14.34 -3.59
CA ARG A 11 0.07 13.59 -2.33
C ARG A 11 -1.29 13.00 -1.98
N SER A 12 -2.23 13.10 -2.90
CA SER A 12 -3.57 12.58 -2.68
C SER A 12 -3.91 11.51 -3.72
N VAL A 13 -4.06 10.27 -3.26
CA VAL A 13 -4.42 9.18 -4.15
C VAL A 13 -5.88 8.80 -3.97
N THR A 14 -6.57 8.59 -5.07
CA THR A 14 -7.94 8.10 -5.01
C THR A 14 -7.96 6.59 -5.22
N LEU A 15 -8.21 5.86 -4.14
CA LEU A 15 -8.22 4.41 -4.19
C LEU A 15 -9.43 3.90 -4.96
N PRO A 16 -9.37 2.66 -5.47
CA PRO A 16 -10.54 1.99 -6.08
C PRO A 16 -11.60 1.70 -5.02
N ASP A 17 -11.26 2.02 -3.79
CA ASP A 17 -12.16 1.93 -2.66
C ASP A 17 -13.25 2.99 -2.77
N GLY A 18 -12.83 4.18 -3.17
CA GLY A 18 -13.72 5.32 -3.16
C GLY A 18 -13.21 6.37 -2.20
N SER A 19 -12.54 5.91 -1.16
CA SER A 19 -11.92 6.80 -0.19
C SER A 19 -10.59 7.33 -0.75
N ILE A 20 -10.27 8.57 -0.40
CA ILE A 20 -9.00 9.15 -0.81
C ILE A 20 -8.01 9.11 0.34
N MET A 21 -6.73 8.96 0.02
CA MET A 21 -5.70 8.94 1.03
C MET A 21 -4.62 9.95 0.72
N THR A 22 -4.41 10.86 1.64
CA THR A 22 -3.33 11.82 1.54
C THR A 22 -2.21 11.44 2.49
N ARG A 23 -1.15 12.25 2.52
CA ARG A 23 0.00 11.99 3.38
C ARG A 23 -0.42 11.96 4.86
N ALA A 24 -1.53 12.63 5.18
CA ALA A 24 -2.00 12.72 6.55
C ALA A 24 -3.10 11.70 6.86
N ASP A 25 -3.62 11.04 5.84
CA ASP A 25 -4.70 10.07 6.02
C ASP A 25 -4.18 8.78 6.61
N LEU A 26 -2.97 8.42 6.25
CA LEU A 26 -2.37 7.17 6.74
C LEU A 26 -1.70 7.39 8.09
N PRO A 27 -1.52 6.31 8.86
CA PRO A 27 -0.86 6.36 10.16
C PRO A 27 0.67 6.33 10.03
N PRO A 28 1.32 7.47 10.27
CA PRO A 28 2.78 7.61 10.13
C PRO A 28 3.52 7.02 11.32
N ALA A 29 3.37 5.71 11.50
CA ALA A 29 3.99 4.96 12.61
C ALA A 29 3.35 5.30 13.95
N ASN A 30 3.30 6.58 14.29
CA ASN A 30 2.71 7.01 15.53
C ASN A 30 1.26 7.42 15.32
N THR A 31 0.42 6.43 15.15
CA THR A 31 -1.01 6.65 15.12
C THR A 31 -1.58 6.51 16.54
N ARG A 32 -2.87 6.73 16.70
CA ARG A 32 -3.50 6.59 18.01
C ARG A 32 -3.72 5.11 18.34
N ARG A 33 -4.26 4.37 17.39
CA ARG A 33 -4.53 2.95 17.60
C ARG A 33 -4.39 2.17 16.31
N TRP A 34 -3.61 1.10 16.35
CA TRP A 34 -3.40 0.25 15.19
C TRP A 34 -4.55 -0.74 15.01
N VAL A 35 -5.70 -0.25 14.61
CA VAL A 35 -6.83 -1.11 14.32
C VAL A 35 -6.64 -1.77 12.95
N ALA A 36 -7.41 -2.82 12.68
CA ALA A 36 -7.30 -3.55 11.42
C ALA A 36 -7.50 -2.63 10.23
N SER A 37 -8.45 -1.71 10.36
CA SER A 37 -8.74 -0.76 9.30
C SER A 37 -7.52 0.08 8.93
N ARG A 38 -6.74 0.47 9.95
CA ARG A 38 -5.55 1.28 9.71
C ARG A 38 -4.43 0.44 9.16
N LYS A 39 -4.34 -0.81 9.59
CA LYS A 39 -3.35 -1.74 9.06
C LYS A 39 -3.51 -1.88 7.55
N ILE A 40 -4.74 -2.13 7.12
CA ILE A 40 -5.07 -2.25 5.71
C ILE A 40 -4.79 -0.93 4.98
N ALA A 41 -5.04 0.18 5.67
CA ALA A 41 -4.79 1.50 5.10
C ALA A 41 -3.31 1.71 4.84
N VAL A 42 -2.47 1.18 5.73
CA VAL A 42 -1.03 1.33 5.56
C VAL A 42 -0.57 0.67 4.26
N VAL A 43 -0.89 -0.62 4.10
CA VAL A 43 -0.47 -1.35 2.91
C VAL A 43 -1.08 -0.76 1.64
N ARG A 44 -2.29 -0.23 1.73
CA ARG A 44 -2.90 0.48 0.60
C ARG A 44 -2.09 1.73 0.28
N GLY A 45 -1.87 2.56 1.29
CA GLY A 45 -1.23 3.83 1.10
C GLY A 45 0.21 3.73 0.67
N VAL A 46 0.97 2.81 1.27
CA VAL A 46 2.38 2.68 0.94
C VAL A 46 2.57 2.08 -0.46
N ILE A 47 2.00 0.91 -0.68
CA ILE A 47 2.25 0.15 -1.91
C ILE A 47 1.64 0.84 -3.12
N TYR A 48 0.34 1.08 -3.06
CA TYR A 48 -0.38 1.62 -4.21
C TYR A 48 -0.14 3.12 -4.33
N GLY A 49 0.15 3.77 -3.22
CA GLY A 49 0.20 5.21 -3.22
C GLY A 49 1.59 5.82 -3.31
N LEU A 50 2.41 5.59 -2.29
CA LEU A 50 3.60 6.41 -2.10
C LEU A 50 4.90 5.70 -2.49
N ILE A 51 5.34 4.78 -1.65
CA ILE A 51 6.72 4.30 -1.72
C ILE A 51 6.81 2.78 -1.86
N THR A 52 8.03 2.30 -2.00
CA THR A 52 8.30 0.88 -2.06
C THR A 52 8.35 0.29 -0.65
N LEU A 53 8.45 -1.03 -0.57
CA LEU A 53 8.49 -1.71 0.72
C LEU A 53 9.76 -1.35 1.51
N ALA A 54 10.82 -0.97 0.79
CA ALA A 54 12.07 -0.59 1.44
C ALA A 54 11.85 0.59 2.39
N GLU A 55 11.18 1.61 1.88
CA GLU A 55 10.86 2.80 2.68
C GLU A 55 9.85 2.45 3.77
N ALA A 56 8.81 1.71 3.37
CA ALA A 56 7.73 1.34 4.29
C ALA A 56 8.17 0.34 5.32
N LYS A 57 9.34 -0.26 5.15
CA LYS A 57 9.86 -1.19 6.15
C LYS A 57 10.68 -0.42 7.18
N GLN A 58 11.45 0.55 6.72
CA GLN A 58 12.25 1.38 7.60
C GLN A 58 11.35 2.17 8.56
N THR A 59 10.32 2.78 8.02
CA THR A 59 9.43 3.60 8.81
C THR A 59 8.23 2.80 9.34
N TYR A 60 7.54 2.09 8.44
CA TYR A 60 6.30 1.41 8.81
C TYR A 60 6.49 -0.09 8.94
N GLY A 61 7.73 -0.55 9.05
CA GLY A 61 8.03 -1.96 9.01
C GLY A 61 7.47 -2.74 10.20
N LEU A 62 7.38 -2.07 11.36
CA LEU A 62 6.93 -2.69 12.61
C LEU A 62 7.57 -4.06 12.83
N SER A 63 6.86 -5.10 12.43
CA SER A 63 7.40 -6.45 12.42
C SER A 63 7.04 -7.10 11.10
N ASP A 64 7.91 -7.93 10.55
CA ASP A 64 7.63 -8.57 9.28
C ASP A 64 6.41 -9.48 9.41
N GLU A 65 6.25 -10.08 10.59
CA GLU A 65 5.09 -10.89 10.91
C GLU A 65 3.82 -10.03 10.82
N GLU A 66 3.88 -8.87 11.45
CA GLU A 66 2.77 -7.92 11.45
C GLU A 66 2.43 -7.48 10.02
N PHE A 67 3.44 -7.04 9.29
CA PHE A 67 3.23 -6.49 7.96
C PHE A 67 2.68 -7.56 7.01
N ASN A 68 3.24 -8.76 7.10
CA ASN A 68 2.81 -9.86 6.23
C ASN A 68 1.38 -10.24 6.53
N SER A 69 0.97 -10.12 7.79
CA SER A 69 -0.37 -10.51 8.20
C SER A 69 -1.41 -9.66 7.47
N TRP A 70 -1.07 -8.39 7.22
CA TRP A 70 -1.99 -7.48 6.54
C TRP A 70 -2.18 -7.92 5.09
N VAL A 71 -1.06 -8.08 4.39
CA VAL A 71 -1.06 -8.38 2.96
C VAL A 71 -1.68 -9.76 2.69
N SER A 72 -1.32 -10.75 3.49
CA SER A 72 -1.78 -12.11 3.27
C SER A 72 -3.28 -12.24 3.57
N ALA A 73 -3.77 -11.45 4.51
CA ALA A 73 -5.19 -11.44 4.83
C ALA A 73 -5.98 -10.76 3.72
N LEU A 74 -5.31 -9.86 3.02
CA LEU A 74 -5.90 -9.13 1.91
C LEU A 74 -5.85 -9.96 0.63
N ALA A 75 -4.85 -10.83 0.55
CA ALA A 75 -4.64 -11.65 -0.63
C ALA A 75 -5.40 -12.95 -0.55
N GLU A 76 -5.66 -13.38 0.69
CA GLU A 76 -6.43 -14.61 0.97
C GLU A 76 -5.61 -15.86 0.62
N HIS A 77 -4.49 -15.65 -0.06
CA HIS A 77 -3.59 -16.73 -0.44
C HIS A 77 -2.15 -16.31 -0.18
N GLY A 78 -1.49 -17.02 0.71
CA GLY A 78 -0.13 -16.67 1.06
C GLY A 78 0.81 -17.86 1.00
N LYS A 79 0.92 -18.49 -0.15
CA LYS A 79 1.81 -19.63 -0.33
C LYS A 79 2.74 -19.40 -1.51
N ASP A 80 2.13 -19.37 -2.69
CA ASP A 80 2.84 -19.25 -3.96
C ASP A 80 3.62 -17.95 -4.05
N ALA A 81 3.10 -16.93 -3.37
CA ALA A 81 3.69 -15.58 -3.35
C ALA A 81 3.35 -14.84 -4.64
N LEU A 82 3.23 -15.59 -5.72
CA LEU A 82 2.86 -15.05 -7.01
C LEU A 82 1.35 -14.98 -7.13
N LYS A 83 0.68 -15.65 -6.20
CA LYS A 83 -0.77 -15.64 -6.13
C LYS A 83 -1.25 -14.68 -5.05
N VAL A 84 -0.31 -13.90 -4.53
CA VAL A 84 -0.63 -12.86 -3.56
C VAL A 84 -1.03 -11.59 -4.30
N THR A 85 -2.29 -11.20 -4.17
CA THR A 85 -2.86 -10.07 -4.89
C THR A 85 -1.92 -8.85 -4.92
N ALA A 86 -1.56 -8.36 -3.74
CA ALA A 86 -0.77 -7.13 -3.64
C ALA A 86 0.68 -7.35 -4.03
N LEU A 87 1.13 -8.59 -3.99
CA LEU A 87 2.53 -8.90 -4.25
C LEU A 87 2.74 -9.13 -5.73
N LYS A 88 1.81 -9.84 -6.34
CA LYS A 88 1.85 -10.09 -7.78
C LYS A 88 1.80 -8.76 -8.52
N LYS A 89 0.99 -7.84 -8.02
CA LYS A 89 0.88 -6.52 -8.63
C LYS A 89 2.13 -5.71 -8.37
N TYR A 90 2.71 -5.87 -7.19
CA TYR A 90 3.95 -5.18 -6.81
C TYR A 90 5.12 -5.72 -7.66
N ARG A 91 4.88 -6.84 -8.32
CA ARG A 91 5.87 -7.41 -9.22
C ARG A 91 5.57 -7.02 -10.68
N GLN A 92 4.33 -7.24 -11.09
CA GLN A 92 3.93 -7.02 -12.47
C GLN A 92 3.92 -5.55 -12.85
N LEU A 93 3.62 -4.69 -11.89
CA LEU A 93 3.55 -3.25 -12.13
C LEU A 93 4.91 -2.68 -12.49
N LEU A 94 5.97 -3.33 -12.02
CA LEU A 94 7.32 -2.83 -12.18
C LEU A 94 7.96 -3.30 -13.48
N GLU A 95 7.15 -3.85 -14.39
CA GLU A 95 7.65 -4.20 -15.71
C GLU A 95 8.06 -2.93 -16.44
N HIS A 96 9.37 -2.71 -16.55
CA HIS A 96 9.90 -1.49 -17.15
C HIS A 96 9.70 -1.53 -18.66
N HIS A 97 9.66 -2.73 -19.22
CA HIS A 97 9.44 -2.90 -20.65
C HIS A 97 7.96 -2.99 -20.96
N HIS A 98 7.27 -1.86 -20.87
CA HIS A 98 5.82 -1.84 -21.09
C HIS A 98 5.47 -1.81 -22.57
N HIS A 99 6.49 -1.80 -23.43
CA HIS A 99 6.24 -1.92 -24.85
C HIS A 99 5.77 -3.34 -25.14
N HIS A 100 6.41 -4.29 -24.44
CA HIS A 100 6.04 -5.71 -24.45
C HIS A 100 5.87 -6.25 -25.88
N HIS A 101 4.65 -6.21 -26.39
CA HIS A 101 4.39 -6.58 -27.77
C HIS A 101 3.07 -5.98 -28.23
N MET A 1 -11.86 32.31 -8.64
CA MET A 1 -12.83 31.61 -7.77
C MET A 1 -12.14 31.12 -6.51
N MET A 2 -12.92 30.64 -5.54
CA MET A 2 -12.34 30.05 -4.34
C MET A 2 -12.08 28.57 -4.57
N PHE A 3 -11.16 28.00 -3.81
CA PHE A 3 -10.91 26.58 -3.88
C PHE A 3 -12.06 25.84 -3.18
N LEU A 4 -12.59 24.83 -3.86
CA LEU A 4 -13.73 24.08 -3.36
C LEU A 4 -13.37 23.28 -2.11
N ARG A 5 -14.37 22.66 -1.49
CA ARG A 5 -14.18 21.96 -0.23
C ARG A 5 -13.66 20.54 -0.47
N LYS A 6 -12.54 20.49 -1.18
CA LYS A 6 -11.85 19.26 -1.48
C LYS A 6 -10.39 19.42 -1.08
N VAL A 7 -10.13 20.52 -0.38
CA VAL A 7 -8.77 20.92 -0.04
C VAL A 7 -8.30 20.25 1.26
N GLU A 8 -8.92 19.12 1.57
CA GLU A 8 -8.54 18.32 2.73
C GLU A 8 -7.11 17.83 2.55
N GLY A 9 -6.75 17.63 1.29
CA GLY A 9 -5.42 17.18 0.93
C GLY A 9 -5.41 16.65 -0.49
N PRO A 10 -5.50 17.55 -1.49
CA PRO A 10 -5.68 17.18 -2.90
C PRO A 10 -4.62 16.22 -3.44
N ARG A 11 -3.48 16.15 -2.76
CA ARG A 11 -2.46 15.18 -3.14
C ARG A 11 -2.85 13.81 -2.60
N SER A 12 -3.98 13.31 -3.09
CA SER A 12 -4.55 12.06 -2.62
C SER A 12 -4.52 10.98 -3.69
N VAL A 13 -4.49 9.73 -3.24
CA VAL A 13 -4.60 8.59 -4.12
C VAL A 13 -6.00 8.02 -4.04
N THR A 14 -6.55 7.65 -5.18
CA THR A 14 -7.89 7.08 -5.23
C THR A 14 -7.81 5.57 -5.37
N LEU A 15 -8.32 4.86 -4.38
CA LEU A 15 -8.34 3.40 -4.39
C LEU A 15 -9.50 2.91 -5.25
N PRO A 16 -9.32 1.78 -5.96
CA PRO A 16 -10.35 1.22 -6.85
C PRO A 16 -11.60 0.79 -6.10
N ASP A 17 -11.53 0.84 -4.77
CA ASP A 17 -12.65 0.50 -3.91
C ASP A 17 -13.64 1.66 -3.86
N GLY A 18 -13.16 2.85 -4.20
CA GLY A 18 -13.98 4.04 -4.10
C GLY A 18 -13.71 4.80 -2.82
N SER A 19 -12.44 5.12 -2.59
CA SER A 19 -12.02 5.83 -1.40
C SER A 19 -10.70 6.53 -1.67
N ILE A 20 -10.49 7.67 -1.03
CA ILE A 20 -9.26 8.43 -1.22
C ILE A 20 -8.42 8.43 0.05
N MET A 21 -7.11 8.36 -0.15
CA MET A 21 -6.17 8.41 0.96
C MET A 21 -5.02 9.34 0.62
N THR A 22 -4.54 10.06 1.62
CA THR A 22 -3.38 10.93 1.45
C THR A 22 -2.51 10.89 2.71
N ARG A 23 -1.44 11.68 2.70
CA ARG A 23 -0.46 11.69 3.78
C ARG A 23 -1.05 12.13 5.12
N ALA A 24 -2.32 12.52 5.11
CA ALA A 24 -3.01 12.91 6.34
C ALA A 24 -3.78 11.73 6.92
N ASP A 25 -3.93 10.68 6.12
CA ASP A 25 -4.70 9.50 6.53
C ASP A 25 -3.79 8.40 7.01
N LEU A 26 -2.49 8.67 6.99
CA LEU A 26 -1.49 7.68 7.35
C LEU A 26 -1.30 7.62 8.86
N PRO A 27 -1.15 6.40 9.41
CA PRO A 27 -0.79 6.18 10.81
C PRO A 27 0.44 6.99 11.21
N PRO A 28 0.27 7.94 12.15
CA PRO A 28 1.34 8.82 12.61
C PRO A 28 2.46 8.08 13.35
N ALA A 29 3.27 7.34 12.59
CA ALA A 29 4.42 6.61 13.12
C ALA A 29 4.00 5.51 14.08
N ASN A 30 3.56 5.90 15.28
CA ASN A 30 3.17 4.94 16.30
C ASN A 30 1.66 4.75 16.31
N THR A 31 0.93 5.80 15.89
CA THR A 31 -0.53 5.76 15.89
C THR A 31 -1.04 5.61 17.34
N ARG A 32 -2.32 5.30 17.50
CA ARG A 32 -2.88 5.01 18.82
C ARG A 32 -3.42 3.59 18.84
N ARG A 33 -4.40 3.34 18.00
CA ARG A 33 -4.94 2.00 17.84
C ARG A 33 -4.86 1.57 16.38
N TRP A 34 -4.33 0.38 16.17
CA TRP A 34 -4.17 -0.16 14.84
C TRP A 34 -5.39 -0.99 14.46
N VAL A 35 -6.43 -0.31 13.99
CA VAL A 35 -7.62 -1.00 13.52
C VAL A 35 -7.34 -1.69 12.18
N ALA A 36 -8.14 -2.70 11.87
CA ALA A 36 -7.91 -3.52 10.67
C ALA A 36 -7.81 -2.65 9.43
N SER A 37 -8.72 -1.70 9.28
CA SER A 37 -8.76 -0.82 8.14
C SER A 37 -7.48 0.02 8.05
N ARG A 38 -6.92 0.37 9.20
CA ARG A 38 -5.71 1.21 9.25
C ARG A 38 -4.46 0.38 8.96
N LYS A 39 -4.49 -0.88 9.35
CA LYS A 39 -3.40 -1.82 9.02
C LYS A 39 -3.35 -1.99 7.50
N ILE A 40 -4.51 -2.28 6.92
CA ILE A 40 -4.66 -2.39 5.49
C ILE A 40 -4.32 -1.06 4.81
N ALA A 41 -4.62 0.03 5.50
CA ALA A 41 -4.35 1.37 4.99
C ALA A 41 -2.85 1.59 4.85
N VAL A 42 -2.05 0.94 5.70
CA VAL A 42 -0.61 1.06 5.60
C VAL A 42 -0.12 0.37 4.35
N VAL A 43 -0.53 -0.88 4.15
CA VAL A 43 -0.13 -1.62 2.95
C VAL A 43 -0.68 -0.97 1.68
N ARG A 44 -1.90 -0.44 1.76
CA ARG A 44 -2.48 0.29 0.64
C ARG A 44 -1.71 1.58 0.36
N GLY A 45 -1.45 2.32 1.44
CA GLY A 45 -0.82 3.64 1.32
C GLY A 45 0.60 3.58 0.77
N VAL A 46 1.35 2.56 1.15
CA VAL A 46 2.72 2.46 0.67
C VAL A 46 2.78 1.86 -0.74
N ILE A 47 2.29 0.63 -0.88
CA ILE A 47 2.43 -0.13 -2.13
C ILE A 47 1.75 0.56 -3.31
N TYR A 48 0.49 0.93 -3.13
CA TYR A 48 -0.28 1.53 -4.21
C TYR A 48 -0.12 3.03 -4.22
N GLY A 49 0.29 3.59 -3.09
CA GLY A 49 0.32 5.02 -2.93
C GLY A 49 1.70 5.64 -3.11
N LEU A 50 2.56 5.47 -2.11
CA LEU A 50 3.76 6.29 -2.02
C LEU A 50 5.04 5.55 -2.40
N ILE A 51 5.53 4.70 -1.51
CA ILE A 51 6.88 4.16 -1.65
C ILE A 51 6.91 2.64 -1.54
N THR A 52 8.09 2.08 -1.77
CA THR A 52 8.29 0.65 -1.70
C THR A 52 8.44 0.18 -0.26
N LEU A 53 8.36 -1.14 -0.06
CA LEU A 53 8.46 -1.72 1.26
C LEU A 53 9.80 -1.43 1.91
N ALA A 54 10.84 -1.24 1.08
CA ALA A 54 12.17 -0.94 1.59
C ALA A 54 12.15 0.28 2.50
N GLU A 55 11.69 1.41 1.95
CA GLU A 55 11.63 2.65 2.70
C GLU A 55 10.72 2.50 3.92
N ALA A 56 9.63 1.76 3.73
CA ALA A 56 8.70 1.48 4.82
C ALA A 56 9.37 0.69 5.92
N LYS A 57 10.21 -0.27 5.59
CA LYS A 57 10.92 -1.04 6.62
C LYS A 57 11.74 -0.12 7.52
N GLN A 58 12.53 0.74 6.89
CA GLN A 58 13.44 1.62 7.60
C GLN A 58 12.72 2.52 8.61
N THR A 59 11.59 3.08 8.20
CA THR A 59 10.85 3.99 9.08
C THR A 59 9.64 3.30 9.75
N TYR A 60 8.81 2.67 8.95
CA TYR A 60 7.54 2.11 9.41
C TYR A 60 7.58 0.59 9.53
N GLY A 61 8.77 0.01 9.56
CA GLY A 61 8.95 -1.43 9.44
C GLY A 61 8.21 -2.26 10.46
N LEU A 62 7.90 -1.68 11.62
CA LEU A 62 7.27 -2.38 12.76
C LEU A 62 7.86 -3.78 12.97
N SER A 63 7.25 -4.78 12.36
CA SER A 63 7.75 -6.15 12.39
C SER A 63 7.41 -6.87 11.09
N ASP A 64 8.29 -7.77 10.68
CA ASP A 64 8.13 -8.52 9.43
C ASP A 64 6.80 -9.26 9.43
N GLU A 65 6.54 -9.99 10.51
CA GLU A 65 5.30 -10.75 10.66
C GLU A 65 4.09 -9.83 10.72
N GLU A 66 4.26 -8.68 11.34
CA GLU A 66 3.19 -7.68 11.41
C GLU A 66 2.76 -7.29 10.00
N PHE A 67 3.72 -6.95 9.16
CA PHE A 67 3.43 -6.56 7.79
C PHE A 67 2.83 -7.76 7.04
N ASN A 68 3.37 -8.95 7.31
CA ASN A 68 2.86 -10.18 6.71
C ASN A 68 1.41 -10.43 7.08
N SER A 69 1.06 -10.12 8.32
CA SER A 69 -0.29 -10.37 8.82
C SER A 69 -1.32 -9.55 8.05
N TRP A 70 -0.93 -8.35 7.60
CA TRP A 70 -1.83 -7.49 6.86
C TRP A 70 -2.09 -8.09 5.48
N VAL A 71 -1.01 -8.44 4.80
CA VAL A 71 -1.10 -9.02 3.47
C VAL A 71 -1.79 -10.38 3.52
N SER A 72 -1.53 -11.14 4.59
CA SER A 72 -2.14 -12.46 4.76
C SER A 72 -3.65 -12.35 4.88
N ALA A 73 -4.13 -11.28 5.50
CA ALA A 73 -5.56 -11.07 5.63
C ALA A 73 -6.17 -10.65 4.29
N LEU A 74 -5.40 -9.88 3.53
CA LEU A 74 -5.85 -9.38 2.24
C LEU A 74 -5.79 -10.48 1.19
N ALA A 75 -4.82 -11.37 1.34
CA ALA A 75 -4.65 -12.47 0.42
C ALA A 75 -5.46 -13.68 0.85
N GLU A 76 -6.26 -13.50 1.90
CA GLU A 76 -7.12 -14.56 2.42
C GLU A 76 -6.32 -15.81 2.72
N HIS A 77 -5.26 -15.64 3.52
CA HIS A 77 -4.37 -16.73 3.95
C HIS A 77 -3.50 -17.21 2.80
N GLY A 78 -3.50 -16.46 1.71
CA GLY A 78 -2.72 -16.84 0.55
C GLY A 78 -3.47 -17.79 -0.36
N LYS A 79 -4.67 -17.37 -0.75
CA LYS A 79 -5.54 -18.18 -1.59
C LYS A 79 -4.92 -18.43 -2.97
N ASP A 80 -4.06 -17.51 -3.40
CA ASP A 80 -3.35 -17.65 -4.67
C ASP A 80 -2.14 -16.73 -4.71
N ALA A 81 -2.31 -15.51 -4.21
CA ALA A 81 -1.24 -14.52 -4.12
C ALA A 81 -0.76 -14.09 -5.51
N LEU A 82 -1.52 -14.45 -6.53
CA LEU A 82 -1.17 -14.14 -7.91
C LEU A 82 -2.23 -13.28 -8.57
N LYS A 83 -3.47 -13.43 -8.12
CA LYS A 83 -4.58 -12.67 -8.66
C LYS A 83 -4.87 -11.45 -7.79
N VAL A 84 -4.30 -11.44 -6.60
CA VAL A 84 -4.48 -10.34 -5.67
C VAL A 84 -3.90 -9.05 -6.25
N THR A 85 -4.76 -8.07 -6.46
CA THR A 85 -4.40 -6.82 -7.15
C THR A 85 -3.11 -6.20 -6.61
N ALA A 86 -3.07 -5.94 -5.31
CA ALA A 86 -1.93 -5.25 -4.70
C ALA A 86 -0.65 -6.05 -4.81
N LEU A 87 -0.77 -7.38 -4.86
CA LEU A 87 0.39 -8.25 -4.84
C LEU A 87 0.86 -8.48 -6.27
N LYS A 88 -0.09 -8.73 -7.15
CA LYS A 88 0.19 -8.91 -8.56
C LYS A 88 0.91 -7.69 -9.10
N LYS A 89 0.46 -6.51 -8.70
CA LYS A 89 1.05 -5.28 -9.19
C LYS A 89 2.44 -5.06 -8.62
N TYR A 90 2.59 -5.22 -7.32
CA TYR A 90 3.86 -4.96 -6.65
C TYR A 90 4.93 -5.95 -7.11
N ARG A 91 4.49 -7.09 -7.63
CA ARG A 91 5.42 -8.12 -8.11
C ARG A 91 5.71 -7.93 -9.59
N GLN A 92 4.65 -7.69 -10.38
CA GLN A 92 4.76 -7.58 -11.83
C GLN A 92 5.39 -6.26 -12.26
N LEU A 93 5.11 -5.20 -11.51
CA LEU A 93 5.58 -3.86 -11.85
C LEU A 93 7.10 -3.78 -11.82
N LEU A 94 7.72 -4.66 -11.06
CA LEU A 94 9.17 -4.65 -10.91
C LEU A 94 9.84 -5.31 -12.12
N GLU A 95 9.03 -5.86 -13.02
CA GLU A 95 9.55 -6.41 -14.26
C GLU A 95 9.27 -5.47 -15.42
N HIS A 96 9.32 -4.17 -15.13
CA HIS A 96 9.14 -3.13 -16.15
C HIS A 96 10.13 -3.29 -17.31
N HIS A 97 11.28 -3.90 -17.03
CA HIS A 97 12.19 -4.29 -18.09
C HIS A 97 12.33 -5.80 -18.11
N HIS A 98 11.28 -6.45 -18.60
CA HIS A 98 11.28 -7.90 -18.73
C HIS A 98 12.11 -8.28 -19.95
N HIS A 99 11.62 -7.88 -21.13
CA HIS A 99 12.33 -8.05 -22.41
C HIS A 99 12.41 -9.51 -22.84
N HIS A 100 12.92 -10.36 -21.96
CA HIS A 100 13.06 -11.79 -22.24
C HIS A 100 11.71 -12.37 -22.66
N HIS A 101 11.71 -13.14 -23.74
CA HIS A 101 10.48 -13.75 -24.23
C HIS A 101 10.45 -15.22 -23.84
N MET A 1 -4.61 10.85 -18.92
CA MET A 1 -3.84 9.70 -19.44
C MET A 1 -2.40 9.72 -18.93
N MET A 2 -1.71 10.83 -19.15
CA MET A 2 -0.29 10.93 -18.83
C MET A 2 -0.06 11.40 -17.40
N PHE A 3 0.65 10.61 -16.62
CA PHE A 3 0.94 10.93 -15.23
C PHE A 3 2.44 10.94 -14.98
N LEU A 4 3.03 9.74 -15.02
CA LEU A 4 4.48 9.55 -14.81
C LEU A 4 4.92 9.90 -13.39
N ARG A 5 3.95 10.26 -12.54
CA ARG A 5 4.22 10.60 -11.14
C ARG A 5 5.16 11.80 -11.01
N LYS A 6 5.15 12.67 -12.01
CA LYS A 6 5.95 13.89 -11.95
C LYS A 6 5.04 15.12 -12.01
N VAL A 7 3.76 14.90 -11.80
CA VAL A 7 2.80 16.00 -11.79
C VAL A 7 2.64 16.52 -10.36
N GLU A 8 3.04 17.76 -10.15
CA GLU A 8 2.91 18.38 -8.84
C GLU A 8 1.47 18.82 -8.61
N GLY A 9 0.71 17.97 -7.97
CA GLY A 9 -0.70 18.23 -7.76
C GLY A 9 -1.43 17.00 -7.21
N PRO A 10 -1.42 15.88 -7.97
CA PRO A 10 -1.99 14.62 -7.52
C PRO A 10 -1.11 13.95 -6.46
N ARG A 11 -1.11 14.53 -5.27
CA ARG A 11 -0.31 14.00 -4.16
C ARG A 11 -1.16 13.06 -3.31
N SER A 12 -2.29 12.64 -3.88
CA SER A 12 -3.19 11.72 -3.22
C SER A 12 -3.60 10.64 -4.20
N VAL A 13 -3.82 9.43 -3.71
CA VAL A 13 -4.19 8.31 -4.57
C VAL A 13 -5.61 7.87 -4.32
N THR A 14 -6.25 7.32 -5.34
CA THR A 14 -7.59 6.77 -5.21
C THR A 14 -7.54 5.25 -5.31
N LEU A 15 -7.95 4.57 -4.25
CA LEU A 15 -7.93 3.12 -4.23
C LEU A 15 -9.17 2.57 -4.93
N PRO A 16 -9.08 1.36 -5.51
CA PRO A 16 -10.24 0.67 -6.11
C PRO A 16 -11.28 0.30 -5.05
N ASP A 17 -10.96 0.65 -3.81
CA ASP A 17 -11.86 0.49 -2.68
C ASP A 17 -12.93 1.57 -2.70
N GLY A 18 -12.62 2.66 -3.37
CA GLY A 18 -13.52 3.81 -3.40
C GLY A 18 -13.10 4.87 -2.41
N SER A 19 -12.11 4.53 -1.59
CA SER A 19 -11.55 5.46 -0.64
C SER A 19 -10.21 5.97 -1.15
N ILE A 20 -9.84 7.19 -0.76
CA ILE A 20 -8.56 7.75 -1.15
C ILE A 20 -7.56 7.58 -0.02
N MET A 21 -6.28 7.77 -0.34
CA MET A 21 -5.23 7.76 0.67
C MET A 21 -4.29 8.92 0.44
N THR A 22 -4.05 9.65 1.51
CA THR A 22 -3.22 10.85 1.46
C THR A 22 -2.28 10.86 2.66
N ARG A 23 -1.38 11.83 2.73
CA ARG A 23 -0.46 11.96 3.85
C ARG A 23 -1.17 12.50 5.08
N ALA A 24 -2.21 11.78 5.51
CA ALA A 24 -2.99 12.16 6.68
C ALA A 24 -3.53 10.92 7.38
N ASP A 25 -3.93 9.94 6.59
CA ASP A 25 -4.43 8.67 7.13
C ASP A 25 -3.32 7.66 7.25
N LEU A 26 -2.09 8.14 7.13
CA LEU A 26 -0.92 7.29 7.29
C LEU A 26 -0.47 7.29 8.75
N PRO A 27 -0.56 6.14 9.42
CA PRO A 27 -0.12 5.97 10.82
C PRO A 27 1.27 6.57 11.06
N PRO A 28 1.33 7.63 11.89
CA PRO A 28 2.57 8.38 12.15
C PRO A 28 3.50 7.64 13.11
N ALA A 29 3.86 6.41 12.74
CA ALA A 29 4.79 5.57 13.50
C ALA A 29 4.15 5.02 14.77
N ASN A 30 3.71 5.90 15.65
CA ASN A 30 3.10 5.45 16.91
C ASN A 30 1.68 4.95 16.66
N THR A 31 0.79 5.87 16.26
CA THR A 31 -0.60 5.52 15.95
C THR A 31 -1.32 4.94 17.17
N ARG A 32 -2.11 5.76 17.86
CA ARG A 32 -2.82 5.27 19.03
C ARG A 32 -3.87 4.23 18.65
N ARG A 33 -3.60 3.00 19.03
CA ARG A 33 -4.49 1.86 18.79
C ARG A 33 -4.57 1.52 17.30
N TRP A 34 -3.70 0.61 16.87
CA TRP A 34 -3.68 0.15 15.49
C TRP A 34 -4.88 -0.73 15.20
N VAL A 35 -5.96 -0.13 14.72
CA VAL A 35 -7.14 -0.87 14.37
C VAL A 35 -6.99 -1.46 12.97
N ALA A 36 -7.87 -2.40 12.63
CA ALA A 36 -7.83 -3.04 11.31
C ALA A 36 -7.88 -2.01 10.19
N SER A 37 -8.70 -0.98 10.39
CA SER A 37 -8.85 0.09 9.43
C SER A 37 -7.51 0.79 9.18
N ARG A 38 -6.71 0.93 10.23
CA ARG A 38 -5.39 1.56 10.12
C ARG A 38 -4.43 0.64 9.39
N LYS A 39 -4.40 -0.62 9.79
CA LYS A 39 -3.50 -1.61 9.22
C LYS A 39 -3.69 -1.74 7.71
N ILE A 40 -4.95 -1.94 7.30
CA ILE A 40 -5.29 -2.09 5.89
C ILE A 40 -4.98 -0.79 5.13
N ALA A 41 -5.18 0.34 5.79
CA ALA A 41 -4.88 1.64 5.19
C ALA A 41 -3.40 1.78 4.90
N VAL A 42 -2.56 1.20 5.74
CA VAL A 42 -1.12 1.29 5.56
C VAL A 42 -0.69 0.57 4.28
N VAL A 43 -1.00 -0.72 4.19
CA VAL A 43 -0.60 -1.52 3.03
C VAL A 43 -1.12 -0.95 1.72
N ARG A 44 -2.36 -0.49 1.73
CA ARG A 44 -2.95 0.12 0.54
C ARG A 44 -2.30 1.46 0.25
N GLY A 45 -2.09 2.24 1.30
CA GLY A 45 -1.58 3.59 1.17
C GLY A 45 -0.14 3.65 0.73
N VAL A 46 0.68 2.71 1.17
CA VAL A 46 2.09 2.71 0.79
C VAL A 46 2.30 2.01 -0.55
N ILE A 47 1.85 0.75 -0.66
CA ILE A 47 2.12 -0.09 -1.82
C ILE A 47 1.51 0.48 -3.09
N TYR A 48 0.24 0.85 -3.02
CA TYR A 48 -0.47 1.34 -4.19
C TYR A 48 -0.47 2.87 -4.21
N GLY A 49 -0.04 3.44 -3.11
CA GLY A 49 -0.12 4.88 -2.96
C GLY A 49 1.17 5.62 -3.20
N LEU A 50 2.09 5.55 -2.25
CA LEU A 50 3.23 6.46 -2.24
C LEU A 50 4.54 5.78 -2.64
N ILE A 51 5.10 5.01 -1.73
CA ILE A 51 6.48 4.54 -1.87
C ILE A 51 6.56 3.03 -1.90
N THR A 52 7.77 2.51 -2.01
CA THR A 52 8.01 1.07 -2.01
C THR A 52 7.91 0.52 -0.60
N LEU A 53 7.87 -0.81 -0.50
CA LEU A 53 7.84 -1.46 0.79
C LEU A 53 9.17 -1.24 1.51
N ALA A 54 10.25 -1.21 0.75
CA ALA A 54 11.58 -0.99 1.32
C ALA A 54 11.65 0.36 2.02
N GLU A 55 11.04 1.36 1.40
CA GLU A 55 10.99 2.71 1.96
C GLU A 55 10.19 2.71 3.27
N ALA A 56 9.03 2.05 3.23
CA ALA A 56 8.17 1.93 4.39
C ALA A 56 8.74 0.94 5.39
N LYS A 57 9.84 0.30 5.07
CA LYS A 57 10.53 -0.54 6.03
C LYS A 57 11.61 0.26 6.75
N GLN A 58 12.26 1.15 6.01
CA GLN A 58 13.27 2.03 6.58
C GLN A 58 12.67 2.89 7.68
N THR A 59 11.47 3.40 7.45
CA THR A 59 10.80 4.22 8.43
C THR A 59 9.75 3.44 9.22
N TYR A 60 8.87 2.74 8.51
CA TYR A 60 7.69 2.15 9.13
C TYR A 60 7.81 0.62 9.21
N GLY A 61 9.04 0.11 9.10
CA GLY A 61 9.31 -1.33 8.99
C GLY A 61 8.40 -2.26 9.76
N LEU A 62 7.94 -1.84 10.94
CA LEU A 62 7.06 -2.66 11.77
C LEU A 62 7.73 -3.99 12.11
N SER A 63 6.91 -5.01 12.28
CA SER A 63 7.39 -6.37 12.44
C SER A 63 7.01 -7.20 11.21
N ASP A 64 7.84 -8.18 10.87
CA ASP A 64 7.60 -9.03 9.71
C ASP A 64 6.20 -9.64 9.78
N GLU A 65 5.90 -10.26 10.92
CA GLU A 65 4.63 -10.94 11.12
C GLU A 65 3.45 -9.98 10.97
N GLU A 66 3.62 -8.77 11.48
CA GLU A 66 2.58 -7.76 11.44
C GLU A 66 2.23 -7.43 9.98
N PHE A 67 3.24 -7.06 9.21
CA PHE A 67 3.01 -6.69 7.82
C PHE A 67 2.51 -7.90 7.03
N ASN A 68 3.02 -9.08 7.37
CA ASN A 68 2.59 -10.33 6.74
C ASN A 68 1.09 -10.54 6.95
N SER A 69 0.61 -10.28 8.15
CA SER A 69 -0.77 -10.54 8.51
C SER A 69 -1.73 -9.69 7.67
N TRP A 70 -1.34 -8.45 7.39
CA TRP A 70 -2.21 -7.53 6.66
C TRP A 70 -2.47 -8.04 5.25
N VAL A 71 -1.39 -8.30 4.52
CA VAL A 71 -1.49 -8.72 3.13
C VAL A 71 -2.15 -10.09 3.01
N SER A 72 -1.81 -10.99 3.93
CA SER A 72 -2.34 -12.35 3.88
C SER A 72 -3.85 -12.36 4.14
N ALA A 73 -4.32 -11.42 4.96
CA ALA A 73 -5.75 -11.32 5.25
C ALA A 73 -6.48 -10.71 4.06
N LEU A 74 -5.79 -9.78 3.40
CA LEU A 74 -6.33 -9.11 2.23
C LEU A 74 -6.27 -10.02 1.00
N ALA A 75 -5.36 -10.98 1.05
CA ALA A 75 -5.16 -11.92 -0.04
C ALA A 75 -6.27 -12.95 -0.12
N GLU A 76 -6.92 -13.20 1.03
CA GLU A 76 -7.98 -14.20 1.16
C GLU A 76 -7.40 -15.61 1.14
N HIS A 77 -6.47 -15.83 0.22
CA HIS A 77 -5.80 -17.12 0.09
C HIS A 77 -4.29 -16.93 0.05
N GLY A 78 -3.60 -17.52 1.03
CA GLY A 78 -2.16 -17.41 1.10
C GLY A 78 -1.46 -18.26 0.06
N LYS A 79 -2.23 -19.11 -0.59
CA LYS A 79 -1.74 -19.93 -1.69
C LYS A 79 -1.27 -19.07 -2.84
N ASP A 80 -2.23 -18.45 -3.51
CA ASP A 80 -1.98 -17.66 -4.70
C ASP A 80 -1.58 -16.24 -4.33
N ALA A 81 -0.49 -16.12 -3.60
CA ALA A 81 0.01 -14.82 -3.15
C ALA A 81 0.49 -13.98 -4.33
N LEU A 82 0.84 -14.65 -5.43
CA LEU A 82 1.28 -13.95 -6.64
C LEU A 82 0.08 -13.60 -7.52
N LYS A 83 -1.08 -14.09 -7.12
CA LYS A 83 -2.31 -13.85 -7.86
C LYS A 83 -3.10 -12.73 -7.19
N VAL A 84 -2.55 -12.20 -6.11
CA VAL A 84 -3.16 -11.10 -5.40
C VAL A 84 -2.79 -9.78 -6.08
N THR A 85 -3.80 -9.02 -6.48
CA THR A 85 -3.60 -7.80 -7.26
C THR A 85 -2.56 -6.85 -6.64
N ALA A 86 -2.65 -6.63 -5.34
CA ALA A 86 -1.74 -5.72 -4.64
C ALA A 86 -0.29 -6.20 -4.72
N LEU A 87 -0.09 -7.50 -4.65
CA LEU A 87 1.24 -8.08 -4.61
C LEU A 87 1.74 -8.28 -6.02
N LYS A 88 0.84 -8.73 -6.88
CA LYS A 88 1.14 -8.89 -8.30
C LYS A 88 1.58 -7.56 -8.88
N LYS A 89 0.96 -6.48 -8.42
CA LYS A 89 1.36 -5.14 -8.85
C LYS A 89 2.76 -4.82 -8.37
N TYR A 90 3.02 -5.04 -7.09
CA TYR A 90 4.32 -4.74 -6.52
C TYR A 90 5.41 -5.57 -7.20
N ARG A 91 5.14 -6.86 -7.37
CA ARG A 91 6.09 -7.78 -7.97
C ARG A 91 6.36 -7.44 -9.45
N GLN A 92 5.30 -7.04 -10.15
CA GLN A 92 5.42 -6.74 -11.57
C GLN A 92 5.98 -5.35 -11.80
N LEU A 93 5.64 -4.42 -10.91
CA LEU A 93 6.08 -3.03 -11.03
C LEU A 93 7.60 -2.91 -10.93
N LEU A 94 8.21 -3.85 -10.22
CA LEU A 94 9.67 -3.90 -10.14
C LEU A 94 10.26 -4.20 -11.51
N GLU A 95 9.59 -5.10 -12.24
CA GLU A 95 9.95 -5.46 -13.63
C GLU A 95 11.26 -6.25 -13.71
N HIS A 96 12.27 -5.79 -12.99
CA HIS A 96 13.61 -6.40 -13.00
C HIS A 96 13.55 -7.91 -12.85
N HIS A 97 13.92 -8.61 -13.92
CA HIS A 97 13.99 -10.06 -13.91
C HIS A 97 14.98 -10.50 -12.83
N HIS A 98 14.54 -11.40 -11.95
CA HIS A 98 15.36 -11.80 -10.82
C HIS A 98 16.57 -12.61 -11.25
N HIS A 99 17.63 -11.88 -11.56
CA HIS A 99 18.92 -12.43 -11.91
C HIS A 99 19.89 -11.27 -11.97
N HIS A 100 19.69 -10.33 -11.04
CA HIS A 100 20.40 -9.06 -10.98
C HIS A 100 21.91 -9.25 -11.06
N HIS A 101 22.41 -10.26 -10.36
CA HIS A 101 23.83 -10.55 -10.35
C HIS A 101 24.06 -11.99 -10.78
N MET A 1 -3.42 23.68 4.77
CA MET A 1 -4.16 22.46 5.17
C MET A 1 -5.14 22.77 6.29
N MET A 2 -6.41 22.50 6.03
CA MET A 2 -7.47 22.73 7.01
C MET A 2 -8.78 22.17 6.47
N PHE A 3 -8.97 22.32 5.17
CA PHE A 3 -10.17 21.84 4.51
C PHE A 3 -9.83 20.66 3.61
N LEU A 4 -10.35 19.48 3.94
CA LEU A 4 -10.14 18.31 3.10
C LEU A 4 -11.10 18.35 1.90
N ARG A 5 -11.85 19.43 1.82
CA ARG A 5 -12.79 19.63 0.72
C ARG A 5 -12.07 20.21 -0.50
N LYS A 6 -11.00 20.96 -0.25
CA LYS A 6 -10.26 21.61 -1.32
C LYS A 6 -8.85 21.99 -0.88
N VAL A 7 -7.87 21.33 -1.49
CA VAL A 7 -6.46 21.68 -1.29
C VAL A 7 -5.83 21.94 -2.66
N GLU A 8 -4.80 22.78 -2.69
CA GLU A 8 -4.18 23.17 -3.96
C GLU A 8 -3.52 21.99 -4.67
N GLY A 9 -2.79 21.18 -3.93
CA GLY A 9 -2.15 20.03 -4.53
C GLY A 9 -1.96 18.85 -3.58
N PRO A 10 -3.05 18.30 -3.00
CA PRO A 10 -2.97 17.10 -2.18
C PRO A 10 -2.63 15.86 -3.00
N ARG A 11 -1.58 15.15 -2.59
CA ARG A 11 -1.32 13.85 -3.17
C ARG A 11 -2.15 12.81 -2.46
N SER A 12 -3.37 12.66 -2.94
CA SER A 12 -4.28 11.65 -2.43
C SER A 12 -4.55 10.64 -3.52
N VAL A 13 -4.44 9.38 -3.18
CA VAL A 13 -4.62 8.31 -4.14
C VAL A 13 -6.02 7.75 -4.07
N THR A 14 -6.68 7.74 -5.21
CA THR A 14 -8.02 7.21 -5.31
C THR A 14 -7.96 5.71 -5.57
N LEU A 15 -8.25 4.93 -4.54
CA LEU A 15 -8.20 3.49 -4.62
C LEU A 15 -9.26 2.96 -5.57
N PRO A 16 -9.04 1.78 -6.17
CA PRO A 16 -10.05 1.07 -6.97
C PRO A 16 -11.18 0.53 -6.09
N ASP A 17 -11.58 1.36 -5.15
CA ASP A 17 -12.59 1.02 -4.17
C ASP A 17 -13.58 2.17 -4.02
N GLY A 18 -13.05 3.38 -3.96
CA GLY A 18 -13.85 4.56 -3.76
C GLY A 18 -13.29 5.43 -2.66
N SER A 19 -12.57 4.79 -1.76
CA SER A 19 -11.91 5.48 -0.66
C SER A 19 -10.60 6.11 -1.15
N ILE A 20 -10.20 7.20 -0.53
CA ILE A 20 -8.98 7.90 -0.91
C ILE A 20 -7.98 7.88 0.25
N MET A 21 -6.71 7.68 -0.07
CA MET A 21 -5.66 7.63 0.94
C MET A 21 -4.57 8.64 0.64
N THR A 22 -3.92 9.13 1.69
CA THR A 22 -2.86 10.09 1.54
C THR A 22 -1.96 10.07 2.77
N ARG A 23 -0.92 10.90 2.76
CA ARG A 23 0.06 10.94 3.83
C ARG A 23 -0.58 11.40 5.13
N ALA A 24 -1.66 12.17 5.01
CA ALA A 24 -2.35 12.71 6.17
C ALA A 24 -3.08 11.63 6.96
N ASP A 25 -3.29 10.48 6.32
CA ASP A 25 -3.97 9.36 6.98
C ASP A 25 -2.98 8.30 7.41
N LEU A 26 -1.76 8.41 6.93
CA LEU A 26 -0.73 7.41 7.22
C LEU A 26 -0.30 7.49 8.68
N PRO A 27 -0.43 6.36 9.41
CA PRO A 27 0.08 6.24 10.77
C PRO A 27 1.58 6.53 10.85
N PRO A 28 1.98 7.57 11.60
CA PRO A 28 3.39 7.96 11.73
C PRO A 28 4.17 7.02 12.63
N ALA A 29 4.06 5.71 12.35
CA ALA A 29 4.68 4.65 13.14
C ALA A 29 3.99 4.51 14.50
N ASN A 30 3.95 5.60 15.25
CA ASN A 30 3.34 5.61 16.58
C ASN A 30 1.99 6.30 16.54
N THR A 31 1.12 5.82 15.65
CA THR A 31 -0.21 6.38 15.50
C THR A 31 -1.07 6.07 16.74
N ARG A 32 -2.19 6.77 16.86
CA ARG A 32 -3.09 6.59 17.97
C ARG A 32 -4.18 5.59 17.63
N ARG A 33 -4.29 4.55 18.44
CA ARG A 33 -5.33 3.52 18.30
C ARG A 33 -5.22 2.78 16.97
N TRP A 34 -4.41 1.72 16.96
CA TRP A 34 -4.32 0.84 15.78
C TRP A 34 -5.62 0.07 15.61
N VAL A 35 -6.26 0.24 14.46
CA VAL A 35 -7.45 -0.52 14.13
C VAL A 35 -7.20 -1.29 12.84
N ALA A 36 -8.00 -2.33 12.60
CA ALA A 36 -7.82 -3.19 11.44
C ALA A 36 -7.80 -2.40 10.14
N SER A 37 -8.74 -1.48 10.01
CA SER A 37 -8.83 -0.65 8.81
C SER A 37 -7.65 0.32 8.70
N ARG A 38 -7.05 0.66 9.83
CA ARG A 38 -5.90 1.57 9.82
C ARG A 38 -4.66 0.83 9.33
N LYS A 39 -4.54 -0.43 9.73
CA LYS A 39 -3.47 -1.30 9.25
C LYS A 39 -3.54 -1.43 7.73
N ILE A 40 -4.75 -1.70 7.26
CA ILE A 40 -5.01 -1.79 5.83
C ILE A 40 -4.73 -0.46 5.13
N ALA A 41 -5.06 0.62 5.81
CA ALA A 41 -4.81 1.97 5.28
C ALA A 41 -3.32 2.20 5.07
N VAL A 42 -2.50 1.64 5.95
CA VAL A 42 -1.05 1.77 5.83
C VAL A 42 -0.56 1.13 4.53
N VAL A 43 -0.84 -0.16 4.36
CA VAL A 43 -0.38 -0.88 3.16
C VAL A 43 -0.99 -0.29 1.89
N ARG A 44 -2.20 0.23 1.98
CA ARG A 44 -2.82 0.94 0.86
C ARG A 44 -2.04 2.20 0.53
N GLY A 45 -1.79 2.99 1.57
CA GLY A 45 -1.16 4.29 1.39
C GLY A 45 0.31 4.23 1.02
N VAL A 46 0.99 3.16 1.41
CA VAL A 46 2.40 3.02 1.03
C VAL A 46 2.52 2.46 -0.38
N ILE A 47 2.04 1.22 -0.57
CA ILE A 47 2.24 0.48 -1.81
C ILE A 47 1.61 1.19 -3.01
N TYR A 48 0.36 1.57 -2.88
CA TYR A 48 -0.37 2.19 -3.98
C TYR A 48 -0.33 3.71 -3.85
N GLY A 49 0.17 4.18 -2.72
CA GLY A 49 0.14 5.60 -2.44
C GLY A 49 1.46 6.31 -2.70
N LEU A 50 2.41 6.13 -1.79
CA LEU A 50 3.63 6.93 -1.82
C LEU A 50 4.85 6.14 -2.29
N ILE A 51 5.39 5.29 -1.43
CA ILE A 51 6.72 4.73 -1.64
C ILE A 51 6.71 3.22 -1.77
N THR A 52 7.91 2.65 -1.89
CA THR A 52 8.07 1.23 -2.07
C THR A 52 8.18 0.50 -0.74
N LEU A 53 8.14 -0.83 -0.78
CA LEU A 53 8.15 -1.66 0.42
C LEU A 53 9.42 -1.43 1.24
N ALA A 54 10.52 -1.12 0.57
CA ALA A 54 11.78 -0.88 1.27
C ALA A 54 11.65 0.27 2.26
N GLU A 55 11.10 1.38 1.78
CA GLU A 55 10.87 2.56 2.61
C GLU A 55 9.84 2.26 3.69
N ALA A 56 8.73 1.67 3.30
CA ALA A 56 7.68 1.30 4.24
C ALA A 56 8.14 0.28 5.26
N LYS A 57 9.15 -0.51 4.94
CA LYS A 57 9.65 -1.50 5.88
C LYS A 57 10.66 -0.88 6.83
N GLN A 58 11.56 -0.06 6.29
CA GLN A 58 12.58 0.60 7.11
C GLN A 58 11.94 1.64 8.04
N THR A 59 10.84 2.23 7.60
CA THR A 59 10.15 3.23 8.40
C THR A 59 8.94 2.64 9.13
N TYR A 60 8.01 2.05 8.38
CA TYR A 60 6.75 1.58 8.95
C TYR A 60 6.73 0.06 9.09
N GLY A 61 7.90 -0.56 9.02
CA GLY A 61 7.98 -2.01 8.92
C GLY A 61 7.39 -2.76 10.10
N LEU A 62 7.37 -2.14 11.27
CA LEU A 62 6.90 -2.76 12.52
C LEU A 62 7.56 -4.13 12.73
N SER A 63 6.91 -5.15 12.23
CA SER A 63 7.43 -6.49 12.22
C SER A 63 7.15 -7.13 10.87
N ASP A 64 8.07 -7.96 10.39
CA ASP A 64 7.89 -8.63 9.10
C ASP A 64 6.61 -9.44 9.11
N GLU A 65 6.37 -10.12 10.24
CA GLU A 65 5.16 -10.89 10.42
C GLU A 65 3.93 -10.00 10.41
N GLU A 66 4.01 -8.89 11.14
CA GLU A 66 2.91 -7.94 11.23
C GLU A 66 2.52 -7.44 9.85
N PHE A 67 3.50 -6.91 9.13
CA PHE A 67 3.25 -6.27 7.84
C PHE A 67 2.70 -7.28 6.82
N ASN A 68 3.26 -8.50 6.81
CA ASN A 68 2.84 -9.50 5.83
C ASN A 68 1.43 -10.01 6.14
N SER A 69 0.99 -9.83 7.38
CA SER A 69 -0.35 -10.21 7.78
C SER A 69 -1.38 -9.27 7.17
N TRP A 70 -0.98 -8.01 6.98
CA TRP A 70 -1.86 -7.03 6.36
C TRP A 70 -2.08 -7.38 4.90
N VAL A 71 -0.98 -7.72 4.22
CA VAL A 71 -1.02 -8.08 2.82
C VAL A 71 -1.78 -9.39 2.62
N SER A 72 -1.56 -10.33 3.54
CA SER A 72 -2.23 -11.63 3.47
C SER A 72 -3.74 -11.46 3.56
N ALA A 73 -4.19 -10.57 4.45
CA ALA A 73 -5.61 -10.32 4.62
C ALA A 73 -6.18 -9.64 3.39
N LEU A 74 -5.34 -8.88 2.71
CA LEU A 74 -5.73 -8.15 1.52
C LEU A 74 -5.60 -9.00 0.26
N ALA A 75 -5.03 -10.17 0.42
CA ALA A 75 -4.94 -11.14 -0.66
C ALA A 75 -6.02 -12.19 -0.52
N GLU A 76 -6.59 -12.26 0.68
CA GLU A 76 -7.64 -13.22 1.03
C GLU A 76 -7.09 -14.63 1.16
N HIS A 77 -6.34 -15.06 0.16
CA HIS A 77 -5.75 -16.39 0.15
C HIS A 77 -4.25 -16.32 -0.10
N GLY A 78 -3.49 -16.66 0.93
CA GLY A 78 -2.05 -16.80 0.76
C GLY A 78 -1.69 -18.18 0.29
N LYS A 79 -1.19 -19.00 1.22
CA LYS A 79 -0.94 -20.43 0.98
C LYS A 79 0.24 -20.65 0.04
N ASP A 80 0.12 -20.13 -1.16
CA ASP A 80 1.14 -20.27 -2.18
C ASP A 80 2.20 -19.19 -2.03
N ALA A 81 1.73 -17.99 -1.65
CA ALA A 81 2.59 -16.84 -1.34
C ALA A 81 3.14 -16.14 -2.58
N LEU A 82 2.98 -16.75 -3.76
CA LEU A 82 3.44 -16.12 -5.00
C LEU A 82 2.28 -15.47 -5.73
N LYS A 83 1.11 -16.10 -5.69
CA LYS A 83 -0.07 -15.58 -6.37
C LYS A 83 -0.84 -14.60 -5.49
N VAL A 84 -0.15 -14.05 -4.49
CA VAL A 84 -0.74 -13.05 -3.61
C VAL A 84 -1.14 -11.82 -4.42
N THR A 85 -2.43 -11.48 -4.37
CA THR A 85 -3.00 -10.39 -5.16
C THR A 85 -2.16 -9.10 -5.06
N ALA A 86 -1.90 -8.66 -3.84
CA ALA A 86 -1.19 -7.40 -3.63
C ALA A 86 0.29 -7.51 -3.93
N LEU A 87 0.80 -8.73 -3.94
CA LEU A 87 2.24 -8.95 -4.13
C LEU A 87 2.53 -9.12 -5.61
N LYS A 88 1.68 -9.90 -6.28
CA LYS A 88 1.78 -10.12 -7.71
C LYS A 88 1.62 -8.80 -8.46
N LYS A 89 0.72 -7.95 -7.96
CA LYS A 89 0.53 -6.62 -8.54
C LYS A 89 1.71 -5.72 -8.20
N TYR A 90 2.25 -5.86 -6.98
CA TYR A 90 3.44 -5.13 -6.58
C TYR A 90 4.60 -5.48 -7.49
N ARG A 91 4.77 -6.78 -7.76
CA ARG A 91 5.83 -7.26 -8.65
C ARG A 91 5.70 -6.65 -10.03
N GLN A 92 4.50 -6.78 -10.62
CA GLN A 92 4.24 -6.24 -11.95
C GLN A 92 4.43 -4.72 -11.98
N LEU A 93 3.94 -4.06 -10.94
CA LEU A 93 4.00 -2.60 -10.85
C LEU A 93 5.45 -2.12 -10.71
N LEU A 94 6.28 -2.93 -10.07
CA LEU A 94 7.69 -2.60 -9.91
C LEU A 94 8.42 -2.61 -11.26
N GLU A 95 8.51 -3.78 -11.86
CA GLU A 95 9.32 -3.98 -13.06
C GLU A 95 10.78 -3.63 -12.73
N HIS A 96 11.65 -3.61 -13.75
CA HIS A 96 13.05 -3.24 -13.57
C HIS A 96 13.76 -4.20 -12.62
N HIS A 97 14.45 -5.19 -13.16
CA HIS A 97 15.13 -6.17 -12.33
C HIS A 97 16.20 -5.46 -11.51
N HIS A 98 16.94 -4.56 -12.18
CA HIS A 98 17.93 -3.69 -11.52
C HIS A 98 18.93 -4.52 -10.71
N HIS A 99 18.71 -4.64 -9.41
CA HIS A 99 19.53 -5.49 -8.55
C HIS A 99 18.62 -6.20 -7.54
N HIS A 100 17.34 -6.24 -7.86
CA HIS A 100 16.34 -6.75 -6.93
C HIS A 100 15.88 -8.13 -7.35
N HIS A 101 15.72 -9.00 -6.37
CA HIS A 101 15.14 -10.31 -6.58
C HIS A 101 13.70 -10.32 -6.07
N MET A 1 -19.32 17.46 -13.02
CA MET A 1 -18.28 18.51 -13.18
C MET A 1 -17.99 19.19 -11.83
N MET A 2 -18.32 18.51 -10.74
CA MET A 2 -18.13 19.09 -9.41
C MET A 2 -16.75 18.74 -8.86
N PHE A 3 -15.84 18.33 -9.75
CA PHE A 3 -14.48 18.02 -9.35
C PHE A 3 -13.77 19.30 -8.92
N LEU A 4 -13.12 19.24 -7.76
CA LEU A 4 -12.47 20.42 -7.20
C LEU A 4 -11.19 20.75 -7.93
N ARG A 5 -11.12 21.99 -8.43
CA ARG A 5 -9.94 22.50 -9.11
C ARG A 5 -9.71 21.80 -10.45
N LYS A 6 -8.67 20.98 -10.50
CA LYS A 6 -8.30 20.27 -11.71
C LYS A 6 -7.58 18.98 -11.36
N VAL A 7 -7.33 18.14 -12.36
CA VAL A 7 -6.67 16.87 -12.12
C VAL A 7 -5.15 17.04 -12.26
N GLU A 8 -4.68 18.24 -11.96
CA GLU A 8 -3.26 18.54 -11.98
C GLU A 8 -2.66 18.35 -10.59
N GLY A 9 -2.07 17.19 -10.39
CA GLY A 9 -1.46 16.86 -9.11
C GLY A 9 -2.46 16.39 -8.06
N PRO A 10 -3.30 15.38 -8.36
CA PRO A 10 -4.19 14.81 -7.36
C PRO A 10 -3.46 13.81 -6.49
N ARG A 11 -2.71 14.32 -5.52
CA ARG A 11 -1.84 13.50 -4.68
C ARG A 11 -2.64 12.58 -3.76
N SER A 12 -3.92 12.89 -3.57
CA SER A 12 -4.81 12.01 -2.86
C SER A 12 -5.12 10.80 -3.74
N VAL A 13 -4.60 9.64 -3.35
CA VAL A 13 -4.70 8.45 -4.19
C VAL A 13 -6.11 7.89 -4.20
N THR A 14 -6.63 7.66 -5.39
CA THR A 14 -7.95 7.10 -5.56
C THR A 14 -7.87 5.60 -5.80
N LEU A 15 -8.27 4.82 -4.80
CA LEU A 15 -8.25 3.38 -4.92
C LEU A 15 -9.39 2.92 -5.82
N PRO A 16 -9.24 1.73 -6.46
CA PRO A 16 -10.30 1.15 -7.30
C PRO A 16 -11.57 0.84 -6.51
N ASP A 17 -11.48 1.04 -5.20
CA ASP A 17 -12.61 0.90 -4.30
C ASP A 17 -13.53 2.12 -4.41
N GLY A 18 -12.93 3.30 -4.43
CA GLY A 18 -13.70 4.52 -4.45
C GLY A 18 -13.27 5.48 -3.35
N SER A 19 -12.69 4.95 -2.30
CA SER A 19 -12.19 5.76 -1.20
C SER A 19 -10.84 6.37 -1.56
N ILE A 20 -10.66 7.64 -1.24
CA ILE A 20 -9.40 8.32 -1.47
C ILE A 20 -8.58 8.37 -0.19
N MET A 21 -7.26 8.25 -0.34
CA MET A 21 -6.37 8.28 0.80
C MET A 21 -5.31 9.35 0.64
N THR A 22 -5.11 10.12 1.70
CA THR A 22 -4.06 11.12 1.73
C THR A 22 -2.99 10.70 2.72
N ARG A 23 -1.95 11.51 2.89
CA ARG A 23 -0.91 11.21 3.86
C ARG A 23 -1.39 11.66 5.25
N ALA A 24 -2.65 12.06 5.34
CA ALA A 24 -3.28 12.33 6.63
C ALA A 24 -3.98 11.08 7.13
N ASP A 25 -4.41 10.24 6.19
CA ASP A 25 -5.06 8.97 6.51
C ASP A 25 -4.01 7.94 6.92
N LEU A 26 -2.86 8.01 6.25
CA LEU A 26 -1.76 7.10 6.52
C LEU A 26 -1.22 7.32 7.93
N PRO A 27 -1.19 6.26 8.76
CA PRO A 27 -0.67 6.32 10.14
C PRO A 27 0.71 6.98 10.23
N PRO A 28 0.87 7.91 11.19
CA PRO A 28 2.14 8.60 11.44
C PRO A 28 3.30 7.64 11.63
N ALA A 29 3.11 6.71 12.55
CA ALA A 29 4.10 5.69 12.85
C ALA A 29 3.43 4.47 13.46
N ASN A 30 2.58 4.72 14.46
CA ASN A 30 1.84 3.64 15.12
C ASN A 30 0.36 3.96 15.17
N THR A 31 -0.01 5.11 14.60
CA THR A 31 -1.37 5.68 14.63
C THR A 31 -1.88 5.95 16.06
N ARG A 32 -1.84 4.94 16.92
CA ARG A 32 -2.26 5.07 18.32
C ARG A 32 -2.19 3.71 18.98
N ARG A 33 -2.99 2.77 18.48
CA ARG A 33 -2.99 1.41 19.01
C ARG A 33 -3.09 0.40 17.86
N TRP A 34 -3.09 0.92 16.63
CA TRP A 34 -3.23 0.11 15.42
C TRP A 34 -4.59 -0.57 15.35
N VAL A 35 -5.52 0.04 14.64
CA VAL A 35 -6.78 -0.61 14.32
C VAL A 35 -6.63 -1.39 13.02
N ALA A 36 -7.32 -2.53 12.93
CA ALA A 36 -7.20 -3.44 11.79
C ALA A 36 -7.41 -2.72 10.47
N SER A 37 -8.47 -1.93 10.40
CA SER A 37 -8.81 -1.20 9.19
C SER A 37 -7.68 -0.28 8.74
N ARG A 38 -6.93 0.27 9.70
CA ARG A 38 -5.88 1.22 9.36
C ARG A 38 -4.58 0.50 9.02
N LYS A 39 -4.42 -0.72 9.52
CA LYS A 39 -3.30 -1.57 9.10
C LYS A 39 -3.41 -1.82 7.60
N ILE A 40 -4.60 -2.22 7.19
CA ILE A 40 -4.92 -2.44 5.78
C ILE A 40 -4.73 -1.15 4.98
N ALA A 41 -5.02 -0.02 5.61
CA ALA A 41 -4.83 1.28 4.97
C ALA A 41 -3.34 1.57 4.74
N VAL A 42 -2.48 1.07 5.64
CA VAL A 42 -1.04 1.31 5.51
C VAL A 42 -0.50 0.63 4.26
N VAL A 43 -0.74 -0.68 4.13
CA VAL A 43 -0.24 -1.43 2.99
C VAL A 43 -0.76 -0.88 1.66
N ARG A 44 -2.01 -0.45 1.65
CA ARG A 44 -2.58 0.16 0.46
C ARG A 44 -1.95 1.53 0.21
N GLY A 45 -1.79 2.30 1.28
CA GLY A 45 -1.25 3.64 1.18
C GLY A 45 0.18 3.67 0.68
N VAL A 46 1.00 2.73 1.11
CA VAL A 46 2.39 2.70 0.69
C VAL A 46 2.56 2.01 -0.67
N ILE A 47 2.21 0.73 -0.74
CA ILE A 47 2.49 -0.10 -1.90
C ILE A 47 1.78 0.40 -3.16
N TYR A 48 0.58 0.92 -2.98
CA TYR A 48 -0.20 1.40 -4.11
C TYR A 48 -0.05 2.92 -4.25
N GLY A 49 0.23 3.59 -3.13
CA GLY A 49 0.23 5.03 -3.12
C GLY A 49 1.62 5.66 -3.21
N LEU A 50 2.40 5.55 -2.14
CA LEU A 50 3.62 6.34 -2.01
C LEU A 50 4.89 5.55 -2.24
N ILE A 51 5.28 4.75 -1.28
CA ILE A 51 6.62 4.16 -1.25
C ILE A 51 6.60 2.63 -1.25
N THR A 52 7.74 2.04 -1.55
CA THR A 52 7.89 0.59 -1.53
C THR A 52 8.13 0.11 -0.10
N LEU A 53 8.30 -1.20 0.06
CA LEU A 53 8.55 -1.78 1.37
C LEU A 53 9.99 -1.50 1.81
N ALA A 54 10.79 -0.96 0.91
CA ALA A 54 12.14 -0.56 1.24
C ALA A 54 12.12 0.60 2.24
N GLU A 55 11.53 1.71 1.82
CA GLU A 55 11.42 2.88 2.68
C GLU A 55 10.48 2.58 3.85
N ALA A 56 9.42 1.84 3.57
CA ALA A 56 8.46 1.43 4.60
C ALA A 56 9.08 0.44 5.57
N LYS A 57 10.23 -0.11 5.25
CA LYS A 57 10.94 -0.99 6.18
C LYS A 57 11.84 -0.16 7.07
N GLN A 58 12.53 0.79 6.45
CA GLN A 58 13.47 1.65 7.16
C GLN A 58 12.75 2.48 8.22
N THR A 59 11.56 2.95 7.88
CA THR A 59 10.78 3.76 8.80
C THR A 59 9.68 2.96 9.51
N TYR A 60 8.88 2.23 8.73
CA TYR A 60 7.69 1.57 9.26
C TYR A 60 7.87 0.06 9.34
N GLY A 61 9.13 -0.40 9.28
CA GLY A 61 9.41 -1.82 9.11
C GLY A 61 8.58 -2.77 9.95
N LEU A 62 8.31 -2.38 11.19
CA LEU A 62 7.63 -3.26 12.16
C LEU A 62 8.33 -4.61 12.21
N SER A 63 7.75 -5.57 11.51
CA SER A 63 8.35 -6.85 11.24
C SER A 63 7.69 -7.41 9.98
N ASP A 64 8.43 -8.13 9.16
CA ASP A 64 7.89 -8.65 7.89
C ASP A 64 6.63 -9.47 8.15
N GLU A 65 6.61 -10.20 9.26
CA GLU A 65 5.46 -11.01 9.64
C GLU A 65 4.25 -10.11 9.92
N GLU A 66 4.48 -9.01 10.64
CA GLU A 66 3.43 -8.04 10.92
C GLU A 66 2.86 -7.48 9.62
N PHE A 67 3.76 -7.02 8.76
CA PHE A 67 3.39 -6.35 7.53
C PHE A 67 2.65 -7.29 6.58
N ASN A 68 3.18 -8.50 6.41
CA ASN A 68 2.60 -9.44 5.45
C ASN A 68 1.26 -9.96 5.95
N SER A 69 1.03 -9.91 7.27
CA SER A 69 -0.24 -10.32 7.83
C SER A 69 -1.36 -9.39 7.37
N TRP A 70 -1.02 -8.13 7.13
CA TRP A 70 -2.00 -7.17 6.66
C TRP A 70 -2.41 -7.52 5.22
N VAL A 71 -1.41 -7.82 4.41
CA VAL A 71 -1.64 -8.19 3.02
C VAL A 71 -2.33 -9.56 2.94
N SER A 72 -1.89 -10.48 3.76
CA SER A 72 -2.48 -11.82 3.82
C SER A 72 -3.94 -11.76 4.28
N ALA A 73 -4.28 -10.77 5.10
CA ALA A 73 -5.65 -10.59 5.54
C ALA A 73 -6.50 -10.08 4.39
N LEU A 74 -5.87 -9.28 3.53
CA LEU A 74 -6.52 -8.76 2.34
C LEU A 74 -6.63 -9.84 1.27
N ALA A 75 -5.68 -10.76 1.29
CA ALA A 75 -5.69 -11.87 0.36
C ALA A 75 -6.75 -12.90 0.77
N GLU A 76 -7.03 -12.94 2.07
CA GLU A 76 -7.99 -13.89 2.65
C GLU A 76 -7.44 -15.31 2.59
N HIS A 77 -7.33 -15.83 1.39
CA HIS A 77 -6.89 -17.20 1.16
C HIS A 77 -5.45 -17.23 0.65
N GLY A 78 -4.63 -18.03 1.30
CA GLY A 78 -3.25 -18.18 0.90
C GLY A 78 -3.12 -19.12 -0.29
N LYS A 79 -3.59 -18.65 -1.43
CA LYS A 79 -3.62 -19.45 -2.65
C LYS A 79 -3.27 -18.60 -3.87
N ASP A 80 -4.26 -17.87 -4.36
CA ASP A 80 -4.06 -17.01 -5.51
C ASP A 80 -3.61 -15.63 -5.09
N ALA A 81 -2.41 -15.58 -4.52
CA ALA A 81 -1.80 -14.32 -4.12
C ALA A 81 -1.46 -13.47 -5.34
N LEU A 82 -1.49 -14.11 -6.51
CA LEU A 82 -1.22 -13.45 -7.77
C LEU A 82 -2.43 -12.66 -8.24
N LYS A 83 -3.54 -12.81 -7.53
CA LYS A 83 -4.76 -12.08 -7.84
C LYS A 83 -4.93 -10.90 -6.89
N VAL A 84 -4.12 -10.87 -5.84
CA VAL A 84 -4.16 -9.78 -4.89
C VAL A 84 -3.52 -8.53 -5.49
N THR A 85 -4.34 -7.51 -5.70
CA THR A 85 -3.92 -6.28 -6.38
C THR A 85 -2.61 -5.71 -5.80
N ALA A 86 -2.54 -5.60 -4.48
CA ALA A 86 -1.38 -5.01 -3.83
C ALA A 86 -0.16 -5.93 -3.91
N LEU A 87 -0.40 -7.23 -3.92
CA LEU A 87 0.67 -8.21 -3.89
C LEU A 87 1.21 -8.41 -5.30
N LYS A 88 0.29 -8.54 -6.26
CA LYS A 88 0.67 -8.69 -7.65
C LYS A 88 1.40 -7.43 -8.10
N LYS A 89 0.99 -6.29 -7.56
CA LYS A 89 1.65 -5.02 -7.86
C LYS A 89 3.11 -5.11 -7.49
N TYR A 90 3.36 -5.40 -6.22
CA TYR A 90 4.72 -5.42 -5.70
C TYR A 90 5.54 -6.54 -6.34
N ARG A 91 4.92 -7.70 -6.52
CA ARG A 91 5.62 -8.84 -7.09
C ARG A 91 6.00 -8.61 -8.55
N GLN A 92 5.10 -7.98 -9.30
CA GLN A 92 5.36 -7.66 -10.70
C GLN A 92 6.17 -6.37 -10.81
N LEU A 93 6.22 -5.63 -9.72
CA LEU A 93 6.95 -4.37 -9.68
C LEU A 93 8.46 -4.62 -9.53
N LEU A 94 8.81 -5.87 -9.25
CA LEU A 94 10.20 -6.27 -9.13
C LEU A 94 10.72 -6.87 -10.45
N GLU A 95 10.39 -6.23 -11.57
CA GLU A 95 10.86 -6.69 -12.88
C GLU A 95 12.37 -6.51 -13.01
N HIS A 96 12.94 -5.70 -12.15
CA HIS A 96 14.39 -5.48 -12.14
C HIS A 96 15.11 -6.60 -11.41
N HIS A 97 14.79 -7.83 -11.78
CA HIS A 97 15.36 -9.02 -11.14
C HIS A 97 15.37 -10.17 -12.15
N HIS A 98 16.43 -10.97 -12.15
CA HIS A 98 16.55 -12.09 -13.09
C HIS A 98 15.91 -13.34 -12.51
N HIS A 99 15.45 -14.22 -13.39
CA HIS A 99 14.76 -15.43 -12.98
C HIS A 99 15.77 -16.49 -12.50
N HIS A 100 15.26 -17.54 -11.88
CA HIS A 100 16.09 -18.63 -11.41
C HIS A 100 16.40 -19.58 -12.56
N HIS A 101 17.68 -19.79 -12.83
CA HIS A 101 18.10 -20.70 -13.88
C HIS A 101 18.68 -21.97 -13.26
N MET A 1 -9.70 25.86 -14.72
CA MET A 1 -10.98 25.12 -14.83
C MET A 1 -10.79 23.64 -14.48
N MET A 2 -10.19 22.89 -15.40
CA MET A 2 -10.06 21.45 -15.22
C MET A 2 -8.59 21.01 -15.21
N PHE A 3 -7.71 21.94 -15.60
CA PHE A 3 -6.27 21.70 -15.63
C PHE A 3 -5.93 20.61 -16.67
N LEU A 4 -4.68 20.18 -16.69
CA LEU A 4 -4.23 19.20 -17.68
C LEU A 4 -4.41 17.78 -17.16
N ARG A 5 -5.14 17.63 -16.05
CA ARG A 5 -5.39 16.34 -15.42
C ARG A 5 -4.10 15.68 -14.93
N LYS A 6 -3.06 16.49 -14.78
CA LYS A 6 -1.79 16.03 -14.27
C LYS A 6 -1.37 16.89 -13.09
N VAL A 7 -1.91 16.60 -11.91
CA VAL A 7 -1.60 17.36 -10.73
C VAL A 7 -0.80 16.49 -9.75
N GLU A 8 0.45 16.84 -9.54
CA GLU A 8 1.35 16.01 -8.73
C GLU A 8 1.23 16.35 -7.25
N GLY A 9 0.44 17.38 -6.95
CA GLY A 9 0.17 17.73 -5.57
C GLY A 9 -0.68 16.66 -4.88
N PRO A 10 -1.90 16.42 -5.38
CA PRO A 10 -2.76 15.38 -4.85
C PRO A 10 -2.19 13.98 -5.08
N ARG A 11 -1.68 13.39 -4.01
CA ARG A 11 -1.19 12.03 -4.05
C ARG A 11 -2.25 11.11 -3.46
N SER A 12 -3.46 11.61 -3.41
CA SER A 12 -4.58 10.90 -2.84
C SER A 12 -4.98 9.73 -3.73
N VAL A 13 -4.62 8.53 -3.31
CA VAL A 13 -4.95 7.34 -4.07
C VAL A 13 -6.29 6.76 -3.62
N THR A 14 -7.20 6.61 -4.57
CA THR A 14 -8.51 6.04 -4.28
C THR A 14 -8.42 4.54 -4.10
N LEU A 15 -8.55 4.09 -2.86
CA LEU A 15 -8.58 2.68 -2.56
C LEU A 15 -9.96 2.13 -2.93
N PRO A 16 -10.00 0.92 -3.49
CA PRO A 16 -11.26 0.28 -3.89
C PRO A 16 -12.21 0.05 -2.71
N ASP A 17 -11.70 0.30 -1.50
CA ASP A 17 -12.51 0.19 -0.29
C ASP A 17 -13.42 1.41 -0.16
N GLY A 18 -13.08 2.45 -0.91
CA GLY A 18 -13.86 3.67 -0.87
C GLY A 18 -13.24 4.72 0.04
N SER A 19 -11.94 4.92 -0.11
CA SER A 19 -11.23 5.91 0.68
C SER A 19 -10.01 6.41 -0.10
N ILE A 20 -9.68 7.68 0.07
CA ILE A 20 -8.52 8.24 -0.60
C ILE A 20 -7.40 8.48 0.41
N MET A 21 -6.29 7.79 0.22
CA MET A 21 -5.17 7.91 1.12
C MET A 21 -4.18 8.94 0.63
N THR A 22 -3.74 9.78 1.54
CA THR A 22 -2.77 10.81 1.22
C THR A 22 -1.48 10.54 1.99
N ARG A 23 -0.45 11.32 1.71
CA ARG A 23 0.81 11.17 2.41
C ARG A 23 0.65 11.57 3.88
N ALA A 24 -0.28 12.47 4.14
CA ALA A 24 -0.55 12.94 5.49
C ALA A 24 -1.44 11.97 6.26
N ASP A 25 -2.34 11.29 5.54
CA ASP A 25 -3.28 10.38 6.17
C ASP A 25 -2.57 9.11 6.63
N LEU A 26 -1.52 8.73 5.92
CA LEU A 26 -0.74 7.54 6.24
C LEU A 26 -0.21 7.60 7.67
N PRO A 27 -0.45 6.54 8.46
CA PRO A 27 0.13 6.39 9.81
C PRO A 27 1.63 6.65 9.80
N PRO A 28 2.06 7.77 10.42
CA PRO A 28 3.46 8.22 10.37
C PRO A 28 4.46 7.14 10.80
N ALA A 29 4.16 6.51 11.92
CA ALA A 29 5.01 5.45 12.47
C ALA A 29 4.40 4.89 13.75
N ASN A 30 3.89 5.80 14.57
CA ASN A 30 3.33 5.43 15.85
C ASN A 30 1.84 5.21 15.72
N THR A 31 1.15 6.25 15.25
CA THR A 31 -0.31 6.22 15.05
C THR A 31 -1.05 6.16 16.38
N ARG A 32 -2.11 6.93 16.50
CA ARG A 32 -2.84 7.02 17.76
C ARG A 32 -3.89 5.93 17.87
N ARG A 33 -4.46 5.54 16.74
CA ARG A 33 -5.47 4.49 16.72
C ARG A 33 -5.28 3.55 15.55
N TRP A 34 -4.90 2.32 15.86
CA TRP A 34 -4.75 1.28 14.85
C TRP A 34 -6.02 0.46 14.74
N VAL A 35 -6.93 0.91 13.88
CA VAL A 35 -8.16 0.16 13.62
C VAL A 35 -7.98 -0.74 12.39
N ALA A 36 -8.94 -1.60 12.14
CA ALA A 36 -8.84 -2.54 11.02
C ALA A 36 -8.72 -1.79 9.69
N SER A 37 -9.53 -0.76 9.52
CA SER A 37 -9.49 0.06 8.31
C SER A 37 -8.17 0.83 8.22
N ARG A 38 -7.52 1.03 9.36
CA ARG A 38 -6.24 1.71 9.41
C ARG A 38 -5.15 0.78 8.88
N LYS A 39 -5.23 -0.49 9.29
CA LYS A 39 -4.32 -1.53 8.81
C LYS A 39 -4.29 -1.56 7.29
N ILE A 40 -5.45 -1.79 6.70
CA ILE A 40 -5.58 -1.89 5.24
C ILE A 40 -5.10 -0.62 4.55
N ALA A 41 -5.38 0.51 5.18
CA ALA A 41 -4.98 1.81 4.63
C ALA A 41 -3.47 1.94 4.56
N VAL A 42 -2.76 1.29 5.47
CA VAL A 42 -1.30 1.32 5.46
C VAL A 42 -0.76 0.52 4.28
N VAL A 43 -1.20 -0.72 4.18
CA VAL A 43 -0.71 -1.62 3.13
C VAL A 43 -1.04 -1.05 1.76
N ARG A 44 -2.29 -0.63 1.56
CA ARG A 44 -2.70 -0.08 0.29
C ARG A 44 -2.05 1.28 0.05
N GLY A 45 -1.85 2.03 1.13
CA GLY A 45 -1.27 3.34 1.03
C GLY A 45 0.17 3.32 0.54
N VAL A 46 0.96 2.38 1.04
CA VAL A 46 2.35 2.29 0.64
C VAL A 46 2.52 1.45 -0.63
N ILE A 47 1.94 0.26 -0.64
CA ILE A 47 2.12 -0.70 -1.73
C ILE A 47 1.40 -0.27 -3.00
N TYR A 48 0.14 0.10 -2.84
CA TYR A 48 -0.70 0.48 -3.98
C TYR A 48 -0.54 1.97 -4.26
N GLY A 49 0.01 2.68 -3.28
CA GLY A 49 0.11 4.12 -3.37
C GLY A 49 1.50 4.63 -3.73
N LEU A 50 2.43 4.58 -2.78
CA LEU A 50 3.67 5.32 -2.89
C LEU A 50 4.90 4.46 -3.21
N ILE A 51 5.39 3.73 -2.21
CA ILE A 51 6.75 3.18 -2.29
C ILE A 51 6.81 1.68 -2.01
N THR A 52 8.03 1.16 -2.02
CA THR A 52 8.29 -0.26 -1.78
C THR A 52 8.19 -0.59 -0.29
N LEU A 53 7.99 -1.86 -0.01
CA LEU A 53 7.89 -2.36 1.34
C LEU A 53 9.19 -2.12 2.11
N ALA A 54 10.30 -2.07 1.40
CA ALA A 54 11.60 -1.82 2.03
C ALA A 54 11.59 -0.46 2.72
N GLU A 55 10.98 0.53 2.07
CA GLU A 55 10.88 1.85 2.64
C GLU A 55 9.83 1.86 3.74
N ALA A 56 8.77 1.09 3.53
CA ALA A 56 7.71 0.94 4.51
C ALA A 56 8.17 0.08 5.68
N LYS A 57 9.35 -0.50 5.57
CA LYS A 57 9.94 -1.23 6.68
C LYS A 57 10.73 -0.28 7.57
N GLN A 58 11.51 0.58 6.95
CA GLN A 58 12.30 1.57 7.68
C GLN A 58 11.40 2.51 8.47
N THR A 59 10.26 2.87 7.90
CA THR A 59 9.34 3.80 8.54
C THR A 59 8.18 3.09 9.23
N TYR A 60 7.46 2.26 8.48
CA TYR A 60 6.23 1.66 8.98
C TYR A 60 6.42 0.18 9.29
N GLY A 61 7.67 -0.24 9.39
CA GLY A 61 8.00 -1.66 9.41
C GLY A 61 7.31 -2.45 10.52
N LEU A 62 7.17 -1.83 11.69
CA LEU A 62 6.64 -2.53 12.87
C LEU A 62 7.49 -3.77 13.14
N SER A 63 7.03 -4.89 12.62
CA SER A 63 7.81 -6.11 12.53
C SER A 63 7.46 -6.79 11.21
N ASP A 64 8.44 -7.44 10.59
CA ASP A 64 8.24 -8.04 9.26
C ASP A 64 6.96 -8.86 9.18
N GLU A 65 6.80 -9.78 10.11
CA GLU A 65 5.66 -10.69 10.09
C GLU A 65 4.34 -9.94 10.27
N GLU A 66 4.37 -8.88 11.07
CA GLU A 66 3.16 -8.10 11.35
C GLU A 66 2.65 -7.43 10.08
N PHE A 67 3.53 -6.67 9.41
CA PHE A 67 3.15 -5.94 8.22
C PHE A 67 2.75 -6.93 7.10
N ASN A 68 3.55 -7.98 6.94
CA ASN A 68 3.30 -8.99 5.92
C ASN A 68 2.03 -9.76 6.22
N SER A 69 1.63 -9.80 7.48
CA SER A 69 0.41 -10.47 7.89
C SER A 69 -0.80 -9.73 7.34
N TRP A 70 -0.65 -8.41 7.18
CA TRP A 70 -1.71 -7.60 6.60
C TRP A 70 -1.82 -7.89 5.10
N VAL A 71 -0.67 -7.93 4.44
CA VAL A 71 -0.61 -8.19 3.00
C VAL A 71 -1.20 -9.56 2.69
N SER A 72 -0.80 -10.55 3.48
CA SER A 72 -1.25 -11.91 3.28
C SER A 72 -2.75 -12.06 3.58
N ALA A 73 -3.25 -11.19 4.45
CA ALA A 73 -4.68 -11.17 4.76
C ALA A 73 -5.45 -10.54 3.62
N LEU A 74 -4.80 -9.59 2.94
CA LEU A 74 -5.37 -8.94 1.78
C LEU A 74 -5.29 -9.85 0.55
N ALA A 75 -4.38 -10.80 0.61
CA ALA A 75 -4.25 -11.80 -0.44
C ALA A 75 -5.46 -12.72 -0.44
N GLU A 76 -5.85 -13.15 0.76
CA GLU A 76 -7.02 -14.02 0.98
C GLU A 76 -6.75 -15.44 0.45
N HIS A 77 -6.31 -15.52 -0.79
CA HIS A 77 -6.00 -16.79 -1.41
C HIS A 77 -4.59 -17.23 -1.05
N GLY A 78 -3.64 -16.31 -1.21
CA GLY A 78 -2.28 -16.56 -0.77
C GLY A 78 -1.48 -17.45 -1.71
N LYS A 79 -2.03 -18.64 -1.98
CA LYS A 79 -1.35 -19.64 -2.81
C LYS A 79 -1.07 -19.11 -4.21
N ASP A 80 -2.02 -18.35 -4.75
CA ASP A 80 -1.83 -17.70 -6.05
C ASP A 80 -0.62 -16.79 -5.98
N ALA A 81 -0.75 -15.75 -5.15
CA ALA A 81 0.32 -14.80 -4.83
C ALA A 81 0.59 -13.86 -5.99
N LEU A 82 0.30 -14.33 -7.19
CA LEU A 82 0.55 -13.59 -8.39
C LEU A 82 -0.74 -13.02 -8.96
N LYS A 83 -1.85 -13.42 -8.36
CA LYS A 83 -3.16 -12.96 -8.80
C LYS A 83 -3.67 -11.86 -7.87
N VAL A 84 -2.95 -11.66 -6.77
CA VAL A 84 -3.31 -10.64 -5.80
C VAL A 84 -2.88 -9.28 -6.32
N THR A 85 -3.86 -8.43 -6.63
CA THR A 85 -3.59 -7.13 -7.26
C THR A 85 -2.57 -6.31 -6.48
N ALA A 86 -2.62 -6.38 -5.15
CA ALA A 86 -1.70 -5.62 -4.31
C ALA A 86 -0.25 -6.10 -4.49
N LEU A 87 -0.10 -7.41 -4.67
CA LEU A 87 1.24 -8.01 -4.75
C LEU A 87 1.70 -8.00 -6.19
N LYS A 88 0.75 -8.26 -7.09
CA LYS A 88 1.02 -8.22 -8.52
C LYS A 88 1.46 -6.83 -8.94
N LYS A 89 0.87 -5.81 -8.32
CA LYS A 89 1.24 -4.43 -8.62
C LYS A 89 2.59 -4.14 -8.02
N TYR A 90 2.80 -4.58 -6.80
CA TYR A 90 4.06 -4.35 -6.10
C TYR A 90 5.22 -4.93 -6.90
N ARG A 91 5.13 -6.21 -7.24
CA ARG A 91 6.22 -6.90 -7.94
C ARG A 91 6.40 -6.33 -9.34
N GLN A 92 5.30 -5.87 -9.93
CA GLN A 92 5.33 -5.20 -11.22
C GLN A 92 6.01 -3.84 -11.10
N LEU A 93 5.60 -3.09 -10.08
CA LEU A 93 6.04 -1.71 -9.88
C LEU A 93 7.55 -1.62 -9.65
N LEU A 94 8.12 -2.62 -9.00
CA LEU A 94 9.56 -2.64 -8.74
C LEU A 94 10.35 -2.98 -10.01
N GLU A 95 9.67 -3.56 -10.97
CA GLU A 95 10.32 -4.00 -12.19
C GLU A 95 9.90 -3.13 -13.36
N HIS A 96 10.60 -3.27 -14.48
CA HIS A 96 10.28 -2.50 -15.67
C HIS A 96 10.14 -3.42 -16.88
N HIS A 97 9.31 -3.02 -17.83
CA HIS A 97 9.05 -3.82 -19.02
C HIS A 97 10.32 -4.20 -19.77
N HIS A 98 10.31 -5.42 -20.32
CA HIS A 98 11.45 -5.99 -21.07
C HIS A 98 12.56 -6.45 -20.14
N HIS A 99 12.35 -6.31 -18.84
CA HIS A 99 13.22 -6.92 -17.85
C HIS A 99 12.54 -8.15 -17.28
N HIS A 100 11.22 -8.07 -17.19
CA HIS A 100 10.40 -9.14 -16.66
C HIS A 100 9.00 -9.05 -17.27
N HIS A 101 8.35 -10.19 -17.43
CA HIS A 101 6.99 -10.22 -17.95
C HIS A 101 6.24 -11.38 -17.33
N MET A 1 -2.82 28.55 -4.97
CA MET A 1 -2.42 27.32 -4.25
C MET A 1 -3.38 26.18 -4.51
N MET A 2 -4.64 26.53 -4.80
CA MET A 2 -5.58 25.53 -5.29
C MET A 2 -5.33 25.33 -6.78
N PHE A 3 -5.64 24.14 -7.28
CA PHE A 3 -5.41 23.80 -8.69
C PHE A 3 -3.90 23.73 -8.96
N LEU A 4 -3.15 23.41 -7.91
CA LEU A 4 -1.69 23.34 -8.02
C LEU A 4 -1.22 21.89 -8.09
N ARG A 5 -1.06 21.40 -9.32
CA ARG A 5 -0.52 20.07 -9.59
C ARG A 5 -1.29 18.95 -8.91
N LYS A 6 -2.57 19.16 -8.69
CA LYS A 6 -3.42 18.10 -8.19
C LYS A 6 -4.15 17.42 -9.33
N VAL A 7 -3.74 17.77 -10.55
CA VAL A 7 -4.22 17.14 -11.77
C VAL A 7 -3.02 16.78 -12.64
N GLU A 8 -3.09 15.63 -13.32
CA GLU A 8 -1.94 15.10 -14.04
C GLU A 8 -0.77 14.88 -13.09
N GLY A 9 -0.85 13.78 -12.37
CA GLY A 9 0.14 13.49 -11.34
C GLY A 9 -0.24 14.09 -9.99
N PRO A 10 -1.45 13.79 -9.45
CA PRO A 10 -1.86 14.26 -8.13
C PRO A 10 -1.08 13.57 -7.02
N ARG A 11 -1.11 14.15 -5.83
CA ARG A 11 -0.33 13.64 -4.71
C ARG A 11 -1.12 12.61 -3.92
N SER A 12 -2.44 12.77 -3.89
CA SER A 12 -3.32 11.82 -3.24
C SER A 12 -3.82 10.80 -4.26
N VAL A 13 -3.88 9.54 -3.87
CA VAL A 13 -4.32 8.48 -4.77
C VAL A 13 -5.71 7.98 -4.38
N THR A 14 -6.50 7.60 -5.37
CA THR A 14 -7.82 7.07 -5.12
C THR A 14 -7.82 5.55 -5.26
N LEU A 15 -8.14 4.87 -4.18
CA LEU A 15 -8.22 3.42 -4.18
C LEU A 15 -9.49 2.98 -4.91
N PRO A 16 -9.50 1.77 -5.49
CA PRO A 16 -10.69 1.21 -6.15
C PRO A 16 -11.87 1.09 -5.16
N ASP A 17 -11.55 1.16 -3.88
CA ASP A 17 -12.55 1.13 -2.82
C ASP A 17 -13.36 2.43 -2.78
N GLY A 18 -12.81 3.47 -3.40
CA GLY A 18 -13.47 4.76 -3.40
C GLY A 18 -12.87 5.71 -2.37
N SER A 19 -11.82 5.26 -1.70
CA SER A 19 -11.17 6.05 -0.67
C SER A 19 -9.92 6.72 -1.22
N ILE A 20 -9.67 7.95 -0.79
CA ILE A 20 -8.47 8.66 -1.20
C ILE A 20 -7.41 8.59 -0.11
N MET A 21 -6.21 8.21 -0.49
CA MET A 21 -5.13 8.05 0.48
C MET A 21 -4.00 9.04 0.23
N THR A 22 -3.50 9.59 1.31
CA THR A 22 -2.35 10.49 1.27
C THR A 22 -1.37 10.06 2.36
N ARG A 23 -0.17 10.62 2.36
CA ARG A 23 0.84 10.20 3.34
C ARG A 23 0.41 10.55 4.77
N ALA A 24 -0.36 11.63 4.92
CA ALA A 24 -0.86 12.04 6.23
C ALA A 24 -2.10 11.25 6.62
N ASP A 25 -2.56 10.38 5.72
CA ASP A 25 -3.69 9.52 6.02
C ASP A 25 -3.18 8.14 6.41
N LEU A 26 -1.87 7.99 6.37
CA LEU A 26 -1.21 6.75 6.77
C LEU A 26 -0.83 6.82 8.23
N PRO A 27 -1.03 5.71 8.97
CA PRO A 27 -0.58 5.58 10.36
C PRO A 27 0.85 6.07 10.56
N PRO A 28 1.01 7.20 11.29
CA PRO A 28 2.30 7.87 11.46
C PRO A 28 3.22 7.13 12.44
N ALA A 29 3.59 5.90 12.09
CA ALA A 29 4.52 5.07 12.85
C ALA A 29 3.92 4.62 14.19
N ASN A 30 3.54 5.58 15.02
CA ASN A 30 2.95 5.28 16.31
C ASN A 30 1.51 4.82 16.12
N THR A 31 0.65 5.73 15.66
CA THR A 31 -0.77 5.46 15.43
C THR A 31 -1.51 5.29 16.76
N ARG A 32 -2.70 5.85 16.84
CA ARG A 32 -3.51 5.74 18.03
C ARG A 32 -4.51 4.61 17.88
N ARG A 33 -4.08 3.40 18.33
CA ARG A 33 -4.90 2.19 18.28
C ARG A 33 -5.01 1.65 16.84
N TRP A 34 -4.30 0.55 16.57
CA TRP A 34 -4.27 -0.04 15.25
C TRP A 34 -5.50 -0.89 15.00
N VAL A 35 -6.53 -0.29 14.45
CA VAL A 35 -7.73 -1.04 14.06
C VAL A 35 -7.50 -1.68 12.70
N ALA A 36 -8.39 -2.58 12.31
CA ALA A 36 -8.25 -3.30 11.04
C ALA A 36 -8.20 -2.33 9.86
N SER A 37 -9.06 -1.31 9.90
CA SER A 37 -9.10 -0.30 8.85
C SER A 37 -7.76 0.43 8.73
N ARG A 38 -7.06 0.57 9.84
CA ARG A 38 -5.78 1.28 9.83
C ARG A 38 -4.72 0.46 9.15
N LYS A 39 -4.64 -0.83 9.48
CA LYS A 39 -3.62 -1.70 8.93
C LYS A 39 -3.79 -1.87 7.43
N ILE A 40 -5.00 -2.21 7.00
CA ILE A 40 -5.31 -2.38 5.59
C ILE A 40 -5.04 -1.09 4.81
N ALA A 41 -5.26 0.05 5.47
CA ALA A 41 -5.00 1.34 4.85
C ALA A 41 -3.51 1.55 4.59
N VAL A 42 -2.67 0.99 5.44
CA VAL A 42 -1.22 1.14 5.28
C VAL A 42 -0.77 0.40 4.03
N VAL A 43 -1.12 -0.88 3.93
CA VAL A 43 -0.70 -1.70 2.79
C VAL A 43 -1.24 -1.12 1.48
N ARG A 44 -2.51 -0.70 1.49
CA ARG A 44 -3.10 -0.06 0.32
C ARG A 44 -2.39 1.25 -0.02
N GLY A 45 -2.10 2.02 1.02
CA GLY A 45 -1.51 3.33 0.82
C GLY A 45 -0.08 3.29 0.32
N VAL A 46 0.76 2.48 0.94
CA VAL A 46 2.18 2.44 0.56
C VAL A 46 2.37 1.71 -0.77
N ILE A 47 1.77 0.53 -0.90
CA ILE A 47 1.95 -0.33 -2.07
C ILE A 47 1.45 0.34 -3.34
N TYR A 48 0.27 0.92 -3.27
CA TYR A 48 -0.36 1.48 -4.45
C TYR A 48 -0.05 2.96 -4.59
N GLY A 49 0.10 3.65 -3.46
CA GLY A 49 0.24 5.09 -3.48
C GLY A 49 1.65 5.61 -3.30
N LEU A 50 2.31 5.22 -2.20
CA LEU A 50 3.45 5.98 -1.72
C LEU A 50 4.80 5.47 -2.21
N ILE A 51 5.29 4.38 -1.62
CA ILE A 51 6.66 3.94 -1.87
C ILE A 51 6.83 2.43 -1.73
N THR A 52 8.05 1.98 -1.97
CA THR A 52 8.39 0.57 -1.87
C THR A 52 8.49 0.13 -0.41
N LEU A 53 8.50 -1.18 -0.21
CA LEU A 53 8.56 -1.76 1.12
C LEU A 53 9.89 -1.43 1.79
N ALA A 54 10.89 -1.09 1.00
CA ALA A 54 12.19 -0.70 1.54
C ALA A 54 12.04 0.52 2.45
N GLU A 55 11.37 1.55 1.94
CA GLU A 55 11.16 2.77 2.70
C GLU A 55 10.20 2.51 3.86
N ALA A 56 9.06 1.90 3.52
CA ALA A 56 8.05 1.54 4.51
C ALA A 56 8.63 0.68 5.63
N LYS A 57 9.48 -0.29 5.30
CA LYS A 57 10.03 -1.18 6.32
C LYS A 57 10.97 -0.43 7.25
N GLN A 58 11.82 0.41 6.69
CA GLN A 58 12.79 1.17 7.49
C GLN A 58 12.12 2.18 8.41
N THR A 59 11.03 2.78 7.94
CA THR A 59 10.34 3.79 8.73
C THR A 59 9.11 3.23 9.43
N TYR A 60 8.21 2.64 8.66
CA TYR A 60 6.92 2.16 9.18
C TYR A 60 6.90 0.65 9.31
N GLY A 61 8.07 0.02 9.27
CA GLY A 61 8.15 -1.43 9.16
C GLY A 61 7.59 -2.18 10.35
N LEU A 62 7.43 -1.49 11.48
CA LEU A 62 6.91 -2.09 12.71
C LEU A 62 7.71 -3.34 13.08
N SER A 63 7.19 -4.48 12.67
CA SER A 63 7.88 -5.75 12.77
C SER A 63 7.38 -6.63 11.64
N ASP A 64 8.23 -7.55 11.17
CA ASP A 64 7.85 -8.47 10.09
C ASP A 64 6.49 -9.08 10.36
N GLU A 65 6.34 -9.60 11.57
CA GLU A 65 5.13 -10.28 12.02
C GLU A 65 3.86 -9.45 11.75
N GLU A 66 3.95 -8.16 12.07
CA GLU A 66 2.81 -7.26 11.93
C GLU A 66 2.42 -7.10 10.46
N PHE A 67 3.34 -6.52 9.67
CA PHE A 67 3.10 -6.25 8.27
C PHE A 67 2.77 -7.54 7.50
N ASN A 68 3.42 -8.62 7.91
CA ASN A 68 3.22 -9.94 7.31
C ASN A 68 1.76 -10.35 7.38
N SER A 69 1.15 -10.12 8.55
CA SER A 69 -0.22 -10.50 8.79
C SER A 69 -1.19 -9.71 7.91
N TRP A 70 -0.83 -8.47 7.60
CA TRP A 70 -1.69 -7.62 6.78
C TRP A 70 -1.87 -8.24 5.40
N VAL A 71 -0.75 -8.58 4.77
CA VAL A 71 -0.77 -9.14 3.44
C VAL A 71 -1.36 -10.54 3.44
N SER A 72 -1.09 -11.30 4.50
CA SER A 72 -1.63 -12.65 4.63
C SER A 72 -3.16 -12.62 4.69
N ALA A 73 -3.69 -11.65 5.45
CA ALA A 73 -5.14 -11.53 5.61
C ALA A 73 -5.79 -11.01 4.34
N LEU A 74 -5.02 -10.26 3.57
CA LEU A 74 -5.51 -9.70 2.32
C LEU A 74 -5.39 -10.73 1.20
N ALA A 75 -4.43 -11.64 1.34
CA ALA A 75 -4.26 -12.72 0.37
C ALA A 75 -5.31 -13.80 0.59
N GLU A 76 -5.55 -14.13 1.86
CA GLU A 76 -6.55 -15.13 2.26
C GLU A 76 -6.10 -16.55 1.93
N HIS A 77 -5.60 -16.75 0.73
CA HIS A 77 -5.17 -18.06 0.28
C HIS A 77 -3.69 -18.27 0.53
N GLY A 78 -2.85 -17.70 -0.33
CA GLY A 78 -1.42 -17.87 -0.18
C GLY A 78 -0.88 -18.88 -1.16
N LYS A 79 -1.74 -19.82 -1.55
CA LYS A 79 -1.41 -20.79 -2.59
C LYS A 79 -1.31 -20.06 -3.93
N ASP A 80 -2.08 -18.99 -4.02
CA ASP A 80 -2.13 -18.17 -5.23
C ASP A 80 -1.22 -16.96 -5.10
N ALA A 81 -0.07 -17.16 -4.45
CA ALA A 81 0.91 -16.10 -4.27
C ALA A 81 1.54 -15.70 -5.61
N LEU A 82 1.15 -16.41 -6.67
CA LEU A 82 1.60 -16.08 -8.01
C LEU A 82 0.64 -15.05 -8.63
N LYS A 83 -0.51 -14.90 -7.99
CA LYS A 83 -1.49 -13.91 -8.42
C LYS A 83 -1.49 -12.73 -7.45
N VAL A 84 -2.36 -12.82 -6.42
CA VAL A 84 -2.55 -11.75 -5.42
C VAL A 84 -2.61 -10.36 -6.07
N THR A 85 -3.82 -9.83 -6.24
CA THR A 85 -4.04 -8.57 -6.94
C THR A 85 -3.11 -7.46 -6.45
N ALA A 86 -2.95 -7.35 -5.14
CA ALA A 86 -2.11 -6.31 -4.54
C ALA A 86 -0.62 -6.57 -4.79
N LEU A 87 -0.26 -7.84 -4.96
CA LEU A 87 1.14 -8.22 -5.08
C LEU A 87 1.55 -8.19 -6.55
N LYS A 88 0.66 -8.70 -7.40
CA LYS A 88 0.88 -8.67 -8.83
C LYS A 88 1.01 -7.23 -9.31
N LYS A 89 0.16 -6.37 -8.75
CA LYS A 89 0.21 -4.94 -9.07
C LYS A 89 1.51 -4.36 -8.55
N TYR A 90 1.86 -4.74 -7.33
CA TYR A 90 3.06 -4.25 -6.67
C TYR A 90 4.29 -4.55 -7.52
N ARG A 91 4.43 -5.80 -7.95
CA ARG A 91 5.57 -6.20 -8.77
C ARG A 91 5.57 -5.45 -10.10
N GLN A 92 4.42 -5.44 -10.77
CA GLN A 92 4.28 -4.78 -12.06
C GLN A 92 4.58 -3.28 -11.93
N LEU A 93 4.10 -2.70 -10.83
CA LEU A 93 4.29 -1.30 -10.53
C LEU A 93 5.75 -1.01 -10.19
N LEU A 94 6.42 -1.97 -9.55
CA LEU A 94 7.84 -1.82 -9.22
C LEU A 94 8.71 -1.96 -10.45
N GLU A 95 8.44 -2.98 -11.28
CA GLU A 95 9.17 -3.15 -12.53
C GLU A 95 9.04 -1.89 -13.38
N HIS A 96 7.79 -1.43 -13.52
CA HIS A 96 7.50 -0.08 -14.04
C HIS A 96 8.23 0.22 -15.34
N HIS A 97 8.42 -0.80 -16.18
CA HIS A 97 9.15 -0.63 -17.43
C HIS A 97 8.40 0.28 -18.39
N HIS A 98 7.17 -0.09 -18.73
CA HIS A 98 6.32 0.72 -19.61
C HIS A 98 4.87 0.53 -19.20
N HIS A 99 3.98 1.37 -19.71
CA HIS A 99 2.59 1.33 -19.31
C HIS A 99 1.67 1.10 -20.51
N HIS A 100 0.59 0.38 -20.28
CA HIS A 100 -0.43 0.15 -21.30
C HIS A 100 -1.73 -0.27 -20.62
N HIS A 101 -2.79 -0.41 -21.39
CA HIS A 101 -4.06 -0.90 -20.85
C HIS A 101 -4.48 -2.15 -21.62
N MET A 1 -22.49 26.87 -5.71
CA MET A 1 -21.91 25.52 -5.84
C MET A 1 -20.67 25.40 -4.97
N MET A 2 -20.29 24.17 -4.66
CA MET A 2 -19.09 23.91 -3.88
C MET A 2 -18.31 22.76 -4.50
N PHE A 3 -16.99 22.82 -4.40
CA PHE A 3 -16.15 21.76 -4.92
C PHE A 3 -15.85 20.75 -3.83
N LEU A 4 -16.63 19.67 -3.81
CA LEU A 4 -16.48 18.65 -2.78
C LEU A 4 -15.34 17.69 -3.11
N ARG A 5 -14.91 17.71 -4.36
CA ARG A 5 -13.74 16.95 -4.78
C ARG A 5 -12.57 17.91 -4.99
N LYS A 6 -12.91 19.16 -5.32
CA LYS A 6 -11.96 20.25 -5.50
C LYS A 6 -11.16 20.07 -6.78
N VAL A 7 -10.16 19.19 -6.72
CA VAL A 7 -9.28 18.91 -7.85
C VAL A 7 -8.56 20.18 -8.33
N GLU A 8 -7.46 20.50 -7.65
CA GLU A 8 -6.58 21.58 -8.06
C GLU A 8 -5.14 21.10 -7.89
N GLY A 9 -4.97 19.80 -7.97
CA GLY A 9 -3.70 19.18 -7.67
C GLY A 9 -3.84 18.20 -6.52
N PRO A 10 -4.50 17.04 -6.76
CA PRO A 10 -4.77 16.05 -5.71
C PRO A 10 -3.49 15.49 -5.09
N ARG A 11 -3.31 15.77 -3.81
CA ARG A 11 -2.18 15.24 -3.05
C ARG A 11 -2.57 13.93 -2.38
N SER A 12 -3.82 13.55 -2.58
CA SER A 12 -4.36 12.33 -2.01
C SER A 12 -4.54 11.27 -3.08
N VAL A 13 -4.26 10.01 -2.73
CA VAL A 13 -4.46 8.91 -3.66
C VAL A 13 -5.89 8.38 -3.53
N THR A 14 -6.49 8.02 -4.66
CA THR A 14 -7.82 7.46 -4.65
C THR A 14 -7.74 5.94 -4.71
N LEU A 15 -8.13 5.30 -3.62
CA LEU A 15 -8.08 3.85 -3.53
C LEU A 15 -9.28 3.23 -4.23
N PRO A 16 -9.19 1.94 -4.62
CA PRO A 16 -10.27 1.25 -5.34
C PRO A 16 -11.57 1.13 -4.53
N ASP A 17 -11.50 1.51 -3.27
CA ASP A 17 -12.67 1.53 -2.40
C ASP A 17 -13.48 2.79 -2.63
N GLY A 18 -12.85 3.77 -3.27
CA GLY A 18 -13.49 5.05 -3.47
C GLY A 18 -13.02 6.08 -2.46
N SER A 19 -12.27 5.61 -1.48
CA SER A 19 -11.75 6.47 -0.43
C SER A 19 -10.41 7.08 -0.84
N ILE A 20 -10.19 8.33 -0.43
CA ILE A 20 -8.94 9.00 -0.72
C ILE A 20 -8.09 9.11 0.55
N MET A 21 -6.79 8.92 0.39
CA MET A 21 -5.86 9.04 1.50
C MET A 21 -4.64 9.84 1.06
N THR A 22 -4.19 10.73 1.92
CA THR A 22 -3.02 11.53 1.64
C THR A 22 -1.80 10.91 2.32
N ARG A 23 -0.60 11.31 1.90
CA ARG A 23 0.63 10.88 2.56
C ARG A 23 0.77 11.60 3.91
N ALA A 24 -0.27 11.47 4.72
CA ALA A 24 -0.35 12.11 6.01
C ALA A 24 -1.38 11.39 6.88
N ASP A 25 -2.42 10.86 6.23
CA ASP A 25 -3.45 10.09 6.91
C ASP A 25 -2.92 8.71 7.30
N LEU A 26 -1.74 8.39 6.78
CA LEU A 26 -1.08 7.14 7.08
C LEU A 26 -0.65 7.09 8.54
N PRO A 27 -0.70 5.91 9.18
CA PRO A 27 -0.23 5.74 10.55
C PRO A 27 1.27 6.02 10.66
N PRO A 28 1.66 7.06 11.40
CA PRO A 28 3.05 7.48 11.53
C PRO A 28 3.87 6.53 12.41
N ALA A 29 4.18 5.35 11.85
CA ALA A 29 4.98 4.32 12.52
C ALA A 29 4.21 3.64 13.66
N ASN A 30 3.46 4.43 14.42
CA ASN A 30 2.66 3.91 15.50
C ASN A 30 1.46 4.82 15.74
N THR A 31 0.34 4.43 15.17
CA THR A 31 -0.92 5.16 15.34
C THR A 31 -1.54 4.88 16.72
N ARG A 32 -0.73 4.29 17.61
CA ARG A 32 -1.15 3.93 18.98
C ARG A 32 -2.10 2.73 18.97
N ARG A 33 -3.20 2.85 18.24
CA ARG A 33 -4.18 1.78 18.16
C ARG A 33 -4.36 1.32 16.73
N TRP A 34 -3.80 0.16 16.43
CA TRP A 34 -3.79 -0.38 15.09
C TRP A 34 -5.01 -1.24 14.83
N VAL A 35 -6.06 -0.62 14.31
CA VAL A 35 -7.26 -1.35 13.92
C VAL A 35 -7.04 -2.00 12.55
N ALA A 36 -7.82 -3.05 12.28
CA ALA A 36 -7.68 -3.81 11.05
C ALA A 36 -7.74 -2.92 9.82
N SER A 37 -8.74 -2.04 9.80
CA SER A 37 -8.95 -1.14 8.66
C SER A 37 -7.72 -0.27 8.42
N ARG A 38 -7.07 0.15 9.51
CA ARG A 38 -5.93 1.05 9.39
C ARG A 38 -4.66 0.27 9.04
N LYS A 39 -4.62 -1.01 9.41
CA LYS A 39 -3.53 -1.89 9.00
C LYS A 39 -3.57 -2.05 7.48
N ILE A 40 -4.76 -2.40 6.98
CA ILE A 40 -5.00 -2.50 5.55
C ILE A 40 -4.67 -1.16 4.88
N ALA A 41 -4.99 -0.08 5.57
CA ALA A 41 -4.72 1.27 5.07
C ALA A 41 -3.23 1.49 4.83
N VAL A 42 -2.37 0.88 5.65
CA VAL A 42 -0.94 1.02 5.47
C VAL A 42 -0.50 0.33 4.19
N VAL A 43 -0.91 -0.93 4.00
CA VAL A 43 -0.53 -1.68 2.81
C VAL A 43 -1.10 -1.07 1.53
N ARG A 44 -2.39 -0.74 1.53
CA ARG A 44 -3.03 -0.19 0.33
C ARG A 44 -2.52 1.21 0.06
N GLY A 45 -2.17 1.94 1.12
CA GLY A 45 -1.67 3.29 0.95
C GLY A 45 -0.30 3.32 0.30
N VAL A 46 0.61 2.48 0.78
CA VAL A 46 1.96 2.48 0.24
C VAL A 46 2.03 1.79 -1.13
N ILE A 47 1.50 0.58 -1.22
CA ILE A 47 1.69 -0.26 -2.41
C ILE A 47 0.88 0.26 -3.60
N TYR A 48 -0.34 0.71 -3.36
CA TYR A 48 -1.21 1.17 -4.43
C TYR A 48 -0.85 2.60 -4.82
N GLY A 49 -0.50 3.40 -3.83
CA GLY A 49 -0.31 4.82 -4.07
C GLY A 49 1.13 5.27 -4.18
N LEU A 50 1.89 5.09 -3.10
CA LEU A 50 3.12 5.85 -2.91
C LEU A 50 4.41 5.05 -3.16
N ILE A 51 4.74 4.18 -2.20
CA ILE A 51 6.10 3.66 -2.10
C ILE A 51 6.15 2.14 -2.11
N THR A 52 7.36 1.62 -1.94
CA THR A 52 7.58 0.19 -1.85
C THR A 52 7.67 -0.24 -0.39
N LEU A 53 7.85 -1.53 -0.18
CA LEU A 53 7.98 -2.07 1.17
C LEU A 53 9.35 -1.71 1.74
N ALA A 54 10.30 -1.38 0.88
CA ALA A 54 11.62 -0.97 1.34
C ALA A 54 11.52 0.27 2.21
N GLU A 55 10.83 1.29 1.69
CA GLU A 55 10.60 2.52 2.45
C GLU A 55 9.61 2.26 3.58
N ALA A 56 8.60 1.44 3.29
CA ALA A 56 7.62 1.05 4.30
C ALA A 56 8.26 0.29 5.46
N LYS A 57 9.45 -0.28 5.26
CA LYS A 57 10.17 -0.89 6.36
C LYS A 57 10.92 0.18 7.16
N GLN A 58 11.58 1.08 6.45
CA GLN A 58 12.40 2.11 7.09
C GLN A 58 11.57 2.99 8.00
N THR A 59 10.36 3.32 7.56
CA THR A 59 9.48 4.19 8.32
C THR A 59 8.39 3.39 9.06
N TYR A 60 7.72 2.52 8.34
CA TYR A 60 6.52 1.84 8.85
C TYR A 60 6.82 0.38 9.19
N GLY A 61 8.11 0.06 9.33
CA GLY A 61 8.56 -1.31 9.48
C GLY A 61 8.16 -2.00 10.78
N LEU A 62 7.28 -1.35 11.58
CA LEU A 62 6.79 -1.86 12.88
C LEU A 62 7.24 -3.29 13.20
N SER A 63 6.57 -4.27 12.63
CA SER A 63 7.05 -5.63 12.64
C SER A 63 7.01 -6.18 11.22
N ASP A 64 8.10 -6.78 10.78
CA ASP A 64 8.20 -7.34 9.43
C ASP A 64 7.05 -8.28 9.17
N GLU A 65 6.76 -9.13 10.15
CA GLU A 65 5.73 -10.13 10.01
C GLU A 65 4.34 -9.50 10.13
N GLU A 66 4.25 -8.43 10.91
CA GLU A 66 3.00 -7.69 11.02
C GLU A 66 2.57 -7.20 9.64
N PHE A 67 3.48 -6.56 8.92
CA PHE A 67 3.20 -6.07 7.57
C PHE A 67 2.75 -7.22 6.68
N ASN A 68 3.45 -8.34 6.80
CA ASN A 68 3.14 -9.54 6.03
C ASN A 68 1.74 -10.05 6.37
N SER A 69 1.40 -10.01 7.65
CA SER A 69 0.14 -10.56 8.13
C SER A 69 -1.05 -9.74 7.62
N TRP A 70 -0.81 -8.47 7.26
CA TRP A 70 -1.87 -7.64 6.71
C TRP A 70 -2.29 -8.18 5.35
N VAL A 71 -1.31 -8.36 4.48
CA VAL A 71 -1.56 -8.91 3.15
C VAL A 71 -2.04 -10.36 3.26
N SER A 72 -1.45 -11.09 4.21
CA SER A 72 -1.78 -12.48 4.44
C SER A 72 -3.23 -12.63 4.91
N ALA A 73 -3.74 -11.62 5.59
CA ALA A 73 -5.13 -11.66 6.09
C ALA A 73 -6.09 -11.15 5.02
N LEU A 74 -5.57 -10.33 4.11
CA LEU A 74 -6.36 -9.82 3.01
C LEU A 74 -6.64 -10.93 2.01
N ALA A 75 -5.74 -11.90 1.97
CA ALA A 75 -5.95 -13.12 1.22
C ALA A 75 -6.63 -14.15 2.11
N GLU A 76 -5.90 -14.56 3.15
CA GLU A 76 -6.37 -15.52 4.15
C GLU A 76 -6.74 -16.86 3.53
N HIS A 77 -7.95 -16.94 2.98
CA HIS A 77 -8.43 -18.19 2.38
C HIS A 77 -9.00 -17.93 0.99
N GLY A 78 -8.69 -16.78 0.44
CA GLY A 78 -9.13 -16.45 -0.91
C GLY A 78 -8.62 -17.43 -1.93
N LYS A 79 -7.43 -17.98 -1.67
CA LYS A 79 -6.77 -18.98 -2.51
C LYS A 79 -6.25 -18.37 -3.82
N ASP A 80 -6.96 -17.38 -4.34
CA ASP A 80 -6.50 -16.64 -5.51
C ASP A 80 -5.49 -15.60 -5.08
N ALA A 81 -4.35 -16.09 -4.64
CA ALA A 81 -3.25 -15.23 -4.27
C ALA A 81 -2.28 -15.07 -5.44
N LEU A 82 -2.73 -15.54 -6.59
CA LEU A 82 -1.91 -15.52 -7.81
C LEU A 82 -2.22 -14.29 -8.64
N LYS A 83 -3.47 -13.83 -8.58
CA LYS A 83 -3.90 -12.70 -9.40
C LYS A 83 -4.22 -11.48 -8.54
N VAL A 84 -3.69 -11.46 -7.32
CA VAL A 84 -3.90 -10.32 -6.42
C VAL A 84 -3.21 -9.09 -6.98
N THR A 85 -3.99 -8.04 -7.18
CA THR A 85 -3.52 -6.80 -7.81
C THR A 85 -2.28 -6.23 -7.13
N ALA A 86 -2.43 -5.81 -5.88
CA ALA A 86 -1.34 -5.17 -5.14
C ALA A 86 -0.12 -6.07 -5.01
N LEU A 87 -0.34 -7.37 -5.08
CA LEU A 87 0.74 -8.34 -4.89
C LEU A 87 1.51 -8.49 -6.20
N LYS A 88 0.77 -8.75 -7.26
CA LYS A 88 1.36 -8.95 -8.58
C LYS A 88 2.02 -7.68 -9.08
N LYS A 89 1.46 -6.54 -8.69
CA LYS A 89 2.05 -5.25 -9.01
C LYS A 89 3.37 -5.07 -8.29
N TYR A 90 3.41 -5.39 -7.01
CA TYR A 90 4.63 -5.24 -6.25
C TYR A 90 5.70 -6.16 -6.78
N ARG A 91 5.34 -7.41 -7.03
CA ARG A 91 6.29 -8.40 -7.53
C ARG A 91 6.81 -7.99 -8.90
N GLN A 92 5.99 -7.32 -9.69
CA GLN A 92 6.41 -6.85 -11.00
C GLN A 92 7.24 -5.58 -10.88
N LEU A 93 6.84 -4.72 -9.96
CA LEU A 93 7.49 -3.43 -9.76
C LEU A 93 8.95 -3.59 -9.31
N LEU A 94 9.27 -4.76 -8.77
CA LEU A 94 10.64 -5.05 -8.31
C LEU A 94 11.49 -5.65 -9.44
N GLU A 95 11.00 -5.54 -10.68
CA GLU A 95 11.72 -6.09 -11.84
C GLU A 95 13.00 -5.31 -12.12
N HIS A 96 13.05 -4.06 -11.65
CA HIS A 96 14.12 -3.15 -12.04
C HIS A 96 15.37 -3.32 -11.20
N HIS A 97 15.71 -4.56 -10.86
CA HIS A 97 17.03 -4.87 -10.34
C HIS A 97 17.86 -5.39 -11.51
N HIS A 98 17.50 -6.58 -11.98
CA HIS A 98 17.94 -7.11 -13.27
C HIS A 98 19.46 -6.98 -13.45
N HIS A 99 20.20 -7.84 -12.78
CA HIS A 99 21.65 -7.82 -12.88
C HIS A 99 22.18 -9.14 -13.41
N HIS A 100 21.58 -10.23 -12.94
CA HIS A 100 21.96 -11.59 -13.35
C HIS A 100 23.42 -11.90 -13.00
N HIS A 101 24.33 -11.57 -13.90
CA HIS A 101 25.73 -11.88 -13.74
C HIS A 101 26.56 -11.10 -14.75
N MET A 1 -3.75 26.66 -15.61
CA MET A 1 -5.07 26.53 -14.96
C MET A 1 -5.96 25.51 -15.67
N MET A 2 -5.51 25.02 -16.82
CA MET A 2 -6.30 24.08 -17.62
C MET A 2 -6.33 22.70 -16.97
N PHE A 3 -5.20 22.29 -16.41
CA PHE A 3 -5.10 20.98 -15.78
C PHE A 3 -4.28 21.09 -14.49
N LEU A 4 -4.67 20.32 -13.48
CA LEU A 4 -3.99 20.34 -12.21
C LEU A 4 -4.24 19.05 -11.43
N ARG A 5 -5.50 18.80 -11.09
CA ARG A 5 -5.85 17.68 -10.21
C ARG A 5 -5.90 16.37 -10.99
N LYS A 6 -4.70 15.83 -11.27
CA LYS A 6 -4.54 14.57 -11.99
C LYS A 6 -3.06 14.35 -12.29
N VAL A 7 -2.36 15.44 -12.50
CA VAL A 7 -0.97 15.39 -12.96
C VAL A 7 -0.11 16.39 -12.19
N GLU A 8 1.13 16.55 -12.64
CA GLU A 8 2.08 17.49 -12.05
C GLU A 8 2.49 17.05 -10.66
N GLY A 9 1.57 17.20 -9.73
CA GLY A 9 1.78 16.79 -8.37
C GLY A 9 0.47 16.70 -7.63
N PRO A 10 -0.35 15.67 -7.93
CA PRO A 10 -1.66 15.52 -7.30
C PRO A 10 -1.53 15.28 -5.80
N ARG A 11 -2.38 15.94 -5.03
CA ARG A 11 -2.27 15.93 -3.58
C ARG A 11 -2.46 14.54 -2.99
N SER A 12 -3.56 13.90 -3.35
CA SER A 12 -3.93 12.63 -2.74
C SER A 12 -3.90 11.50 -3.78
N VAL A 13 -3.72 10.27 -3.29
CA VAL A 13 -3.80 9.11 -4.16
C VAL A 13 -5.20 8.51 -4.09
N THR A 14 -5.76 8.20 -5.25
CA THR A 14 -7.04 7.53 -5.30
C THR A 14 -6.83 6.02 -5.37
N LEU A 15 -6.98 5.37 -4.24
CA LEU A 15 -6.77 3.93 -4.14
C LEU A 15 -7.98 3.17 -4.67
N PRO A 16 -7.80 1.91 -5.09
CA PRO A 16 -8.86 1.09 -5.71
C PRO A 16 -10.07 0.85 -4.79
N ASP A 17 -9.98 1.33 -3.56
CA ASP A 17 -11.08 1.20 -2.62
C ASP A 17 -12.01 2.40 -2.72
N GLY A 18 -11.66 3.34 -3.59
CA GLY A 18 -12.47 4.53 -3.79
C GLY A 18 -12.22 5.57 -2.72
N SER A 19 -11.02 5.55 -2.17
CA SER A 19 -10.65 6.48 -1.12
C SER A 19 -9.49 7.35 -1.56
N ILE A 20 -9.58 8.65 -1.30
CA ILE A 20 -8.48 9.56 -1.56
C ILE A 20 -7.66 9.75 -0.30
N MET A 21 -6.51 9.10 -0.25
CA MET A 21 -5.66 9.18 0.92
C MET A 21 -4.47 10.08 0.65
N THR A 22 -4.23 10.98 1.57
CA THR A 22 -3.11 11.89 1.48
C THR A 22 -2.03 11.45 2.47
N ARG A 23 -0.88 12.11 2.45
CA ARG A 23 0.21 11.80 3.37
C ARG A 23 -0.23 11.93 4.84
N ALA A 24 -1.33 12.63 5.06
CA ALA A 24 -1.84 12.84 6.41
C ALA A 24 -2.85 11.76 6.81
N ASP A 25 -3.15 10.86 5.89
CA ASP A 25 -4.12 9.80 6.14
C ASP A 25 -3.39 8.50 6.48
N LEU A 26 -2.07 8.56 6.49
CA LEU A 26 -1.25 7.41 6.79
C LEU A 26 -0.81 7.43 8.24
N PRO A 27 -0.96 6.30 8.96
CA PRO A 27 -0.41 6.18 10.32
C PRO A 27 1.12 6.30 10.31
N PRO A 28 1.66 7.41 10.84
CA PRO A 28 3.11 7.69 10.77
C PRO A 28 3.95 6.58 11.38
N ALA A 29 3.44 6.01 12.46
CA ALA A 29 4.10 4.92 13.16
C ALA A 29 3.20 4.41 14.26
N ASN A 30 2.48 5.34 14.89
CA ASN A 30 1.57 5.01 15.97
C ASN A 30 0.24 5.74 15.80
N THR A 31 -0.69 5.12 15.10
CA THR A 31 -2.05 5.63 15.05
C THR A 31 -2.69 5.41 16.42
N ARG A 32 -3.78 6.11 16.70
CA ARG A 32 -4.41 6.01 18.02
C ARG A 32 -4.96 4.62 18.26
N ARG A 33 -5.53 4.00 17.23
CA ARG A 33 -6.07 2.65 17.34
C ARG A 33 -5.86 1.89 16.03
N TRP A 34 -4.99 0.89 16.07
CA TRP A 34 -4.72 0.05 14.90
C TRP A 34 -5.87 -0.93 14.67
N VAL A 35 -6.89 -0.49 13.94
CA VAL A 35 -8.00 -1.35 13.58
C VAL A 35 -7.77 -2.00 12.23
N ALA A 36 -8.64 -2.94 11.87
CA ALA A 36 -8.53 -3.66 10.60
C ALA A 36 -8.46 -2.71 9.41
N SER A 37 -9.32 -1.70 9.43
CA SER A 37 -9.38 -0.71 8.36
C SER A 37 -8.06 0.06 8.27
N ARG A 38 -7.44 0.33 9.43
CA ARG A 38 -6.15 1.02 9.45
C ARG A 38 -5.08 0.14 8.82
N LYS A 39 -5.04 -1.13 9.24
CA LYS A 39 -4.01 -2.07 8.78
C LYS A 39 -4.00 -2.16 7.25
N ILE A 40 -5.14 -2.50 6.67
CA ILE A 40 -5.28 -2.63 5.22
C ILE A 40 -4.94 -1.31 4.51
N ALA A 41 -5.36 -0.20 5.11
CA ALA A 41 -5.13 1.11 4.54
C ALA A 41 -3.64 1.43 4.45
N VAL A 42 -2.86 0.91 5.39
CA VAL A 42 -1.42 1.14 5.39
C VAL A 42 -0.75 0.34 4.28
N VAL A 43 -1.18 -0.91 4.10
CA VAL A 43 -0.59 -1.77 3.07
C VAL A 43 -0.66 -1.10 1.71
N ARG A 44 -1.88 -0.91 1.23
CA ARG A 44 -2.05 -0.32 -0.10
C ARG A 44 -1.90 1.19 -0.07
N GLY A 45 -1.76 1.75 1.13
CA GLY A 45 -1.50 3.17 1.25
C GLY A 45 -0.08 3.53 0.89
N VAL A 46 0.87 2.76 1.40
CA VAL A 46 2.27 2.98 1.06
C VAL A 46 2.63 2.28 -0.25
N ILE A 47 2.15 1.05 -0.41
CA ILE A 47 2.48 0.21 -1.54
C ILE A 47 1.94 0.78 -2.86
N TYR A 48 0.70 1.23 -2.85
CA TYR A 48 0.08 1.76 -4.06
C TYR A 48 0.19 3.28 -4.10
N GLY A 49 0.61 3.86 -2.98
CA GLY A 49 0.61 5.29 -2.84
C GLY A 49 1.98 5.92 -3.04
N LEU A 50 2.85 5.79 -2.03
CA LEU A 50 4.06 6.60 -1.98
C LEU A 50 5.33 5.82 -2.34
N ILE A 51 5.80 4.99 -1.43
CA ILE A 51 7.14 4.42 -1.53
C ILE A 51 7.12 2.89 -1.55
N THR A 52 8.32 2.31 -1.60
CA THR A 52 8.45 0.85 -1.62
C THR A 52 8.32 0.28 -0.21
N LEU A 53 8.30 -1.04 -0.12
CA LEU A 53 8.20 -1.70 1.18
C LEU A 53 9.49 -1.51 1.99
N ALA A 54 10.55 -1.05 1.33
CA ALA A 54 11.79 -0.78 2.02
C ALA A 54 11.63 0.43 2.94
N GLU A 55 11.20 1.55 2.38
CA GLU A 55 10.94 2.76 3.15
C GLU A 55 9.80 2.49 4.13
N ALA A 56 8.77 1.81 3.65
CA ALA A 56 7.64 1.41 4.46
C ALA A 56 8.05 0.51 5.61
N LYS A 57 9.22 -0.11 5.53
CA LYS A 57 9.69 -0.92 6.65
C LYS A 57 10.64 -0.10 7.52
N GLN A 58 11.42 0.76 6.91
CA GLN A 58 12.33 1.63 7.67
C GLN A 58 11.53 2.59 8.56
N THR A 59 10.41 3.07 8.05
CA THR A 59 9.56 3.97 8.81
C THR A 59 8.38 3.22 9.44
N TYR A 60 7.62 2.50 8.61
CA TYR A 60 6.35 1.92 9.05
C TYR A 60 6.51 0.41 9.27
N GLY A 61 7.75 -0.05 9.38
CA GLY A 61 8.05 -1.46 9.37
C GLY A 61 7.27 -2.27 10.37
N LEU A 62 7.05 -1.72 11.57
CA LEU A 62 6.44 -2.44 12.69
C LEU A 62 7.26 -3.70 13.01
N SER A 63 7.00 -4.73 12.25
CA SER A 63 7.76 -5.97 12.26
C SER A 63 7.50 -6.64 10.92
N ASP A 64 8.49 -7.35 10.38
CA ASP A 64 8.34 -7.99 9.08
C ASP A 64 7.12 -8.90 9.08
N GLU A 65 6.96 -9.65 10.18
CA GLU A 65 5.84 -10.56 10.35
C GLU A 65 4.51 -9.80 10.36
N GLU A 66 4.49 -8.64 11.02
CA GLU A 66 3.29 -7.83 11.13
C GLU A 66 2.79 -7.43 9.75
N PHE A 67 3.59 -6.68 9.02
CA PHE A 67 3.21 -6.18 7.71
C PHE A 67 2.96 -7.35 6.74
N ASN A 68 3.75 -8.41 6.90
CA ASN A 68 3.63 -9.62 6.09
C ASN A 68 2.26 -10.24 6.28
N SER A 69 1.79 -10.25 7.51
CA SER A 69 0.50 -10.83 7.86
C SER A 69 -0.63 -10.02 7.23
N TRP A 70 -0.41 -8.72 7.00
CA TRP A 70 -1.40 -7.86 6.37
C TRP A 70 -1.66 -8.34 4.95
N VAL A 71 -0.58 -8.59 4.23
CA VAL A 71 -0.66 -9.08 2.86
C VAL A 71 -1.24 -10.49 2.84
N SER A 72 -0.85 -11.28 3.84
CA SER A 72 -1.35 -12.64 3.96
C SER A 72 -2.86 -12.66 4.19
N ALA A 73 -3.37 -11.62 4.86
CA ALA A 73 -4.80 -11.48 5.08
C ALA A 73 -5.50 -11.03 3.80
N LEU A 74 -4.78 -10.29 2.98
CA LEU A 74 -5.33 -9.75 1.74
C LEU A 74 -5.15 -10.73 0.58
N ALA A 75 -4.46 -11.83 0.86
CA ALA A 75 -4.29 -12.90 -0.13
C ALA A 75 -5.63 -13.52 -0.50
N GLU A 76 -6.38 -13.92 0.53
CA GLU A 76 -7.74 -14.44 0.37
C GLU A 76 -7.73 -15.75 -0.44
N HIS A 77 -6.57 -16.39 -0.52
CA HIS A 77 -6.43 -17.62 -1.29
C HIS A 77 -5.97 -18.76 -0.40
N GLY A 78 -4.74 -18.68 0.09
CA GLY A 78 -4.18 -19.76 0.87
C GLY A 78 -3.45 -20.76 0.00
N LYS A 79 -2.16 -20.98 0.29
CA LYS A 79 -1.27 -21.80 -0.55
C LYS A 79 -0.98 -21.12 -1.89
N ASP A 80 -1.99 -20.50 -2.45
CA ASP A 80 -1.83 -19.70 -3.64
C ASP A 80 -1.36 -18.32 -3.24
N ALA A 81 -0.09 -18.23 -2.94
CA ALA A 81 0.55 -16.97 -2.62
C ALA A 81 1.08 -16.29 -3.87
N LEU A 82 0.59 -16.76 -5.01
CA LEU A 82 1.03 -16.25 -6.30
C LEU A 82 0.07 -15.18 -6.80
N LYS A 83 -1.21 -15.35 -6.54
CA LYS A 83 -2.22 -14.43 -7.01
C LYS A 83 -2.71 -13.53 -5.88
N VAL A 84 -1.87 -13.35 -4.86
CA VAL A 84 -2.16 -12.44 -3.77
C VAL A 84 -2.41 -11.05 -4.32
N THR A 85 -3.54 -10.46 -3.92
CA THR A 85 -3.97 -9.18 -4.48
C THR A 85 -2.87 -8.13 -4.48
N ALA A 86 -2.51 -7.61 -3.32
CA ALA A 86 -1.53 -6.54 -3.20
C ALA A 86 -0.16 -6.95 -3.73
N LEU A 87 0.10 -8.25 -3.75
CA LEU A 87 1.41 -8.76 -4.13
C LEU A 87 1.52 -8.79 -5.65
N LYS A 88 0.52 -9.39 -6.29
CA LYS A 88 0.52 -9.51 -7.74
C LYS A 88 0.33 -8.14 -8.38
N LYS A 89 -0.36 -7.23 -7.69
CA LYS A 89 -0.50 -5.85 -8.17
C LYS A 89 0.86 -5.18 -8.23
N TYR A 90 1.58 -5.24 -7.12
CA TYR A 90 2.88 -4.60 -7.03
C TYR A 90 3.87 -5.24 -8.00
N ARG A 91 3.84 -6.57 -8.07
CA ARG A 91 4.78 -7.31 -8.88
C ARG A 91 4.50 -7.11 -10.38
N GLN A 92 3.22 -7.09 -10.74
CA GLN A 92 2.82 -6.92 -12.13
C GLN A 92 3.01 -5.48 -12.59
N LEU A 93 2.81 -4.54 -11.67
CA LEU A 93 2.93 -3.12 -11.97
C LEU A 93 4.38 -2.75 -12.35
N LEU A 94 5.33 -3.57 -11.91
CA LEU A 94 6.73 -3.35 -12.27
C LEU A 94 7.03 -3.93 -13.64
N GLU A 95 6.09 -4.68 -14.19
CA GLU A 95 6.24 -5.25 -15.52
C GLU A 95 5.45 -4.45 -16.54
N HIS A 96 6.06 -4.16 -17.66
CA HIS A 96 5.36 -3.51 -18.77
C HIS A 96 4.73 -4.58 -19.67
N HIS A 97 4.21 -5.61 -19.02
CA HIS A 97 3.62 -6.75 -19.70
C HIS A 97 2.21 -6.41 -20.18
N HIS A 98 1.83 -6.97 -21.32
CA HIS A 98 0.50 -6.74 -21.89
C HIS A 98 -0.59 -7.32 -20.99
N HIS A 99 -1.43 -6.45 -20.44
CA HIS A 99 -2.57 -6.90 -19.64
C HIS A 99 -3.56 -7.66 -20.52
N HIS A 100 -4.03 -8.79 -20.02
CA HIS A 100 -4.98 -9.60 -20.78
C HIS A 100 -6.39 -9.05 -20.60
N HIS A 101 -6.65 -7.89 -21.23
CA HIS A 101 -7.92 -7.18 -21.07
C HIS A 101 -8.15 -6.83 -19.60
N MET A 1 -5.87 16.01 -23.92
CA MET A 1 -5.09 17.26 -24.00
C MET A 1 -4.58 17.65 -22.62
N MET A 2 -5.47 18.19 -21.78
CA MET A 2 -5.12 18.58 -20.42
C MET A 2 -5.93 17.76 -19.42
N PHE A 3 -5.29 17.38 -18.32
CA PHE A 3 -5.94 16.58 -17.30
C PHE A 3 -6.75 17.46 -16.34
N LEU A 4 -7.24 18.60 -16.86
CA LEU A 4 -8.01 19.58 -16.09
C LEU A 4 -7.11 20.34 -15.11
N ARG A 5 -6.34 19.60 -14.33
CA ARG A 5 -5.41 20.18 -13.38
C ARG A 5 -4.09 19.43 -13.47
N LYS A 6 -3.05 19.95 -12.82
CA LYS A 6 -1.77 19.27 -12.78
C LYS A 6 -1.85 17.95 -12.02
N VAL A 7 -1.26 16.93 -12.62
CA VAL A 7 -1.20 15.60 -12.02
C VAL A 7 0.25 15.27 -11.71
N GLU A 8 1.04 16.31 -11.58
CA GLU A 8 2.45 16.18 -11.25
C GLU A 8 2.63 15.95 -9.76
N GLY A 9 3.07 14.76 -9.40
CA GLY A 9 3.26 14.40 -8.01
C GLY A 9 2.00 14.51 -7.15
N PRO A 10 0.90 13.80 -7.50
CA PRO A 10 -0.29 13.75 -6.66
C PRO A 10 -0.02 12.97 -5.37
N ARG A 11 -0.21 13.63 -4.24
CA ARG A 11 0.04 13.01 -2.94
C ARG A 11 -1.24 12.42 -2.36
N SER A 12 -2.31 12.47 -3.14
CA SER A 12 -3.58 11.89 -2.75
C SER A 12 -3.91 10.71 -3.67
N VAL A 13 -4.03 9.52 -3.11
CA VAL A 13 -4.27 8.33 -3.91
C VAL A 13 -5.70 7.83 -3.75
N THR A 14 -6.25 7.27 -4.81
CA THR A 14 -7.58 6.70 -4.78
C THR A 14 -7.50 5.18 -4.66
N LEU A 15 -7.94 4.65 -3.53
CA LEU A 15 -7.90 3.22 -3.28
C LEU A 15 -9.07 2.54 -3.96
N PRO A 16 -8.93 1.23 -4.27
CA PRO A 16 -9.96 0.45 -4.99
C PRO A 16 -11.32 0.39 -4.28
N ASP A 17 -11.40 0.92 -3.06
CA ASP A 17 -12.68 1.00 -2.34
C ASP A 17 -13.46 2.23 -2.81
N GLY A 18 -12.78 3.10 -3.53
CA GLY A 18 -13.38 4.37 -3.92
C GLY A 18 -13.07 5.46 -2.91
N SER A 19 -12.17 5.13 -1.99
CA SER A 19 -11.77 6.05 -0.95
C SER A 19 -10.46 6.74 -1.30
N ILE A 20 -10.31 7.99 -0.88
CA ILE A 20 -9.08 8.72 -1.12
C ILE A 20 -8.23 8.75 0.14
N MET A 21 -6.96 8.38 0.00
CA MET A 21 -6.05 8.33 1.12
C MET A 21 -4.80 9.14 0.84
N THR A 22 -4.10 9.47 1.90
CA THR A 22 -2.89 10.27 1.82
C THR A 22 -2.11 10.14 3.12
N ARG A 23 -0.97 10.78 3.19
CA ARG A 23 -0.06 10.65 4.35
C ARG A 23 -0.69 11.26 5.61
N ALA A 24 -1.69 12.11 5.42
CA ALA A 24 -2.39 12.73 6.54
C ALA A 24 -3.04 11.68 7.44
N ASP A 25 -3.82 10.79 6.85
CA ASP A 25 -4.51 9.75 7.63
C ASP A 25 -3.65 8.50 7.72
N LEU A 26 -2.62 8.44 6.88
CA LEU A 26 -1.64 7.38 6.96
C LEU A 26 -0.98 7.43 8.33
N PRO A 27 -1.06 6.33 9.10
CA PRO A 27 -0.60 6.25 10.49
C PRO A 27 0.63 7.10 10.81
N PRO A 28 0.42 8.18 11.59
CA PRO A 28 1.47 9.12 11.98
C PRO A 28 2.42 8.55 13.05
N ALA A 29 3.07 7.43 12.71
CA ALA A 29 4.05 6.79 13.59
C ALA A 29 3.39 6.21 14.83
N ASN A 30 2.95 7.06 15.75
CA ASN A 30 2.30 6.60 16.97
C ASN A 30 0.92 6.03 16.65
N THR A 31 0.14 6.78 15.87
CA THR A 31 -1.15 6.32 15.35
C THR A 31 -2.15 6.03 16.46
N ARG A 32 -3.04 6.98 16.70
CA ARG A 32 -4.10 6.80 17.69
C ARG A 32 -5.09 5.74 17.21
N ARG A 33 -5.08 4.59 17.88
CA ARG A 33 -5.98 3.48 17.55
C ARG A 33 -5.61 2.79 16.23
N TRP A 34 -4.96 1.65 16.35
CA TRP A 34 -4.72 0.80 15.19
C TRP A 34 -5.94 -0.08 14.94
N VAL A 35 -6.73 0.30 13.96
CA VAL A 35 -7.89 -0.50 13.57
C VAL A 35 -7.56 -1.36 12.36
N ALA A 36 -8.38 -2.37 12.11
CA ALA A 36 -8.17 -3.27 10.98
C ALA A 36 -8.13 -2.52 9.67
N SER A 37 -8.97 -1.50 9.56
CA SER A 37 -9.01 -0.66 8.37
C SER A 37 -7.66 0.03 8.14
N ARG A 38 -6.99 0.43 9.22
CA ARG A 38 -5.72 1.12 9.09
C ARG A 38 -4.60 0.16 8.78
N LYS A 39 -4.72 -1.11 9.20
CA LYS A 39 -3.80 -2.14 8.77
C LYS A 39 -3.77 -2.15 7.24
N ILE A 40 -4.97 -2.30 6.67
CA ILE A 40 -5.15 -2.32 5.23
C ILE A 40 -4.73 -0.99 4.60
N ALA A 41 -4.98 0.10 5.33
CA ALA A 41 -4.65 1.43 4.86
C ALA A 41 -3.14 1.63 4.73
N VAL A 42 -2.35 1.01 5.62
CA VAL A 42 -0.91 1.14 5.54
C VAL A 42 -0.36 0.42 4.32
N VAL A 43 -0.66 -0.87 4.21
CA VAL A 43 -0.15 -1.67 3.09
C VAL A 43 -0.58 -1.10 1.75
N ARG A 44 -1.84 -0.70 1.63
CA ARG A 44 -2.32 -0.12 0.39
C ARG A 44 -1.78 1.29 0.20
N GLY A 45 -1.65 2.01 1.30
CA GLY A 45 -1.18 3.39 1.25
C GLY A 45 0.26 3.51 0.81
N VAL A 46 1.08 2.52 1.14
CA VAL A 46 2.48 2.55 0.75
C VAL A 46 2.71 1.85 -0.59
N ILE A 47 2.28 0.60 -0.70
CA ILE A 47 2.53 -0.22 -1.88
C ILE A 47 1.87 0.36 -3.13
N TYR A 48 0.62 0.75 -2.99
CA TYR A 48 -0.13 1.28 -4.12
C TYR A 48 -0.07 2.81 -4.12
N GLY A 49 0.33 3.36 -2.99
CA GLY A 49 0.25 4.79 -2.82
C GLY A 49 1.58 5.51 -2.99
N LEU A 50 2.47 5.37 -2.00
CA LEU A 50 3.60 6.27 -1.88
C LEU A 50 4.91 5.66 -2.39
N ILE A 51 5.50 4.78 -1.60
CA ILE A 51 6.86 4.31 -1.87
C ILE A 51 6.97 2.79 -1.85
N THR A 52 8.14 2.29 -2.20
CA THR A 52 8.39 0.86 -2.22
C THR A 52 8.44 0.29 -0.80
N LEU A 53 8.36 -1.04 -0.70
CA LEU A 53 8.41 -1.71 0.59
C LEU A 53 9.77 -1.52 1.25
N ALA A 54 10.78 -1.17 0.46
CA ALA A 54 12.11 -0.92 0.99
C ALA A 54 12.08 0.19 2.04
N GLU A 55 11.48 1.31 1.68
CA GLU A 55 11.39 2.43 2.59
C GLU A 55 10.23 2.24 3.55
N ALA A 56 9.16 1.60 3.08
CA ALA A 56 8.00 1.31 3.91
C ALA A 56 8.36 0.32 5.00
N LYS A 57 9.44 -0.42 4.81
CA LYS A 57 9.94 -1.32 5.84
C LYS A 57 10.79 -0.54 6.82
N GLN A 58 11.66 0.32 6.29
CA GLN A 58 12.54 1.14 7.13
C GLN A 58 11.74 2.06 8.06
N THR A 59 10.71 2.69 7.51
CA THR A 59 9.92 3.65 8.28
C THR A 59 8.67 2.99 8.87
N TYR A 60 7.88 2.32 8.04
CA TYR A 60 6.58 1.81 8.46
C TYR A 60 6.59 0.30 8.65
N GLY A 61 7.80 -0.26 8.75
CA GLY A 61 7.93 -1.70 8.83
C GLY A 61 7.49 -2.28 10.16
N LEU A 62 7.37 -1.40 11.17
CA LEU A 62 6.95 -1.78 12.53
C LEU A 62 7.45 -3.17 12.93
N SER A 63 6.58 -4.17 12.85
CA SER A 63 6.99 -5.54 13.01
C SER A 63 6.88 -6.25 11.67
N ASP A 64 7.95 -6.94 11.26
CA ASP A 64 7.97 -7.65 9.99
C ASP A 64 6.80 -8.61 9.90
N GLU A 65 6.56 -9.33 10.99
CA GLU A 65 5.44 -10.28 11.07
C GLU A 65 4.11 -9.55 10.97
N GLU A 66 4.06 -8.34 11.52
CA GLU A 66 2.86 -7.53 11.50
C GLU A 66 2.50 -7.11 10.08
N PHE A 67 3.48 -6.54 9.38
CA PHE A 67 3.27 -6.07 8.02
C PHE A 67 2.82 -7.23 7.12
N ASN A 68 3.40 -8.41 7.36
CA ASN A 68 3.05 -9.60 6.60
C ASN A 68 1.60 -10.01 6.86
N SER A 69 1.18 -9.96 8.12
CA SER A 69 -0.17 -10.41 8.49
C SER A 69 -1.24 -9.55 7.85
N TRP A 70 -0.90 -8.31 7.52
CA TRP A 70 -1.85 -7.43 6.85
C TRP A 70 -2.07 -7.89 5.42
N VAL A 71 -0.97 -8.21 4.74
CA VAL A 71 -1.04 -8.65 3.35
C VAL A 71 -1.72 -10.01 3.24
N SER A 72 -1.41 -10.91 4.17
CA SER A 72 -1.98 -12.25 4.16
C SER A 72 -3.46 -12.20 4.50
N ALA A 73 -3.87 -11.19 5.27
CA ALA A 73 -5.27 -11.00 5.61
C ALA A 73 -6.03 -10.44 4.41
N LEU A 74 -5.30 -9.73 3.56
CA LEU A 74 -5.87 -9.16 2.35
C LEU A 74 -5.97 -10.22 1.28
N ALA A 75 -4.95 -11.06 1.21
CA ALA A 75 -4.91 -12.15 0.25
C ALA A 75 -5.92 -13.23 0.62
N GLU A 76 -6.14 -13.38 1.94
CA GLU A 76 -7.06 -14.38 2.50
C GLU A 76 -6.49 -15.79 2.34
N HIS A 77 -6.11 -16.12 1.13
CA HIS A 77 -5.40 -17.37 0.85
C HIS A 77 -3.91 -17.16 1.02
N GLY A 78 -3.41 -17.47 2.21
CA GLY A 78 -1.98 -17.34 2.47
C GLY A 78 -1.18 -18.46 1.85
N LYS A 79 -1.22 -18.52 0.51
CA LYS A 79 -0.53 -19.56 -0.23
C LYS A 79 -0.42 -19.15 -1.69
N ASP A 80 -1.57 -18.85 -2.28
CA ASP A 80 -1.66 -18.50 -3.70
C ASP A 80 -1.00 -17.14 -3.95
N ALA A 81 -1.70 -16.08 -3.54
CA ALA A 81 -1.20 -14.71 -3.64
C ALA A 81 -0.91 -14.29 -5.08
N LEU A 82 -1.48 -15.00 -6.05
CA LEU A 82 -1.23 -14.72 -7.45
C LEU A 82 -2.20 -13.65 -7.97
N LYS A 83 -3.48 -13.83 -7.63
CA LYS A 83 -4.53 -12.92 -8.11
C LYS A 83 -4.64 -11.70 -7.20
N VAL A 84 -3.72 -11.59 -6.24
CA VAL A 84 -3.73 -10.48 -5.30
C VAL A 84 -3.28 -9.20 -6.00
N THR A 85 -4.21 -8.27 -6.17
CA THR A 85 -3.99 -7.02 -6.89
C THR A 85 -2.70 -6.30 -6.46
N ALA A 86 -2.55 -6.10 -5.16
CA ALA A 86 -1.42 -5.35 -4.62
C ALA A 86 -0.10 -6.08 -4.84
N LEU A 87 -0.16 -7.40 -4.87
CA LEU A 87 1.05 -8.22 -4.90
C LEU A 87 1.49 -8.44 -6.34
N LYS A 88 0.54 -8.80 -7.18
CA LYS A 88 0.82 -9.05 -8.57
C LYS A 88 1.35 -7.80 -9.25
N LYS A 89 0.79 -6.65 -8.87
CA LYS A 89 1.22 -5.38 -9.43
C LYS A 89 2.61 -5.01 -8.95
N TYR A 90 2.85 -5.20 -7.65
CA TYR A 90 4.14 -4.89 -7.07
C TYR A 90 5.24 -5.72 -7.73
N ARG A 91 4.98 -7.02 -7.88
CA ARG A 91 5.93 -7.92 -8.50
C ARG A 91 6.11 -7.61 -10.00
N GLN A 92 5.00 -7.42 -10.70
CA GLN A 92 5.05 -7.14 -12.13
C GLN A 92 5.81 -5.85 -12.41
N LEU A 93 5.55 -4.84 -11.58
CA LEU A 93 6.22 -3.56 -11.72
C LEU A 93 7.72 -3.69 -11.47
N LEU A 94 8.07 -4.41 -10.40
CA LEU A 94 9.48 -4.58 -10.03
C LEU A 94 10.20 -5.54 -10.96
N GLU A 95 9.44 -6.31 -11.73
CA GLU A 95 10.03 -7.27 -12.66
C GLU A 95 10.60 -6.54 -13.87
N HIS A 96 10.24 -5.27 -14.01
CA HIS A 96 10.78 -4.40 -15.06
C HIS A 96 10.28 -4.81 -16.45
N HIS A 97 9.46 -5.85 -16.51
CA HIS A 97 8.86 -6.28 -17.76
C HIS A 97 7.64 -5.43 -18.03
N HIS A 98 7.89 -4.24 -18.56
CA HIS A 98 6.88 -3.19 -18.61
C HIS A 98 6.33 -3.01 -20.01
N HIS A 99 7.23 -2.95 -21.00
CA HIS A 99 6.88 -2.67 -22.40
C HIS A 99 6.31 -1.27 -22.57
N HIS A 100 7.11 -0.39 -23.14
CA HIS A 100 6.65 0.97 -23.45
C HIS A 100 6.19 1.06 -24.90
N HIS A 101 6.51 0.03 -25.66
CA HIS A 101 6.12 -0.07 -27.06
C HIS A 101 6.13 -1.54 -27.48
N MET A 1 -14.59 29.11 -0.96
CA MET A 1 -13.90 28.39 -2.05
C MET A 1 -14.26 26.91 -2.06
N MET A 2 -14.91 26.46 -0.99
CA MET A 2 -15.33 25.05 -0.83
C MET A 2 -14.15 24.12 -0.57
N PHE A 3 -13.22 24.08 -1.50
CA PHE A 3 -12.05 23.22 -1.37
C PHE A 3 -10.77 24.02 -1.58
N LEU A 4 -9.76 23.74 -0.77
CA LEU A 4 -8.48 24.42 -0.87
C LEU A 4 -7.34 23.44 -0.67
N ARG A 5 -7.37 22.72 0.46
CA ARG A 5 -6.30 21.79 0.80
C ARG A 5 -6.43 20.51 -0.01
N LYS A 6 -5.93 20.57 -1.24
CA LYS A 6 -5.95 19.45 -2.17
C LYS A 6 -5.10 19.83 -3.37
N VAL A 7 -5.12 21.11 -3.69
CA VAL A 7 -4.20 21.69 -4.65
C VAL A 7 -2.87 21.95 -3.95
N GLU A 8 -1.81 22.21 -4.72
CA GLU A 8 -0.45 22.38 -4.19
C GLU A 8 0.19 21.03 -3.90
N GLY A 9 -0.64 20.06 -3.50
CA GLY A 9 -0.15 18.73 -3.25
C GLY A 9 -1.17 17.67 -3.61
N PRO A 10 -1.52 17.52 -4.90
CA PRO A 10 -2.45 16.48 -5.37
C PRO A 10 -1.85 15.08 -5.34
N ARG A 11 -1.07 14.81 -4.29
CA ARG A 11 -0.40 13.52 -4.15
C ARG A 11 -1.31 12.54 -3.41
N SER A 12 -2.49 13.01 -3.03
CA SER A 12 -3.49 12.16 -2.42
C SER A 12 -4.03 11.18 -3.46
N VAL A 13 -3.65 9.92 -3.32
CA VAL A 13 -3.92 8.91 -4.33
C VAL A 13 -5.35 8.40 -4.24
N THR A 14 -5.98 8.26 -5.40
CA THR A 14 -7.28 7.66 -5.48
C THR A 14 -7.14 6.19 -5.84
N LEU A 15 -7.34 5.34 -4.85
CA LEU A 15 -7.30 3.90 -5.06
C LEU A 15 -8.40 3.50 -6.04
N PRO A 16 -8.08 2.66 -7.03
CA PRO A 16 -9.04 2.18 -8.02
C PRO A 16 -10.21 1.42 -7.37
N ASP A 17 -10.05 1.14 -6.09
CA ASP A 17 -11.07 0.48 -5.30
C ASP A 17 -12.13 1.48 -4.85
N GLY A 18 -11.74 2.75 -4.82
CA GLY A 18 -12.64 3.80 -4.38
C GLY A 18 -12.29 4.31 -2.99
N SER A 19 -11.06 4.74 -2.80
CA SER A 19 -10.62 5.25 -1.51
C SER A 19 -9.50 6.25 -1.71
N ILE A 20 -9.42 7.21 -0.80
CA ILE A 20 -8.45 8.26 -0.89
C ILE A 20 -7.41 8.11 0.19
N MET A 21 -6.15 7.95 -0.21
CA MET A 21 -5.07 7.80 0.75
C MET A 21 -4.05 8.90 0.59
N THR A 22 -3.54 9.38 1.71
CA THR A 22 -2.56 10.44 1.72
C THR A 22 -1.88 10.50 3.08
N ARG A 23 -0.98 11.45 3.25
CA ARG A 23 -0.15 11.54 4.46
C ARG A 23 -1.00 11.85 5.70
N ALA A 24 -2.21 12.33 5.48
CA ALA A 24 -3.12 12.67 6.58
C ALA A 24 -3.94 11.45 7.00
N ASP A 25 -3.95 10.43 6.17
CA ASP A 25 -4.73 9.22 6.43
C ASP A 25 -3.82 8.07 6.86
N LEU A 26 -2.55 8.19 6.51
CA LEU A 26 -1.55 7.21 6.88
C LEU A 26 -1.17 7.34 8.35
N PRO A 27 -1.23 6.24 9.11
CA PRO A 27 -0.69 6.17 10.47
C PRO A 27 0.77 6.66 10.51
N PRO A 28 1.04 7.76 11.25
CA PRO A 28 2.36 8.42 11.28
C PRO A 28 3.51 7.47 11.58
N ALA A 29 3.26 6.56 12.51
CA ALA A 29 4.25 5.59 12.96
C ALA A 29 3.58 4.62 13.91
N ASN A 30 2.66 5.15 14.70
CA ASN A 30 1.86 4.34 15.59
C ASN A 30 0.55 5.05 15.85
N THR A 31 -0.46 4.70 15.06
CA THR A 31 -1.77 5.32 15.16
C THR A 31 -2.46 4.90 16.45
N ARG A 32 -3.60 5.51 16.75
CA ARG A 32 -4.35 5.18 17.94
C ARG A 32 -5.33 4.07 17.65
N ARG A 33 -5.01 2.89 18.19
CA ARG A 33 -5.77 1.66 17.94
C ARG A 33 -5.58 1.19 16.50
N TRP A 34 -4.62 0.30 16.33
CA TRP A 34 -4.35 -0.32 15.04
C TRP A 34 -5.43 -1.33 14.68
N VAL A 35 -6.56 -0.83 14.20
CA VAL A 35 -7.62 -1.70 13.75
C VAL A 35 -7.25 -2.33 12.40
N ALA A 36 -7.90 -3.43 12.06
CA ALA A 36 -7.55 -4.20 10.86
C ALA A 36 -7.61 -3.33 9.61
N SER A 37 -8.67 -2.55 9.49
CA SER A 37 -8.87 -1.70 8.33
C SER A 37 -7.80 -0.61 8.23
N ARG A 38 -7.32 -0.16 9.39
CA ARG A 38 -6.30 0.89 9.42
C ARG A 38 -4.95 0.33 9.00
N LYS A 39 -4.73 -0.94 9.34
CA LYS A 39 -3.52 -1.64 8.89
C LYS A 39 -3.57 -1.82 7.37
N ILE A 40 -4.72 -2.25 6.89
CA ILE A 40 -4.97 -2.40 5.46
C ILE A 40 -4.79 -1.06 4.74
N ALA A 41 -5.20 0.02 5.41
CA ALA A 41 -5.05 1.36 4.86
C ALA A 41 -3.58 1.71 4.66
N VAL A 42 -2.72 1.25 5.58
CA VAL A 42 -1.30 1.56 5.49
C VAL A 42 -0.69 0.92 4.25
N VAL A 43 -0.88 -0.38 4.09
CA VAL A 43 -0.30 -1.10 2.95
C VAL A 43 -0.76 -0.51 1.61
N ARG A 44 -2.05 -0.22 1.50
CA ARG A 44 -2.58 0.41 0.29
C ARG A 44 -1.97 1.79 0.08
N GLY A 45 -1.86 2.55 1.17
CA GLY A 45 -1.33 3.89 1.09
C GLY A 45 0.15 3.95 0.79
N VAL A 46 0.92 3.02 1.34
CA VAL A 46 2.35 3.01 1.08
C VAL A 46 2.67 2.40 -0.28
N ILE A 47 2.24 1.15 -0.49
CA ILE A 47 2.61 0.38 -1.67
C ILE A 47 2.16 1.05 -2.97
N TYR A 48 0.89 1.42 -3.05
CA TYR A 48 0.35 1.97 -4.26
C TYR A 48 0.42 3.49 -4.25
N GLY A 49 0.58 4.03 -3.06
CA GLY A 49 0.50 5.47 -2.89
C GLY A 49 1.84 6.17 -2.98
N LEU A 50 2.65 6.05 -1.94
CA LEU A 50 3.81 6.93 -1.79
C LEU A 50 5.13 6.24 -2.09
N ILE A 51 5.59 5.42 -1.16
CA ILE A 51 6.96 4.90 -1.20
C ILE A 51 6.99 3.39 -1.42
N THR A 52 8.17 2.88 -1.72
CA THR A 52 8.34 1.44 -1.87
C THR A 52 8.39 0.77 -0.51
N LEU A 53 8.34 -0.55 -0.49
CA LEU A 53 8.37 -1.31 0.76
C LEU A 53 9.67 -1.07 1.52
N ALA A 54 10.73 -0.68 0.82
CA ALA A 54 12.01 -0.41 1.46
C ALA A 54 11.88 0.72 2.49
N GLU A 55 11.41 1.87 2.01
CA GLU A 55 11.23 3.03 2.86
C GLU A 55 10.21 2.72 3.96
N ALA A 56 9.16 2.00 3.57
CA ALA A 56 8.08 1.66 4.49
C ALA A 56 8.49 0.57 5.48
N LYS A 57 9.63 -0.08 5.25
CA LYS A 57 10.09 -1.13 6.15
C LYS A 57 11.04 -0.56 7.19
N GLN A 58 11.97 0.27 6.78
CA GLN A 58 12.90 0.89 7.71
C GLN A 58 12.20 1.92 8.58
N THR A 59 11.14 2.51 8.06
CA THR A 59 10.38 3.50 8.81
C THR A 59 9.11 2.91 9.42
N TYR A 60 8.25 2.31 8.60
CA TYR A 60 6.96 1.81 9.08
C TYR A 60 6.96 0.28 9.20
N GLY A 61 8.15 -0.32 9.18
CA GLY A 61 8.24 -1.77 9.09
C GLY A 61 7.59 -2.52 10.25
N LEU A 62 7.47 -1.85 11.39
CA LEU A 62 6.91 -2.44 12.61
C LEU A 62 7.65 -3.73 12.97
N SER A 63 7.13 -4.84 12.46
CA SER A 63 7.79 -6.13 12.54
C SER A 63 7.41 -6.92 11.29
N ASP A 64 8.32 -7.74 10.79
CA ASP A 64 8.09 -8.47 9.54
C ASP A 64 6.81 -9.29 9.61
N GLU A 65 6.56 -9.95 10.74
CA GLU A 65 5.35 -10.75 10.92
C GLU A 65 4.10 -9.86 10.86
N GLU A 66 4.20 -8.68 11.46
CA GLU A 66 3.10 -7.71 11.47
C GLU A 66 2.73 -7.30 10.05
N PHE A 67 3.71 -6.77 9.32
CA PHE A 67 3.47 -6.25 7.99
C PHE A 67 3.00 -7.36 7.04
N ASN A 68 3.61 -8.54 7.18
CA ASN A 68 3.22 -9.70 6.37
C ASN A 68 1.76 -10.07 6.61
N SER A 69 1.31 -9.88 7.84
CA SER A 69 -0.06 -10.22 8.21
C SER A 69 -1.05 -9.37 7.42
N TRP A 70 -0.67 -8.13 7.15
CA TRP A 70 -1.54 -7.22 6.40
C TRP A 70 -1.72 -7.73 4.98
N VAL A 71 -0.59 -8.01 4.34
CA VAL A 71 -0.58 -8.49 2.96
C VAL A 71 -1.24 -9.87 2.87
N SER A 72 -1.02 -10.68 3.91
CA SER A 72 -1.59 -12.02 3.96
C SER A 72 -3.11 -11.97 4.09
N ALA A 73 -3.62 -10.92 4.73
CA ALA A 73 -5.06 -10.72 4.83
C ALA A 73 -5.62 -10.20 3.51
N LEU A 74 -4.82 -9.38 2.85
CA LEU A 74 -5.19 -8.81 1.55
C LEU A 74 -4.94 -9.81 0.43
N ALA A 75 -4.39 -10.95 0.81
CA ALA A 75 -4.19 -12.04 -0.12
C ALA A 75 -5.49 -12.77 -0.39
N GLU A 76 -6.39 -12.70 0.59
CA GLU A 76 -7.64 -13.46 0.59
C GLU A 76 -7.35 -14.95 0.74
N HIS A 77 -6.61 -15.48 -0.21
CA HIS A 77 -6.09 -16.83 -0.11
C HIS A 77 -4.60 -16.78 0.19
N GLY A 78 -4.27 -16.73 1.47
CA GLY A 78 -2.89 -16.51 1.88
C GLY A 78 -2.17 -17.78 2.23
N LYS A 79 -2.34 -18.81 1.42
CA LYS A 79 -1.63 -20.06 1.61
C LYS A 79 -0.73 -20.36 0.43
N ASP A 80 -1.21 -20.03 -0.76
CA ASP A 80 -0.44 -20.26 -1.98
C ASP A 80 0.51 -19.10 -2.25
N ALA A 81 0.08 -17.90 -1.85
CA ALA A 81 0.88 -16.67 -1.97
C ALA A 81 0.96 -16.17 -3.42
N LEU A 82 0.67 -17.04 -4.37
CA LEU A 82 0.69 -16.66 -5.78
C LEU A 82 -0.63 -16.00 -6.18
N LYS A 83 -1.51 -15.80 -5.20
CA LYS A 83 -2.83 -15.23 -5.47
C LYS A 83 -3.07 -14.01 -4.59
N VAL A 84 -2.03 -13.55 -3.91
CA VAL A 84 -2.14 -12.38 -3.05
C VAL A 84 -2.52 -11.16 -3.87
N THR A 85 -3.72 -10.66 -3.65
CA THR A 85 -4.27 -9.58 -4.46
C THR A 85 -3.36 -8.35 -4.45
N ALA A 86 -2.98 -7.89 -3.26
CA ALA A 86 -2.14 -6.69 -3.13
C ALA A 86 -0.75 -6.91 -3.71
N LEU A 87 -0.28 -8.15 -3.70
CA LEU A 87 1.09 -8.45 -4.08
C LEU A 87 1.16 -8.72 -5.58
N LYS A 88 0.17 -9.44 -6.08
CA LYS A 88 0.08 -9.72 -7.51
C LYS A 88 -0.05 -8.43 -8.30
N LYS A 89 -0.72 -7.45 -7.72
CA LYS A 89 -0.85 -6.14 -8.36
C LYS A 89 0.50 -5.41 -8.33
N TYR A 90 1.12 -5.39 -7.15
CA TYR A 90 2.40 -4.73 -6.99
C TYR A 90 3.46 -5.35 -7.90
N ARG A 91 3.57 -6.67 -7.84
CA ARG A 91 4.55 -7.41 -8.64
C ARG A 91 4.37 -7.14 -10.13
N GLN A 92 3.13 -7.26 -10.60
CA GLN A 92 2.83 -7.07 -12.01
C GLN A 92 3.11 -5.62 -12.44
N LEU A 93 2.84 -4.69 -11.54
CA LEU A 93 3.04 -3.27 -11.82
C LEU A 93 4.52 -2.87 -11.69
N LEU A 94 5.32 -3.78 -11.12
CA LEU A 94 6.76 -3.54 -10.96
C LEU A 94 7.52 -3.88 -12.23
N GLU A 95 6.82 -4.39 -13.23
CA GLU A 95 7.44 -4.75 -14.50
C GLU A 95 8.02 -3.52 -15.17
N HIS A 96 9.34 -3.40 -15.07
CA HIS A 96 10.11 -2.33 -15.69
C HIS A 96 11.59 -2.60 -15.44
N HIS A 97 12.38 -1.55 -15.25
CA HIS A 97 13.79 -1.72 -14.87
C HIS A 97 13.91 -2.63 -13.66
N HIS A 98 15.03 -3.33 -13.58
CA HIS A 98 15.22 -4.37 -12.58
C HIS A 98 15.19 -3.80 -11.17
N HIS A 99 14.34 -4.39 -10.34
CA HIS A 99 14.09 -3.90 -8.99
C HIS A 99 14.77 -4.75 -7.94
N HIS A 100 15.63 -5.66 -8.40
CA HIS A 100 16.39 -6.57 -7.55
C HIS A 100 17.26 -7.44 -8.43
N HIS A 101 16.61 -8.09 -9.39
CA HIS A 101 17.28 -8.82 -10.45
C HIS A 101 16.27 -9.16 -11.54
#